data_2IUS
#
_entry.id   2IUS
#
_cell.length_a   97.600
_cell.length_b   117.200
_cell.length_c   132.800
_cell.angle_alpha   90.00
_cell.angle_beta   100.50
_cell.angle_gamma   90.00
#
_symmetry.space_group_name_H-M   'P 1 21 1'
#
loop_
_entity.id
_entity.type
_entity.pdbx_description
1 polymer 'DNA TRANSLOCASE FTSK'
2 water water
#
_entity_poly.entity_id   1
_entity_poly.type   'polypeptide(L)'
_entity_poly.pdbx_seq_one_letter_code
;TLLHPLLMRNGDSRPLHKPTTPLPSLDLLTPPPSEVEPVDTFALEQMARLVEARLADFRIKADVVNYSPGPVITRFELNL
APGVKAARISNLSRDLARSLSTVAVRVVEVIPGKPYVGLELPNKKRQTVYLREVLDNAKFRDNPSPLTVVLGKDIAGEPV
VADLAKMPHLLVAGTTGSGASVGVNAMILSMLYKAQPEDVRFIMIDPKMLELSVYEGIPHLLTEVVTDMKDAANALRWCV
NEMERRYKLMSALGVRNLAGYNEKIAEADRMMRPIPDPYWKPGDSMDAQHPVLKKEPYIVVLVDEFADLMMTVGKKVEEL
IARLAQKARAAGIHLVLATQRPSVDVITGLIKANIPTRIAFTVSSKIDSRTILDQAGAESLLGMGDMLYSGPNSTLPVRV
HGAFVRDQEVHAVVQDWKARGRPQYVDGITSDSESEGGAGGFDGAEELDPLFDQAVQFVTEKRKASISGVQRQFRIGYNR
AARIIEQMEAQGIVSEQGHNGNREVLAPPPFD
;
_entity_poly.pdbx_strand_id   A,B,C,D,E,F
#
# COMPACT_ATOMS: atom_id res chain seq x y z
N LEU A 23 35.08 -3.81 72.27
CA LEU A 23 35.29 -4.99 73.15
C LEU A 23 34.07 -5.61 73.84
N PRO A 24 33.10 -4.80 74.30
CA PRO A 24 31.95 -5.47 74.93
C PRO A 24 31.18 -6.28 73.90
N SER A 25 30.47 -7.31 74.36
CA SER A 25 29.72 -8.19 73.48
C SER A 25 28.37 -7.63 73.03
N LEU A 26 27.93 -8.05 71.85
CA LEU A 26 26.64 -7.61 71.29
C LEU A 26 25.48 -8.34 71.95
N ASP A 27 25.79 -9.33 72.77
CA ASP A 27 24.76 -10.12 73.43
C ASP A 27 24.25 -9.39 74.65
N LEU A 28 24.78 -8.21 74.88
CA LEU A 28 24.35 -7.37 75.99
C LEU A 28 23.16 -6.56 75.46
N LEU A 29 22.85 -6.74 74.19
CA LEU A 29 21.77 -6.01 73.53
C LEU A 29 20.75 -6.92 72.86
N THR A 30 19.47 -6.60 73.03
CA THR A 30 18.43 -7.42 72.43
C THR A 30 18.57 -7.53 70.91
N PRO A 31 18.27 -8.71 70.36
CA PRO A 31 18.34 -9.03 68.92
C PRO A 31 17.07 -8.65 68.20
N PRO A 32 17.17 -8.30 66.92
CA PRO A 32 15.96 -7.91 66.17
C PRO A 32 14.96 -9.06 66.01
N THR A 41 0.39 -4.95 50.21
CA THR A 41 0.43 -4.07 49.06
C THR A 41 -0.94 -3.47 48.79
N PHE A 42 -1.98 -4.15 49.28
CA PHE A 42 -3.35 -3.68 49.08
C PHE A 42 -3.64 -2.45 49.91
N ALA A 43 -3.29 -2.50 51.19
CA ALA A 43 -3.53 -1.39 52.10
C ALA A 43 -2.90 -0.11 51.54
N LEU A 44 -1.82 -0.27 50.77
CA LEU A 44 -1.14 0.87 50.20
C LEU A 44 -1.94 1.57 49.11
N GLU A 45 -2.12 0.90 47.97
CA GLU A 45 -2.85 1.50 46.86
C GLU A 45 -4.20 2.07 47.30
N GLN A 46 -4.78 1.50 48.35
CA GLN A 46 -6.05 2.00 48.85
C GLN A 46 -5.80 3.37 49.46
N MET A 47 -4.73 3.46 50.24
CA MET A 47 -4.34 4.71 50.88
C MET A 47 -3.87 5.70 49.81
N ALA A 48 -3.24 5.18 48.78
CA ALA A 48 -2.77 6.02 47.68
C ALA A 48 -3.97 6.63 46.97
N ARG A 49 -5.03 5.85 46.89
CA ARG A 49 -6.26 6.28 46.24
C ARG A 49 -7.00 7.30 47.09
N LEU A 50 -6.92 7.17 48.41
CA LEU A 50 -7.59 8.11 49.31
C LEU A 50 -6.83 9.43 49.38
N VAL A 51 -5.51 9.35 49.29
CA VAL A 51 -4.65 10.54 49.33
C VAL A 51 -4.94 11.37 48.09
N GLU A 52 -5.01 10.69 46.95
CA GLU A 52 -5.28 11.34 45.68
C GLU A 52 -6.67 11.93 45.74
N ALA A 53 -7.54 11.31 46.54
CA ALA A 53 -8.91 11.77 46.71
C ALA A 53 -9.02 12.98 47.63
N ARG A 54 -8.24 12.98 48.71
CA ARG A 54 -8.27 14.10 49.64
C ARG A 54 -7.53 15.29 49.03
N LEU A 55 -6.54 15.00 48.19
CA LEU A 55 -5.78 16.05 47.54
C LEU A 55 -6.65 16.72 46.48
N ALA A 56 -7.31 15.89 45.66
CA ALA A 56 -8.19 16.41 44.63
C ALA A 56 -9.39 17.07 45.30
N ASP A 57 -9.54 16.83 46.60
CA ASP A 57 -10.63 17.40 47.38
C ASP A 57 -10.46 18.93 47.47
N PHE A 58 -9.30 19.41 47.06
CA PHE A 58 -9.00 20.84 47.06
C PHE A 58 -8.71 21.17 45.60
N ARG A 59 -8.16 22.35 45.35
CA ARG A 59 -7.82 22.74 43.99
C ARG A 59 -6.43 22.16 43.69
N ILE A 60 -6.18 20.98 44.25
CA ILE A 60 -4.91 20.29 44.06
C ILE A 60 -5.11 18.98 43.30
N LYS A 61 -4.70 18.94 42.04
CA LYS A 61 -4.82 17.71 41.27
C LYS A 61 -3.44 17.09 41.23
N ALA A 62 -3.35 15.84 41.67
CA ALA A 62 -2.08 15.14 41.68
C ALA A 62 -2.30 13.64 41.61
N ASP A 63 -1.33 12.95 41.04
CA ASP A 63 -1.43 11.51 40.92
C ASP A 63 -0.38 10.86 41.82
N VAL A 64 -0.73 9.73 42.40
CA VAL A 64 0.21 9.00 43.24
C VAL A 64 0.84 7.99 42.29
N VAL A 65 1.85 8.46 41.57
CA VAL A 65 2.53 7.65 40.58
C VAL A 65 3.26 6.45 41.17
N ASN A 66 3.56 6.49 42.46
CA ASN A 66 4.27 5.37 43.08
C ASN A 66 4.33 5.52 44.59
N TYR A 67 4.94 4.52 45.24
CA TYR A 67 5.11 4.52 46.68
C TYR A 67 6.10 3.44 47.10
N SER A 68 6.85 3.71 48.16
CA SER A 68 7.82 2.75 48.66
C SER A 68 7.66 2.64 50.18
N PRO A 69 7.36 1.42 50.67
CA PRO A 69 7.17 1.17 52.10
C PRO A 69 8.44 0.86 52.86
N GLY A 70 8.54 1.41 54.06
CA GLY A 70 9.70 1.17 54.89
C GLY A 70 9.26 0.69 56.27
N PRO A 71 10.17 0.59 57.23
CA PRO A 71 9.89 0.15 58.60
C PRO A 71 8.86 0.98 59.37
N VAL A 72 8.87 2.28 59.17
CA VAL A 72 7.97 3.17 59.89
C VAL A 72 6.99 3.93 59.01
N ILE A 73 7.44 4.38 57.85
CA ILE A 73 6.52 5.09 56.98
C ILE A 73 6.52 4.52 55.58
N THR A 74 5.65 5.09 54.76
CA THR A 74 5.50 4.71 53.36
C THR A 74 5.50 6.02 52.60
N ARG A 75 6.44 6.17 51.66
CA ARG A 75 6.52 7.40 50.89
C ARG A 75 5.75 7.35 49.57
N PHE A 76 4.70 8.16 49.47
CA PHE A 76 3.88 8.22 48.26
C PHE A 76 4.45 9.31 47.36
N GLU A 77 4.69 8.98 46.10
CA GLU A 77 5.25 9.95 45.17
C GLU A 77 4.13 10.58 44.35
N LEU A 78 3.91 11.87 44.58
CA LEU A 78 2.86 12.60 43.89
C LEU A 78 3.38 13.34 42.69
N ASN A 79 2.59 13.33 41.62
CA ASN A 79 2.95 14.05 40.41
C ASN A 79 2.00 15.23 40.35
N LEU A 80 2.48 16.40 40.75
CA LEU A 80 1.64 17.59 40.75
C LEU A 80 1.42 18.10 39.34
N ALA A 81 0.23 18.63 39.09
CA ALA A 81 -0.12 19.15 37.78
C ALA A 81 0.74 20.37 37.50
N PRO A 82 0.87 20.74 36.22
CA PRO A 82 1.67 21.92 35.81
C PRO A 82 1.38 23.17 36.64
N GLY A 83 2.42 23.71 37.26
CA GLY A 83 2.26 24.92 38.05
C GLY A 83 2.03 24.71 39.53
N VAL A 84 1.35 23.62 39.90
CA VAL A 84 1.08 23.34 41.30
C VAL A 84 2.36 23.22 42.12
N LYS A 85 2.69 24.28 42.84
CA LYS A 85 3.89 24.34 43.67
C LYS A 85 3.84 23.27 44.74
N ALA A 86 5.00 22.73 45.10
CA ALA A 86 5.08 21.70 46.12
C ALA A 86 4.90 22.31 47.51
N ALA A 87 4.93 23.64 47.57
CA ALA A 87 4.76 24.37 48.82
C ALA A 87 3.28 24.50 49.15
N ARG A 88 2.44 24.17 48.18
CA ARG A 88 0.99 24.26 48.35
C ARG A 88 0.51 23.18 49.31
N ILE A 89 1.10 22.00 49.24
CA ILE A 89 0.74 20.89 50.10
C ILE A 89 1.33 21.06 51.49
N SER A 90 2.58 21.49 51.53
CA SER A 90 3.30 21.69 52.80
C SER A 90 2.56 22.59 53.78
N ASN A 91 1.96 23.65 53.27
CA ASN A 91 1.21 24.59 54.11
C ASN A 91 -0.19 24.05 54.40
N LEU A 92 -0.37 22.75 54.17
CA LEU A 92 -1.66 22.10 54.36
C LEU A 92 -1.50 20.69 54.95
N SER A 93 -0.33 20.42 55.54
CA SER A 93 -0.04 19.11 56.11
C SER A 93 -0.97 18.72 57.26
N ARG A 94 -1.26 19.69 58.13
CA ARG A 94 -2.13 19.43 59.28
C ARG A 94 -3.52 18.99 58.84
N ASP A 95 -4.15 19.78 57.97
CA ASP A 95 -5.48 19.45 57.50
C ASP A 95 -5.46 18.09 56.82
N LEU A 96 -4.57 17.97 55.83
CA LEU A 96 -4.43 16.74 55.06
C LEU A 96 -4.28 15.51 55.95
N ALA A 97 -3.36 15.59 56.93
CA ALA A 97 -3.13 14.48 57.85
C ALA A 97 -4.43 14.12 58.56
N ARG A 98 -5.27 15.13 58.73
CA ARG A 98 -6.56 14.98 59.40
C ARG A 98 -7.63 14.45 58.44
N SER A 99 -7.43 14.65 57.14
CA SER A 99 -8.37 14.19 56.12
C SER A 99 -8.38 12.67 56.07
N LEU A 100 -7.37 12.09 56.71
CA LEU A 100 -7.24 10.63 56.81
C LEU A 100 -7.04 10.40 58.30
N SER A 101 -6.83 9.16 58.72
CA SER A 101 -6.64 8.91 60.15
C SER A 101 -5.20 8.62 60.53
N THR A 102 -4.33 9.59 60.31
CA THR A 102 -2.91 9.43 60.64
C THR A 102 -2.45 10.56 61.55
N VAL A 103 -1.61 10.24 62.51
CA VAL A 103 -1.08 11.22 63.44
C VAL A 103 -0.55 12.45 62.72
N ALA A 104 0.24 12.21 61.67
CA ALA A 104 0.82 13.29 60.88
C ALA A 104 1.19 12.86 59.47
N VAL A 105 1.49 13.83 58.63
CA VAL A 105 1.88 13.58 57.24
C VAL A 105 3.04 14.51 56.90
N ARG A 106 4.13 13.98 56.35
CA ARG A 106 5.28 14.82 55.99
C ARG A 106 5.40 15.04 54.49
N VAL A 107 5.42 16.30 54.09
CA VAL A 107 5.52 16.65 52.68
C VAL A 107 6.95 16.94 52.28
N VAL A 108 7.56 16.02 51.55
CA VAL A 108 8.93 16.20 51.10
C VAL A 108 8.86 16.88 49.75
N GLU A 109 9.30 18.13 49.70
CA GLU A 109 9.29 18.91 48.47
C GLU A 109 10.18 18.32 47.37
N VAL A 110 11.32 17.76 47.75
CA VAL A 110 12.21 17.18 46.75
C VAL A 110 12.66 15.75 47.05
N ILE A 111 12.24 14.83 46.19
CA ILE A 111 12.61 13.42 46.31
C ILE A 111 13.88 13.26 45.46
N PRO A 112 15.02 13.04 46.11
CA PRO A 112 16.26 12.88 45.35
C PRO A 112 16.17 11.95 44.15
N GLY A 113 16.42 12.50 42.97
CA GLY A 113 16.41 11.70 41.76
C GLY A 113 15.12 11.66 40.96
N LYS A 114 14.01 12.06 41.57
CA LYS A 114 12.74 12.03 40.87
C LYS A 114 12.11 13.40 40.85
N PRO A 115 11.28 13.67 39.85
CA PRO A 115 10.62 14.97 39.71
C PRO A 115 9.36 15.10 40.54
N TYR A 116 9.00 14.03 41.24
CA TYR A 116 7.77 14.00 42.04
C TYR A 116 7.90 14.58 43.46
N VAL A 117 6.75 14.82 44.09
CA VAL A 117 6.71 15.34 45.46
C VAL A 117 6.42 14.17 46.40
N GLY A 118 7.07 14.17 47.56
CA GLY A 118 6.86 13.07 48.49
C GLY A 118 5.87 13.31 49.62
N LEU A 119 5.07 12.30 49.91
CA LEU A 119 4.09 12.36 51.00
C LEU A 119 4.32 11.15 51.89
N GLU A 120 4.93 11.38 53.05
CA GLU A 120 5.19 10.28 53.97
C GLU A 120 4.04 10.06 54.97
N LEU A 121 3.50 8.84 54.94
CA LEU A 121 2.42 8.46 55.85
C LEU A 121 2.92 7.34 56.74
N PRO A 122 2.43 7.29 57.99
CA PRO A 122 2.83 6.25 58.95
C PRO A 122 2.18 4.91 58.65
N ASN A 123 2.94 3.85 58.85
CA ASN A 123 2.43 2.49 58.63
C ASN A 123 1.58 2.10 59.82
N LYS A 124 0.58 1.27 59.57
CA LYS A 124 -0.33 0.82 60.63
C LYS A 124 0.44 -0.03 61.65
N LYS A 125 1.38 -0.82 61.16
CA LYS A 125 2.21 -1.69 62.00
C LYS A 125 3.67 -1.20 61.94
N ARG A 126 4.10 -0.50 62.98
CA ARG A 126 5.46 0.05 63.06
C ARG A 126 6.50 -0.97 63.52
N GLN A 127 7.71 -0.84 63.01
CA GLN A 127 8.81 -1.75 63.38
C GLN A 127 9.84 -1.04 64.23
N THR A 128 10.37 -1.74 65.22
CA THR A 128 11.39 -1.19 66.09
C THR A 128 12.71 -1.29 65.35
N VAL A 129 13.57 -0.30 65.51
CA VAL A 129 14.87 -0.32 64.89
C VAL A 129 15.81 -0.54 66.05
N TYR A 130 16.41 -1.74 66.11
CA TYR A 130 17.32 -2.09 67.20
C TYR A 130 18.77 -1.68 67.02
N LEU A 131 19.33 -1.08 68.06
CA LEU A 131 20.72 -0.66 68.03
C LEU A 131 21.52 -1.78 67.40
N ARG A 132 21.51 -2.92 68.09
CA ARG A 132 22.23 -4.12 67.68
C ARG A 132 22.18 -4.43 66.19
N GLU A 133 21.03 -4.23 65.55
CA GLU A 133 20.96 -4.54 64.13
C GLU A 133 21.89 -3.65 63.31
N VAL A 134 22.00 -2.38 63.68
CA VAL A 134 22.87 -1.49 62.95
C VAL A 134 24.33 -1.69 63.38
N LEU A 135 24.56 -1.96 64.67
CA LEU A 135 25.91 -2.19 65.14
C LEU A 135 26.55 -3.42 64.49
N ASP A 136 25.72 -4.43 64.22
CA ASP A 136 26.18 -5.68 63.61
C ASP A 136 26.31 -5.60 62.09
N ASN A 137 26.08 -4.42 61.51
CA ASN A 137 26.17 -4.27 60.06
C ASN A 137 27.60 -3.95 59.63
N ALA A 138 27.89 -4.15 58.35
CA ALA A 138 29.22 -3.85 57.83
C ALA A 138 29.50 -2.37 57.98
N LYS A 139 28.51 -1.56 57.57
CA LYS A 139 28.59 -0.10 57.62
C LYS A 139 29.15 0.44 58.93
N PHE A 140 28.89 -0.26 60.02
CA PHE A 140 29.44 0.15 61.30
C PHE A 140 30.72 -0.63 61.57
N ARG A 141 30.70 -1.91 61.20
CA ARG A 141 31.84 -2.80 61.41
C ARG A 141 33.10 -2.35 60.67
N ASP A 142 32.95 -2.09 59.38
CA ASP A 142 34.06 -1.68 58.51
C ASP A 142 34.62 -0.28 58.75
N ASN A 143 33.78 0.67 59.10
CA ASN A 143 34.24 2.04 59.33
C ASN A 143 35.40 2.08 60.33
N PRO A 144 36.53 2.67 59.92
CA PRO A 144 37.72 2.77 60.78
C PRO A 144 37.65 3.83 61.88
N SER A 145 36.76 4.81 61.72
CA SER A 145 36.67 5.87 62.71
C SER A 145 36.10 5.45 64.05
N PRO A 146 36.78 5.82 65.12
CA PRO A 146 36.34 5.48 66.48
C PRO A 146 35.14 6.35 66.93
N LEU A 147 34.78 7.36 66.14
CA LEU A 147 33.66 8.22 66.47
C LEU A 147 32.50 7.93 65.53
N THR A 148 32.48 6.70 65.01
CA THR A 148 31.40 6.24 64.13
C THR A 148 30.19 6.09 65.04
N VAL A 149 29.03 6.54 64.59
CA VAL A 149 27.83 6.41 65.41
C VAL A 149 26.67 5.89 64.60
N VAL A 150 25.83 5.10 65.26
CA VAL A 150 24.64 4.55 64.63
C VAL A 150 23.52 5.57 64.75
N LEU A 151 22.88 5.88 63.63
CA LEU A 151 21.78 6.81 63.67
C LEU A 151 20.49 6.00 63.74
N GLY A 152 20.34 5.05 62.82
CA GLY A 152 19.14 4.22 62.79
C GLY A 152 18.98 3.56 61.44
N LYS A 153 17.83 3.75 60.81
CA LYS A 153 17.55 3.21 59.49
C LYS A 153 16.84 4.27 58.66
N ASP A 154 17.06 4.27 57.35
CA ASP A 154 16.41 5.26 56.51
C ASP A 154 15.00 4.81 56.20
N ILE A 155 14.20 5.71 55.62
CA ILE A 155 12.81 5.41 55.32
C ILE A 155 12.60 4.09 54.57
N ALA A 156 13.63 3.61 53.91
CA ALA A 156 13.51 2.37 53.15
C ALA A 156 14.05 1.14 53.90
N GLY A 157 14.45 1.31 55.15
CA GLY A 157 14.95 0.19 55.92
C GLY A 157 16.44 -0.02 55.93
N GLU A 158 17.18 0.87 55.28
CA GLU A 158 18.64 0.73 55.26
C GLU A 158 19.34 1.38 56.44
N PRO A 159 20.26 0.64 57.08
CA PRO A 159 21.02 1.12 58.25
C PRO A 159 21.79 2.37 57.95
N VAL A 160 21.65 3.37 58.82
CA VAL A 160 22.34 4.63 58.64
C VAL A 160 23.35 4.87 59.77
N VAL A 161 24.61 5.03 59.37
CA VAL A 161 25.69 5.27 60.30
C VAL A 161 26.25 6.65 59.95
N ALA A 162 26.97 7.28 60.88
CA ALA A 162 27.54 8.60 60.62
C ALA A 162 28.81 8.76 61.43
N ASP A 163 29.70 9.61 60.96
CA ASP A 163 30.96 9.82 61.64
C ASP A 163 31.03 11.21 62.32
N LEU A 164 30.98 11.20 63.63
CA LEU A 164 31.03 12.43 64.42
C LEU A 164 32.24 13.28 64.00
N ALA A 165 33.35 12.61 63.66
CA ALA A 165 34.57 13.29 63.24
C ALA A 165 34.37 14.09 61.96
N LYS A 166 33.40 13.70 61.16
CA LYS A 166 33.11 14.39 59.91
C LYS A 166 31.95 15.38 60.03
N MET A 167 31.35 15.48 61.22
CA MET A 167 30.21 16.37 61.37
C MET A 167 30.48 17.87 61.33
N PRO A 168 31.47 18.36 62.10
CA PRO A 168 32.37 17.69 63.04
C PRO A 168 31.88 17.93 64.46
N HIS A 169 30.77 18.66 64.56
CA HIS A 169 30.12 18.98 65.82
C HIS A 169 28.63 18.79 65.57
N LEU A 170 27.87 18.39 66.58
CA LEU A 170 26.47 18.18 66.34
C LEU A 170 25.54 18.75 67.40
N LEU A 171 24.30 18.96 66.97
CA LEU A 171 23.26 19.51 67.82
C LEU A 171 22.06 18.59 67.70
N VAL A 172 21.60 18.05 68.83
CA VAL A 172 20.45 17.17 68.85
C VAL A 172 19.32 17.88 69.56
N ALA A 173 18.14 17.92 68.96
CA ALA A 173 17.00 18.59 69.59
C ALA A 173 15.64 17.93 69.29
N GLY A 174 14.70 18.12 70.20
CA GLY A 174 13.36 17.58 70.03
C GLY A 174 12.52 17.94 71.23
N THR A 175 11.35 17.34 71.40
CA THR A 175 10.53 17.62 72.58
C THR A 175 10.97 16.64 73.66
N THR A 176 10.19 16.47 74.71
CA THR A 176 10.62 15.58 75.79
C THR A 176 10.82 14.09 75.46
N GLY A 177 9.75 13.36 75.22
CA GLY A 177 9.92 11.94 74.93
C GLY A 177 9.96 11.56 73.46
N SER A 178 10.53 12.41 72.63
CA SER A 178 10.59 12.13 71.19
C SER A 178 11.79 11.28 70.73
N GLY A 179 12.78 11.12 71.61
CA GLY A 179 13.92 10.28 71.26
C GLY A 179 15.32 10.86 71.39
N ALA A 180 15.43 12.13 71.76
CA ALA A 180 16.73 12.76 71.89
C ALA A 180 17.65 12.03 72.86
N SER A 181 17.13 11.72 74.05
CA SER A 181 17.96 11.05 75.04
C SER A 181 18.38 9.68 74.52
N VAL A 182 17.41 8.86 74.13
CA VAL A 182 17.70 7.54 73.61
C VAL A 182 18.68 7.68 72.44
N GLY A 183 18.48 8.72 71.63
CA GLY A 183 19.35 8.99 70.50
C GLY A 183 20.80 9.23 70.91
N VAL A 184 20.98 10.02 71.96
CA VAL A 184 22.32 10.30 72.44
C VAL A 184 22.93 9.00 73.02
N ASN A 185 22.14 8.21 73.73
CA ASN A 185 22.67 6.95 74.29
C ASN A 185 23.15 6.02 73.21
N ALA A 186 22.40 6.00 72.10
CA ALA A 186 22.77 5.16 70.98
C ALA A 186 24.14 5.61 70.46
N MET A 187 24.37 6.91 70.45
CA MET A 187 25.65 7.42 69.97
C MET A 187 26.82 7.02 70.85
N ILE A 188 26.70 7.24 72.15
CA ILE A 188 27.78 6.88 73.07
C ILE A 188 28.01 5.37 73.05
N LEU A 189 26.93 4.60 73.09
CA LEU A 189 27.08 3.15 73.08
C LEU A 189 27.78 2.71 71.80
N SER A 190 27.50 3.42 70.70
CA SER A 190 28.10 3.10 69.42
C SER A 190 29.60 3.12 69.66
N MET A 191 30.08 4.22 70.21
CA MET A 191 31.50 4.39 70.46
C MET A 191 32.04 3.40 71.47
N LEU A 192 31.26 3.09 72.48
CA LEU A 192 31.72 2.14 73.49
C LEU A 192 31.84 0.75 72.86
N TYR A 193 31.33 0.60 71.64
CA TYR A 193 31.40 -0.67 70.94
C TYR A 193 32.48 -0.66 69.87
N LYS A 194 33.42 0.26 70.00
CA LYS A 194 34.48 0.34 69.01
C LYS A 194 35.72 1.04 69.55
N ALA A 195 35.57 1.91 70.53
CA ALA A 195 36.74 2.62 71.02
C ALA A 195 37.22 2.24 72.40
N GLN A 196 38.54 2.18 72.53
CA GLN A 196 39.16 1.89 73.80
C GLN A 196 39.38 3.30 74.34
N PRO A 197 39.54 3.44 75.65
CA PRO A 197 39.75 4.80 76.12
C PRO A 197 40.83 5.53 75.29
N GLU A 198 41.92 4.83 74.96
CA GLU A 198 43.02 5.46 74.19
C GLU A 198 42.54 6.07 72.88
N ASP A 199 41.41 5.58 72.36
CA ASP A 199 40.87 6.10 71.12
C ASP A 199 39.93 7.30 71.34
N VAL A 200 39.11 7.23 72.39
CA VAL A 200 38.14 8.28 72.67
C VAL A 200 37.90 8.55 74.14
N ARG A 201 38.00 9.81 74.55
CA ARG A 201 37.76 10.20 75.93
C ARG A 201 36.58 11.16 75.97
N PHE A 202 35.74 11.09 77.01
CA PHE A 202 34.58 11.97 77.10
C PHE A 202 34.59 12.96 78.26
N ILE A 203 33.97 14.10 78.00
CA ILE A 203 33.79 15.14 79.01
C ILE A 203 32.27 15.29 78.98
N MET A 204 31.59 14.77 80.00
CA MET A 204 30.15 14.86 80.02
C MET A 204 29.61 15.92 80.96
N ILE A 205 28.86 16.86 80.38
CA ILE A 205 28.24 17.98 81.12
C ILE A 205 26.76 17.72 81.37
N ASP A 206 26.39 17.44 82.61
CA ASP A 206 24.99 17.21 82.93
C ASP A 206 24.64 18.17 84.06
N PRO A 207 24.57 19.49 83.76
CA PRO A 207 24.26 20.50 84.78
C PRO A 207 23.15 20.12 85.74
N LYS A 208 22.00 19.70 85.21
CA LYS A 208 20.90 19.30 86.08
C LYS A 208 20.45 17.86 85.82
N MET A 209 19.94 17.23 86.87
CA MET A 209 19.46 15.85 86.82
C MET A 209 20.56 14.84 86.53
N LEU A 210 20.18 13.58 86.36
CA LEU A 210 21.17 12.52 86.16
C LEU A 210 21.21 11.75 84.85
N GLU A 211 20.74 12.34 83.76
CA GLU A 211 20.77 11.61 82.49
C GLU A 211 22.12 10.97 82.19
N LEU A 212 23.18 11.79 82.09
CA LEU A 212 24.51 11.27 81.78
C LEU A 212 25.22 10.62 82.97
N SER A 213 24.63 10.71 84.15
CA SER A 213 25.22 10.13 85.35
C SER A 213 25.31 8.61 85.27
N VAL A 214 24.56 8.04 84.34
CA VAL A 214 24.56 6.60 84.18
C VAL A 214 25.89 6.09 83.63
N TYR A 215 26.73 7.01 83.15
CA TYR A 215 28.04 6.65 82.59
C TYR A 215 29.18 6.84 83.58
N GLU A 216 28.87 7.31 84.77
CA GLU A 216 29.89 7.54 85.78
C GLU A 216 30.70 6.26 85.99
N GLY A 217 32.03 6.38 85.97
CA GLY A 217 32.88 5.23 86.17
C GLY A 217 33.49 4.67 84.91
N ILE A 218 32.91 4.99 83.76
CA ILE A 218 33.43 4.52 82.48
C ILE A 218 34.90 4.97 82.35
N PRO A 219 35.81 4.06 81.97
CA PRO A 219 37.22 4.44 81.85
C PRO A 219 37.48 5.54 80.80
N HIS A 220 36.51 5.76 79.92
CA HIS A 220 36.66 6.77 78.88
C HIS A 220 36.55 8.20 79.40
N LEU A 221 35.82 8.38 80.51
CA LEU A 221 35.63 9.71 81.08
C LEU A 221 36.96 10.37 81.43
N LEU A 222 37.13 11.61 80.98
CA LEU A 222 38.33 12.38 81.25
C LEU A 222 38.24 13.01 82.63
N THR A 223 37.02 13.25 83.07
CA THR A 223 36.76 13.82 84.39
C THR A 223 35.40 13.32 84.84
N GLU A 224 35.05 13.52 86.10
CA GLU A 224 33.75 13.07 86.59
C GLU A 224 32.65 13.88 85.89
N VAL A 225 31.49 13.26 85.68
CA VAL A 225 30.40 13.95 85.01
C VAL A 225 30.26 15.35 85.63
N VAL A 226 30.36 16.39 84.80
CA VAL A 226 30.25 17.75 85.33
C VAL A 226 28.82 18.15 85.69
N THR A 227 28.65 18.62 86.93
CA THR A 227 27.33 18.99 87.42
C THR A 227 27.13 20.48 87.72
N ASP A 228 28.19 21.16 88.12
CA ASP A 228 28.08 22.58 88.40
C ASP A 228 28.13 23.33 87.08
N MET A 229 27.23 24.29 86.88
CA MET A 229 27.20 25.02 85.61
C MET A 229 28.46 25.87 85.35
N LYS A 230 29.18 26.21 86.41
CA LYS A 230 30.39 27.00 86.27
C LYS A 230 31.55 26.11 85.85
N ASP A 231 31.54 24.87 86.34
CA ASP A 231 32.58 23.94 85.98
C ASP A 231 32.49 23.71 84.49
N ALA A 232 31.26 23.66 83.98
CA ALA A 232 31.02 23.45 82.57
C ALA A 232 31.84 24.45 81.75
N ALA A 233 31.74 25.72 82.12
CA ALA A 233 32.48 26.75 81.41
C ALA A 233 33.95 26.42 81.51
N ASN A 234 34.40 26.05 82.70
CA ASN A 234 35.81 25.72 82.87
C ASN A 234 36.23 24.54 81.99
N ALA A 235 35.39 23.51 81.94
CA ALA A 235 35.66 22.32 81.16
C ALA A 235 35.88 22.69 79.69
N LEU A 236 35.05 23.59 79.20
CA LEU A 236 35.15 24.05 77.82
C LEU A 236 36.47 24.80 77.65
N ARG A 237 36.77 25.71 78.58
CA ARG A 237 38.00 26.48 78.51
C ARG A 237 39.19 25.53 78.45
N TRP A 238 39.11 24.43 79.19
CA TRP A 238 40.20 23.47 79.19
C TRP A 238 40.35 23.05 77.73
N CYS A 239 39.28 22.54 77.14
CA CYS A 239 39.29 22.12 75.75
C CYS A 239 39.97 23.12 74.82
N VAL A 240 39.65 24.38 74.97
CA VAL A 240 40.23 25.40 74.11
C VAL A 240 41.75 25.44 74.20
N ASN A 241 42.28 25.23 75.41
CA ASN A 241 43.72 25.24 75.60
C ASN A 241 44.30 23.92 75.08
N GLU A 242 43.60 22.82 75.33
CA GLU A 242 44.03 21.49 74.90
C GLU A 242 44.15 21.46 73.38
N MET A 243 43.35 22.30 72.73
CA MET A 243 43.33 22.39 71.28
C MET A 243 44.54 23.16 70.77
N GLU A 244 44.91 24.22 71.48
CA GLU A 244 46.05 25.00 71.05
C GLU A 244 47.31 24.17 71.28
N ARG A 245 47.31 23.41 72.36
CA ARG A 245 48.46 22.57 72.69
C ARG A 245 48.64 21.55 71.58
N ARG A 246 47.55 20.88 71.23
CA ARG A 246 47.61 19.88 70.17
C ARG A 246 47.97 20.49 68.82
N TYR A 247 47.57 21.73 68.60
CA TYR A 247 47.91 22.35 67.33
C TYR A 247 49.40 22.69 67.31
N LYS A 248 49.94 23.04 68.46
CA LYS A 248 51.37 23.36 68.53
C LYS A 248 52.15 22.14 68.07
N LEU A 249 51.84 21.01 68.69
CA LEU A 249 52.49 19.76 68.38
C LEU A 249 52.34 19.38 66.93
N MET A 250 51.12 19.50 66.42
CA MET A 250 50.89 19.14 65.03
C MET A 250 51.80 19.88 64.06
N SER A 251 52.19 21.09 64.43
CA SER A 251 53.08 21.88 63.57
C SER A 251 54.48 21.32 63.64
N ALA A 252 54.96 21.08 64.86
CA ALA A 252 56.30 20.53 65.07
C ALA A 252 56.53 19.29 64.21
N LEU A 253 55.48 18.52 63.97
CA LEU A 253 55.61 17.31 63.17
C LEU A 253 55.12 17.48 61.74
N GLY A 254 54.71 18.69 61.37
CA GLY A 254 54.22 18.89 60.03
C GLY A 254 53.04 17.99 59.75
N VAL A 255 52.03 18.07 60.61
CA VAL A 255 50.83 17.24 60.46
C VAL A 255 49.56 18.10 60.46
N ARG A 256 48.54 17.64 59.73
CA ARG A 256 47.26 18.36 59.60
C ARG A 256 46.14 17.89 60.53
N ASN A 257 46.05 16.57 60.75
CA ASN A 257 45.02 15.97 61.60
C ASN A 257 45.61 15.46 62.89
N LEU A 258 44.73 14.91 63.73
CA LEU A 258 45.14 14.31 64.98
C LEU A 258 45.59 12.94 64.51
N ALA A 259 44.92 12.44 63.48
CA ALA A 259 45.23 11.14 62.91
C ALA A 259 46.66 11.07 62.40
N GLY A 260 47.09 12.13 61.71
CA GLY A 260 48.44 12.15 61.17
C GLY A 260 49.45 12.21 62.29
N TYR A 261 49.08 12.87 63.38
CA TYR A 261 49.94 13.01 64.55
C TYR A 261 50.16 11.64 65.19
N ASN A 262 49.08 10.91 65.41
CA ASN A 262 49.14 9.59 66.02
C ASN A 262 49.95 8.61 65.17
N GLU A 263 49.93 8.79 63.85
CA GLU A 263 50.69 7.91 62.96
C GLU A 263 52.18 8.21 63.10
N LYS A 264 52.51 9.46 63.38
CA LYS A 264 53.89 9.87 63.54
C LYS A 264 54.36 9.20 64.81
N ILE A 265 53.50 9.22 65.82
CA ILE A 265 53.75 8.63 67.13
C ILE A 265 53.82 7.09 67.05
N ALA A 266 52.97 6.49 66.23
CA ALA A 266 52.96 5.05 66.07
C ALA A 266 54.29 4.66 65.43
N GLU A 267 54.70 5.48 64.46
CA GLU A 267 55.94 5.29 63.73
C GLU A 267 57.09 5.29 64.74
N ALA A 268 57.14 6.34 65.54
CA ALA A 268 58.18 6.44 66.54
C ALA A 268 58.17 5.20 67.44
N ASP A 269 56.99 4.65 67.70
CA ASP A 269 56.87 3.47 68.56
C ASP A 269 57.47 2.22 67.91
N ARG A 270 57.09 1.96 66.67
CA ARG A 270 57.59 0.81 65.93
C ARG A 270 59.11 0.84 65.84
N MET A 271 59.68 2.05 65.75
CA MET A 271 61.12 2.21 65.63
C MET A 271 61.77 2.41 67.00
N MET A 272 61.00 2.30 68.07
CA MET A 272 61.54 2.52 69.40
C MET A 272 62.40 3.76 69.40
N ARG A 273 61.93 4.75 68.65
CA ARG A 273 62.58 6.05 68.50
C ARG A 273 61.58 7.06 69.05
N PRO A 274 61.49 7.15 70.38
CA PRO A 274 60.56 8.09 71.03
C PRO A 274 60.80 9.54 70.62
N ILE A 275 59.71 10.26 70.34
CA ILE A 275 59.77 11.67 69.94
C ILE A 275 59.71 12.55 71.19
N PRO A 276 60.81 13.22 71.51
CA PRO A 276 60.72 14.06 72.71
C PRO A 276 59.97 15.36 72.42
N ASP A 277 59.22 15.83 73.42
CA ASP A 277 58.44 17.06 73.32
C ASP A 277 59.34 18.20 72.80
N PRO A 278 59.07 18.69 71.58
CA PRO A 278 59.88 19.77 70.99
C PRO A 278 59.81 21.12 71.69
N TYR A 279 58.78 21.33 72.50
CA TYR A 279 58.61 22.61 73.20
C TYR A 279 59.13 22.65 74.64
N TRP A 280 59.57 21.51 75.15
CA TRP A 280 60.07 21.46 76.52
C TRP A 280 61.47 22.05 76.69
N HIS A 290 62.73 12.20 78.25
CA HIS A 290 62.13 13.26 79.04
C HIS A 290 61.78 14.55 78.30
N PRO A 291 60.51 14.78 77.96
CA PRO A 291 59.34 13.93 78.16
C PRO A 291 59.02 13.57 76.71
N VAL A 292 58.42 12.40 76.51
CA VAL A 292 58.12 11.97 75.15
C VAL A 292 56.67 12.16 74.77
N LEU A 293 56.42 12.41 73.50
CA LEU A 293 55.06 12.59 73.01
C LEU A 293 54.35 11.24 72.99
N LYS A 294 53.05 11.26 73.24
CA LYS A 294 52.27 10.04 73.25
C LYS A 294 51.03 10.21 72.37
N LYS A 295 50.36 9.10 72.09
CA LYS A 295 49.15 9.17 71.26
C LYS A 295 48.09 10.00 71.97
N GLU A 296 47.39 10.82 71.21
CA GLU A 296 46.35 11.67 71.77
C GLU A 296 44.98 11.13 71.36
N PRO A 297 44.06 10.99 72.33
CA PRO A 297 42.73 10.48 71.95
C PRO A 297 41.79 11.57 71.47
N TYR A 298 40.74 11.15 70.77
CA TYR A 298 39.73 12.10 70.32
C TYR A 298 38.96 12.45 71.59
N ILE A 299 38.68 13.73 71.78
CA ILE A 299 37.91 14.11 72.96
C ILE A 299 36.52 14.48 72.50
N VAL A 300 35.52 13.77 73.03
CA VAL A 300 34.12 14.07 72.69
C VAL A 300 33.45 14.76 73.88
N VAL A 301 33.08 16.02 73.69
CA VAL A 301 32.44 16.79 74.73
C VAL A 301 30.94 16.68 74.55
N LEU A 302 30.29 16.09 75.55
CA LEU A 302 28.84 15.87 75.54
C LEU A 302 28.15 16.77 76.55
N VAL A 303 27.18 17.55 76.09
CA VAL A 303 26.43 18.44 76.97
C VAL A 303 24.94 18.10 76.92
N ASP A 304 24.45 17.43 77.97
CA ASP A 304 23.04 17.05 78.04
C ASP A 304 22.12 18.17 78.51
N GLU A 305 21.29 18.65 77.58
CA GLU A 305 20.38 19.75 77.86
C GLU A 305 21.20 20.99 78.10
N PHE A 306 21.89 21.43 77.04
CA PHE A 306 22.72 22.61 77.12
C PHE A 306 21.82 23.84 77.25
N ALA A 307 20.53 23.63 77.47
CA ALA A 307 19.61 24.76 77.65
C ALA A 307 19.93 25.31 79.04
N ASP A 308 20.10 24.43 80.00
CA ASP A 308 20.42 24.88 81.35
C ASP A 308 21.72 25.67 81.30
N LEU A 309 22.64 25.25 80.44
CA LEU A 309 23.91 25.93 80.28
C LEU A 309 23.69 27.35 79.74
N MET A 310 22.73 27.52 78.82
CA MET A 310 22.44 28.82 78.22
C MET A 310 21.62 29.76 79.11
N MET A 311 20.54 29.24 79.69
CA MET A 311 19.67 30.04 80.54
C MET A 311 20.28 30.44 81.89
N THR A 312 21.60 30.43 81.99
CA THR A 312 22.26 30.82 83.23
C THR A 312 23.70 31.28 83.02
N VAL A 313 24.31 30.84 81.93
CA VAL A 313 25.69 31.21 81.64
C VAL A 313 25.84 31.38 80.14
N GLY A 314 24.70 31.58 79.49
CA GLY A 314 24.64 31.73 78.05
C GLY A 314 25.82 32.43 77.37
N LYS A 315 25.87 33.75 77.48
CA LYS A 315 26.93 34.53 76.84
C LYS A 315 28.31 33.94 76.96
N LYS A 316 28.74 33.62 78.17
CA LYS A 316 30.08 33.05 78.34
C LYS A 316 30.23 31.73 77.58
N VAL A 317 29.26 30.84 77.75
CA VAL A 317 29.31 29.57 77.08
C VAL A 317 29.36 29.77 75.58
N GLU A 318 28.34 30.39 74.99
CA GLU A 318 28.35 30.64 73.56
C GLU A 318 29.76 31.06 73.11
N GLU A 319 30.36 31.97 73.87
CA GLU A 319 31.68 32.48 73.57
C GLU A 319 32.67 31.33 73.39
N LEU A 320 32.65 30.40 74.33
CA LEU A 320 33.55 29.24 74.29
C LEU A 320 33.15 28.21 73.23
N ILE A 321 31.86 27.94 73.10
CA ILE A 321 31.41 26.97 72.11
C ILE A 321 31.87 27.42 70.73
N ALA A 322 31.60 28.68 70.40
CA ALA A 322 31.98 29.22 69.10
C ALA A 322 33.46 29.00 68.79
N ARG A 323 34.33 29.36 69.72
CA ARG A 323 35.76 29.19 69.46
C ARG A 323 36.10 27.73 69.22
N LEU A 324 35.57 26.83 70.03
CA LEU A 324 35.84 25.41 69.87
C LEU A 324 35.33 24.87 68.54
N ALA A 325 34.07 25.16 68.24
CA ALA A 325 33.44 24.69 67.01
C ALA A 325 34.13 25.13 65.73
N GLN A 326 34.91 26.20 65.80
CA GLN A 326 35.59 26.71 64.62
C GLN A 326 36.85 25.97 64.19
N LYS A 327 37.69 25.59 65.15
CA LYS A 327 38.95 24.91 64.83
C LYS A 327 39.25 23.63 65.60
N ALA A 328 38.30 23.08 66.34
CA ALA A 328 38.58 21.87 67.10
C ALA A 328 38.71 20.60 66.28
N ARG A 329 38.07 20.57 65.11
CA ARG A 329 38.12 19.37 64.27
C ARG A 329 39.50 18.77 64.08
N ALA A 330 40.38 19.44 63.34
CA ALA A 330 41.72 18.90 63.13
C ALA A 330 42.40 18.46 64.44
N ALA A 331 42.02 19.06 65.56
CA ALA A 331 42.61 18.72 66.85
C ALA A 331 41.95 17.52 67.54
N GLY A 332 40.97 16.91 66.89
CA GLY A 332 40.33 15.77 67.51
C GLY A 332 39.37 16.08 68.65
N ILE A 333 38.84 17.29 68.68
CA ILE A 333 37.89 17.65 69.72
C ILE A 333 36.54 17.92 69.10
N HIS A 334 35.52 17.21 69.55
CA HIS A 334 34.21 17.36 68.97
C HIS A 334 33.07 17.59 69.94
N LEU A 335 32.18 18.50 69.56
CA LEU A 335 31.04 18.86 70.39
C LEU A 335 29.71 18.23 70.03
N VAL A 336 28.98 17.84 71.06
CA VAL A 336 27.64 17.28 70.91
C VAL A 336 26.77 18.04 71.91
N LEU A 337 25.84 18.83 71.39
CA LEU A 337 24.95 19.63 72.24
C LEU A 337 23.53 19.10 72.11
N ALA A 338 23.00 18.59 73.20
CA ALA A 338 21.66 18.05 73.19
C ALA A 338 20.73 18.97 73.97
N THR A 339 19.49 19.10 73.49
CA THR A 339 18.50 19.93 74.18
C THR A 339 17.10 19.46 73.87
N GLN A 340 16.16 19.78 74.75
CA GLN A 340 14.77 19.44 74.52
C GLN A 340 13.92 20.69 74.69
N ARG A 341 14.61 21.82 74.73
CA ARG A 341 14.00 23.12 74.84
C ARG A 341 14.49 23.95 73.67
N PRO A 342 14.10 23.56 72.45
CA PRO A 342 14.49 24.26 71.22
C PRO A 342 13.79 25.62 71.13
N SER A 343 14.50 26.66 71.55
CA SER A 343 13.99 28.02 71.51
C SER A 343 15.09 28.91 70.96
N VAL A 344 14.70 30.03 70.36
CA VAL A 344 15.68 30.96 69.79
C VAL A 344 16.65 31.44 70.85
N ASP A 345 16.31 31.17 72.11
CA ASP A 345 17.15 31.56 73.24
C ASP A 345 18.23 30.52 73.53
N VAL A 346 17.96 29.28 73.12
CA VAL A 346 18.91 28.19 73.33
C VAL A 346 19.70 27.97 72.04
N ILE A 347 18.97 27.65 70.96
CA ILE A 347 19.55 27.43 69.64
C ILE A 347 19.66 28.83 69.04
N THR A 348 20.64 29.59 69.50
CA THR A 348 20.82 30.95 69.02
C THR A 348 21.44 31.00 67.64
N GLY A 349 21.62 32.20 67.12
CA GLY A 349 22.22 32.36 65.80
C GLY A 349 23.65 31.87 65.80
N LEU A 350 24.46 32.37 66.73
CA LEU A 350 25.84 31.95 66.82
C LEU A 350 25.94 30.44 66.98
N ILE A 351 25.13 29.86 67.88
CA ILE A 351 25.19 28.42 68.08
C ILE A 351 24.95 27.71 66.77
N LYS A 352 23.93 28.16 66.04
CA LYS A 352 23.60 27.55 64.76
C LYS A 352 24.71 27.76 63.74
N ALA A 353 25.32 28.93 63.78
CA ALA A 353 26.39 29.26 62.86
C ALA A 353 27.67 28.47 63.10
N ASN A 354 27.84 27.93 64.31
CA ASN A 354 29.05 27.18 64.61
C ASN A 354 28.90 25.66 64.63
N ILE A 355 27.65 25.18 64.67
CA ILE A 355 27.41 23.73 64.68
C ILE A 355 26.72 23.36 63.36
N PRO A 356 27.53 22.93 62.37
CA PRO A 356 27.04 22.55 61.03
C PRO A 356 26.06 21.39 60.96
N THR A 357 26.33 20.32 61.71
CA THR A 357 25.45 19.17 61.69
C THR A 357 24.39 19.27 62.78
N ARG A 358 23.14 19.02 62.40
CA ARG A 358 22.02 19.09 63.34
C ARG A 358 21.06 17.93 63.20
N ILE A 359 20.53 17.46 64.32
CA ILE A 359 19.55 16.41 64.28
C ILE A 359 18.28 16.87 64.99
N ALA A 360 17.14 16.74 64.31
CA ALA A 360 15.87 17.14 64.90
C ALA A 360 14.95 15.96 65.14
N PHE A 361 14.68 15.65 66.40
CA PHE A 361 13.71 14.61 66.68
C PHE A 361 12.37 15.36 66.66
N THR A 362 11.26 14.64 66.74
CA THR A 362 9.95 15.27 66.70
C THR A 362 9.82 16.50 67.56
N VAL A 363 9.35 17.59 66.96
CA VAL A 363 9.12 18.82 67.72
C VAL A 363 7.63 19.14 67.64
N SER A 364 7.18 20.09 68.45
CA SER A 364 5.77 20.44 68.48
C SER A 364 5.29 21.43 67.43
N SER A 365 6.20 22.22 66.85
CA SER A 365 5.78 23.21 65.85
C SER A 365 6.82 23.49 64.76
N LYS A 366 6.35 24.08 63.66
CA LYS A 366 7.22 24.43 62.55
C LYS A 366 8.33 25.38 62.99
N ILE A 367 7.98 26.32 63.85
CA ILE A 367 8.93 27.27 64.38
C ILE A 367 10.12 26.54 64.98
N ASP A 368 9.80 25.62 65.89
CA ASP A 368 10.80 24.84 66.59
C ASP A 368 11.70 24.14 65.62
N SER A 369 11.10 23.54 64.60
CA SER A 369 11.84 22.84 63.56
C SER A 369 12.77 23.80 62.82
N ARG A 370 12.24 24.96 62.46
CA ARG A 370 13.06 25.93 61.74
C ARG A 370 14.21 26.41 62.58
N THR A 371 13.98 26.54 63.88
CA THR A 371 15.04 26.97 64.77
C THR A 371 16.15 25.92 64.70
N ILE A 372 15.74 24.65 64.67
CA ILE A 372 16.69 23.54 64.63
C ILE A 372 17.33 23.33 63.28
N LEU A 373 16.49 23.17 62.25
CA LEU A 373 16.97 22.89 60.90
C LEU A 373 16.89 24.03 59.90
N ASP A 374 16.40 25.19 60.33
CA ASP A 374 16.23 26.32 59.43
C ASP A 374 15.33 25.83 58.30
N GLN A 375 14.37 24.99 58.66
CA GLN A 375 13.45 24.40 57.70
C GLN A 375 12.42 23.54 58.44
N ALA A 376 11.17 23.58 57.97
CA ALA A 376 10.09 22.81 58.59
C ALA A 376 10.29 21.31 58.39
N GLY A 377 9.38 20.52 58.95
CA GLY A 377 9.47 19.08 58.80
C GLY A 377 9.50 18.23 60.06
N ALA A 378 10.30 18.63 61.05
CA ALA A 378 10.43 17.85 62.28
C ALA A 378 9.15 17.84 63.11
N GLU A 379 8.21 18.74 62.79
CA GLU A 379 6.95 18.76 63.51
C GLU A 379 5.99 17.78 62.84
N SER A 380 6.51 17.02 61.87
CA SER A 380 5.73 16.03 61.14
C SER A 380 6.26 14.63 61.35
N LEU A 381 7.17 14.47 62.30
CA LEU A 381 7.72 13.17 62.61
C LEU A 381 6.74 12.40 63.48
N LEU A 382 7.00 11.11 63.67
CA LEU A 382 6.13 10.23 64.45
C LEU A 382 6.67 9.86 65.83
N GLY A 383 7.50 10.74 66.39
CA GLY A 383 8.09 10.47 67.69
C GLY A 383 8.85 9.16 67.77
N MET A 384 9.19 8.77 68.99
CA MET A 384 9.91 7.55 69.26
C MET A 384 11.11 7.28 68.35
N GLY A 385 12.05 8.22 68.30
CA GLY A 385 13.23 8.03 67.49
C GLY A 385 13.21 8.55 66.07
N ASP A 386 12.02 8.82 65.54
CA ASP A 386 11.89 9.33 64.18
C ASP A 386 12.66 10.66 64.14
N MET A 387 13.50 10.86 63.13
CA MET A 387 14.29 12.09 63.08
C MET A 387 14.62 12.62 61.69
N LEU A 388 15.16 13.84 61.65
CA LEU A 388 15.57 14.46 60.41
C LEU A 388 17.01 14.89 60.62
N TYR A 389 17.91 14.27 59.87
CA TYR A 389 19.33 14.58 59.99
C TYR A 389 19.68 15.67 58.96
N SER A 390 20.49 16.65 59.36
CA SER A 390 20.88 17.72 58.44
C SER A 390 22.39 18.05 58.53
N GLY A 391 23.16 17.48 57.61
CA GLY A 391 24.60 17.69 57.61
C GLY A 391 25.12 18.98 56.98
N PRO A 392 26.43 19.25 57.11
CA PRO A 392 27.00 20.48 56.53
C PRO A 392 27.16 20.44 55.02
N ASN A 393 27.27 19.24 54.45
CA ASN A 393 27.48 19.10 53.01
C ASN A 393 26.23 18.79 52.17
N SER A 394 25.13 19.47 52.48
CA SER A 394 23.87 19.31 51.75
C SER A 394 22.75 20.10 52.41
N THR A 395 21.85 20.64 51.58
CA THR A 395 20.71 21.39 52.08
C THR A 395 19.48 20.50 52.25
N LEU A 396 19.58 19.26 51.77
CA LEU A 396 18.45 18.35 51.89
C LEU A 396 18.52 17.50 53.14
N PRO A 397 17.53 17.59 54.03
CA PRO A 397 17.59 16.77 55.24
C PRO A 397 17.25 15.33 54.90
N VAL A 398 17.62 14.41 55.76
CA VAL A 398 17.37 13.00 55.52
C VAL A 398 16.61 12.43 56.71
N ARG A 399 15.52 11.72 56.46
CA ARG A 399 14.75 11.18 57.56
C ARG A 399 15.38 9.88 58.02
N VAL A 400 15.53 9.72 59.32
CA VAL A 400 16.12 8.53 59.87
C VAL A 400 15.33 8.10 61.11
N HIS A 401 15.03 6.82 61.22
CA HIS A 401 14.31 6.31 62.38
C HIS A 401 15.40 5.82 63.32
N GLY A 402 15.64 6.60 64.36
CA GLY A 402 16.67 6.29 65.32
C GLY A 402 16.67 4.91 65.94
N ALA A 403 17.87 4.36 66.14
CA ALA A 403 18.00 3.06 66.76
C ALA A 403 17.47 3.14 68.18
N PHE A 404 16.99 2.02 68.72
CA PHE A 404 16.47 2.02 70.07
C PHE A 404 17.38 1.27 71.04
N VAL A 405 17.60 1.85 72.21
CA VAL A 405 18.43 1.21 73.23
C VAL A 405 17.73 1.32 74.58
N ARG A 406 17.61 0.19 75.27
CA ARG A 406 16.98 0.15 76.58
C ARG A 406 17.85 0.85 77.62
N ASP A 407 17.22 1.49 78.60
CA ASP A 407 18.00 2.14 79.64
C ASP A 407 18.89 1.05 80.28
N GLN A 408 18.34 -0.18 80.35
CA GLN A 408 19.03 -1.32 80.94
C GLN A 408 20.24 -1.80 80.13
N GLU A 409 20.16 -1.69 78.81
CA GLU A 409 21.28 -2.10 77.98
C GLU A 409 22.42 -1.11 78.24
N VAL A 410 22.08 0.16 78.41
CA VAL A 410 23.09 1.15 78.70
C VAL A 410 23.82 0.76 79.95
N HIS A 411 23.07 0.36 80.99
CA HIS A 411 23.68 -0.04 82.25
C HIS A 411 24.54 -1.27 82.03
N ALA A 412 24.01 -2.22 81.27
CA ALA A 412 24.76 -3.43 80.98
C ALA A 412 26.10 -3.06 80.34
N VAL A 413 26.05 -2.24 79.29
CA VAL A 413 27.28 -1.84 78.61
C VAL A 413 28.23 -1.09 79.51
N VAL A 414 27.70 -0.24 80.37
CA VAL A 414 28.55 0.52 81.28
C VAL A 414 29.19 -0.40 82.33
N GLN A 415 28.43 -1.37 82.82
CA GLN A 415 28.99 -2.28 83.82
C GLN A 415 30.13 -3.06 83.20
N ASP A 416 29.90 -3.49 81.96
CA ASP A 416 30.91 -4.24 81.25
C ASP A 416 32.20 -3.44 81.15
N TRP A 417 32.11 -2.15 80.86
CA TRP A 417 33.31 -1.33 80.74
C TRP A 417 34.01 -1.00 82.05
N LYS A 418 33.26 -0.84 83.14
CA LYS A 418 33.86 -0.51 84.42
C LYS A 418 34.64 -1.68 85.00
N ALA A 419 34.29 -2.89 84.58
CA ALA A 419 34.95 -4.11 85.02
C ALA A 419 36.38 -4.18 84.45
N ARG A 420 36.61 -3.46 83.35
CA ARG A 420 37.92 -3.45 82.71
C ARG A 420 38.85 -2.43 83.39
N GLY A 421 38.33 -1.68 84.35
CA GLY A 421 39.14 -0.69 85.03
C GLY A 421 38.47 0.66 85.15
N ARG A 422 39.00 1.51 86.03
CA ARG A 422 38.45 2.83 86.26
C ARG A 422 39.15 3.91 85.45
N PRO A 423 38.50 5.07 85.27
CA PRO A 423 39.05 6.19 84.51
C PRO A 423 40.23 6.91 85.15
N GLN A 424 41.19 7.26 84.30
CA GLN A 424 42.37 7.99 84.72
C GLN A 424 42.00 9.45 84.46
N TYR A 425 41.41 10.10 85.47
CA TYR A 425 41.00 11.48 85.33
C TYR A 425 42.16 12.41 85.05
N VAL A 426 41.87 13.53 84.39
CA VAL A 426 42.89 14.52 84.11
C VAL A 426 42.58 15.68 85.03
N ASP A 427 43.62 16.20 85.68
CA ASP A 427 43.46 17.30 86.62
C ASP A 427 43.32 18.67 85.96
N GLY A 428 42.56 19.55 86.61
CA GLY A 428 42.40 20.89 86.10
C GLY A 428 41.27 21.17 85.13
N ILE A 429 40.72 20.14 84.50
CA ILE A 429 39.63 20.37 83.55
C ILE A 429 38.53 21.22 84.17
N THR A 430 38.14 20.86 85.40
CA THR A 430 37.09 21.58 86.10
C THR A 430 37.59 22.81 86.85
N SER A 431 38.89 22.85 87.18
CA SER A 431 39.43 23.99 87.90
C SER A 431 39.92 25.06 86.91
N ASP A 432 39.10 25.48 86.06
N LEU B 23 13.72 27.46 -40.51
CA LEU B 23 13.50 26.07 -39.95
C LEU B 23 12.62 26.04 -38.71
N PRO B 24 12.89 26.92 -37.72
CA PRO B 24 12.04 26.92 -36.51
C PRO B 24 10.59 27.24 -36.87
N SER B 25 9.66 26.85 -36.01
CA SER B 25 8.24 27.09 -36.29
C SER B 25 7.72 28.37 -35.65
N LEU B 26 6.62 28.88 -36.20
CA LEU B 26 6.02 30.10 -35.69
C LEU B 26 5.25 29.85 -34.40
N ASP B 27 5.03 28.58 -34.06
CA ASP B 27 4.28 28.21 -32.85
C ASP B 27 5.05 28.54 -31.61
N LEU B 28 6.27 29.02 -31.80
CA LEU B 28 7.11 29.36 -30.67
C LEU B 28 6.84 30.81 -30.31
N LEU B 29 6.09 31.48 -31.18
CA LEU B 29 5.74 32.87 -30.96
C LEU B 29 4.23 33.03 -30.72
N THR B 30 3.85 34.05 -29.97
CA THR B 30 2.44 34.25 -29.70
C THR B 30 1.70 34.79 -30.91
N PRO B 31 0.47 34.31 -31.15
CA PRO B 31 -0.41 34.68 -32.28
C PRO B 31 -1.15 36.01 -32.02
N PRO B 32 -1.42 36.78 -33.09
CA PRO B 32 -2.14 38.06 -32.93
C PRO B 32 -3.56 37.88 -32.43
N THR B 41 -15.75 55.94 -35.33
CA THR B 41 -15.59 57.08 -36.22
C THR B 41 -16.05 58.36 -35.54
N PHE B 42 -16.95 58.22 -34.58
CA PHE B 42 -17.47 59.36 -33.85
C PHE B 42 -16.37 59.98 -33.00
N ALA B 43 -15.56 59.12 -32.38
CA ALA B 43 -14.48 59.61 -31.54
C ALA B 43 -13.49 60.40 -32.39
N LEU B 44 -13.38 60.04 -33.67
CA LEU B 44 -12.47 60.71 -34.58
C LEU B 44 -12.88 62.13 -34.92
N GLU B 45 -14.04 62.27 -35.56
CA GLU B 45 -14.52 63.59 -35.97
C GLU B 45 -14.57 64.59 -34.82
N GLN B 46 -14.84 64.11 -33.62
CA GLN B 46 -14.89 64.97 -32.45
C GLN B 46 -13.49 65.50 -32.15
N MET B 47 -12.51 64.60 -32.19
CA MET B 47 -11.11 64.94 -31.94
C MET B 47 -10.59 65.84 -33.06
N ALA B 48 -11.18 65.68 -34.23
CA ALA B 48 -10.81 66.47 -35.40
C ALA B 48 -11.29 67.90 -35.22
N ARG B 49 -12.42 68.05 -34.53
CA ARG B 49 -13.02 69.37 -34.29
C ARG B 49 -12.25 70.08 -33.18
N LEU B 50 -11.80 69.32 -32.19
CA LEU B 50 -11.03 69.90 -31.09
C LEU B 50 -9.66 70.31 -31.60
N VAL B 51 -9.12 69.54 -32.54
CA VAL B 51 -7.82 69.85 -33.13
C VAL B 51 -7.94 71.14 -33.92
N GLU B 52 -8.98 71.20 -34.75
CA GLU B 52 -9.21 72.38 -35.55
C GLU B 52 -9.42 73.58 -34.64
N ALA B 53 -10.09 73.37 -33.51
CA ALA B 53 -10.38 74.43 -32.56
C ALA B 53 -9.12 74.90 -31.81
N ARG B 54 -8.29 73.96 -31.37
CA ARG B 54 -7.05 74.32 -30.66
C ARG B 54 -6.12 75.03 -31.64
N LEU B 55 -6.18 74.64 -32.91
CA LEU B 55 -5.35 75.27 -33.92
C LEU B 55 -5.82 76.70 -34.15
N ALA B 56 -7.13 76.87 -34.27
CA ALA B 56 -7.73 78.19 -34.48
C ALA B 56 -7.47 79.02 -33.23
N ASP B 57 -7.32 78.33 -32.10
CA ASP B 57 -7.07 78.99 -30.83
C ASP B 57 -5.82 79.85 -30.94
N PHE B 58 -5.04 79.65 -31.99
CA PHE B 58 -3.82 80.43 -32.25
C PHE B 58 -4.09 81.14 -33.56
N ARG B 59 -3.06 81.83 -34.08
CA ARG B 59 -3.22 82.52 -35.36
C ARG B 59 -3.01 81.49 -36.47
N ILE B 60 -3.57 80.30 -36.25
CA ILE B 60 -3.46 79.21 -37.21
C ILE B 60 -4.82 78.72 -37.67
N LYS B 61 -5.19 79.05 -38.90
CA LYS B 61 -6.47 78.62 -39.43
C LYS B 61 -6.19 77.44 -40.36
N ALA B 62 -6.85 76.31 -40.10
CA ALA B 62 -6.67 75.12 -40.91
C ALA B 62 -7.82 74.16 -40.74
N ASP B 63 -8.22 73.53 -41.84
CA ASP B 63 -9.30 72.56 -41.82
C ASP B 63 -8.77 71.15 -41.82
N VAL B 64 -9.33 70.31 -40.97
CA VAL B 64 -8.96 68.91 -40.92
C VAL B 64 -9.83 68.36 -42.04
N VAL B 65 -9.22 68.09 -43.18
CA VAL B 65 -9.98 67.59 -44.32
C VAL B 65 -10.18 66.09 -44.31
N ASN B 66 -9.37 65.36 -43.55
CA ASN B 66 -9.51 63.91 -43.52
C ASN B 66 -8.69 63.28 -42.40
N TYR B 67 -8.91 62.00 -42.21
CA TYR B 67 -8.19 61.26 -41.19
C TYR B 67 -8.27 59.78 -41.45
N SER B 68 -7.16 59.10 -41.25
CA SER B 68 -7.07 57.66 -41.47
C SER B 68 -6.50 56.99 -40.22
N PRO B 69 -7.34 56.26 -39.50
CA PRO B 69 -6.94 55.55 -38.28
C PRO B 69 -6.07 54.32 -38.55
N GLY B 70 -5.19 54.01 -37.60
CA GLY B 70 -4.34 52.85 -37.74
C GLY B 70 -4.27 52.10 -36.42
N PRO B 71 -3.36 51.14 -36.26
CA PRO B 71 -3.19 50.34 -35.04
C PRO B 71 -2.73 51.11 -33.81
N VAL B 72 -1.96 52.18 -34.03
CA VAL B 72 -1.44 52.97 -32.92
C VAL B 72 -1.83 54.44 -32.93
N ILE B 73 -1.80 55.08 -34.09
CA ILE B 73 -2.19 56.47 -34.14
C ILE B 73 -3.25 56.71 -35.18
N THR B 74 -3.70 57.96 -35.27
CA THR B 74 -4.65 58.32 -36.29
C THR B 74 -4.01 59.53 -36.92
N ARG B 75 -3.99 59.58 -38.24
CA ARG B 75 -3.41 60.74 -38.90
C ARG B 75 -4.49 61.68 -39.42
N PHE B 76 -4.49 62.90 -38.92
CA PHE B 76 -5.44 63.91 -39.33
C PHE B 76 -4.79 64.80 -40.39
N GLU B 77 -5.40 64.89 -41.56
CA GLU B 77 -4.86 65.71 -42.65
C GLU B 77 -5.36 67.16 -42.56
N LEU B 78 -4.43 68.08 -42.34
CA LEU B 78 -4.75 69.47 -42.23
C LEU B 78 -4.54 70.22 -43.54
N ASN B 79 -5.41 71.20 -43.79
CA ASN B 79 -5.34 72.05 -44.96
C ASN B 79 -5.07 73.44 -44.41
N LEU B 80 -3.84 73.88 -44.55
CA LEU B 80 -3.47 75.19 -44.03
C LEU B 80 -3.93 76.29 -44.99
N ALA B 81 -4.21 77.47 -44.44
CA ALA B 81 -4.65 78.60 -45.24
C ALA B 81 -3.48 79.01 -46.14
N PRO B 82 -3.77 79.75 -47.21
CA PRO B 82 -2.71 80.19 -48.13
C PRO B 82 -1.56 80.94 -47.44
N GLY B 83 -0.36 80.36 -47.51
CA GLY B 83 0.80 81.02 -46.92
C GLY B 83 1.33 80.48 -45.59
N VAL B 84 0.45 79.92 -44.77
CA VAL B 84 0.85 79.39 -43.48
C VAL B 84 1.79 78.20 -43.63
N LYS B 85 3.01 78.38 -43.15
CA LYS B 85 4.06 77.36 -43.22
C LYS B 85 3.77 76.15 -42.35
N ALA B 86 4.34 75.00 -42.74
CA ALA B 86 4.15 73.77 -41.99
C ALA B 86 4.99 73.81 -40.71
N ALA B 87 6.11 74.52 -40.79
CA ALA B 87 7.03 74.64 -39.66
C ALA B 87 6.39 75.48 -38.57
N ARG B 88 5.31 76.17 -38.90
CA ARG B 88 4.63 77.00 -37.92
C ARG B 88 3.97 76.13 -36.85
N ILE B 89 3.29 75.06 -37.29
CA ILE B 89 2.65 74.14 -36.35
C ILE B 89 3.71 73.30 -35.66
N SER B 90 4.66 72.78 -36.45
CA SER B 90 5.74 71.95 -35.94
C SER B 90 6.45 72.56 -34.74
N ASN B 91 6.70 73.86 -34.79
CA ASN B 91 7.36 74.58 -33.70
C ASN B 91 6.38 74.80 -32.54
N LEU B 92 5.17 74.29 -32.71
CA LEU B 92 4.12 74.42 -31.72
C LEU B 92 3.57 73.02 -31.39
N SER B 93 4.41 72.01 -31.61
CA SER B 93 4.04 70.62 -31.35
C SER B 93 3.75 70.38 -29.87
N ARG B 94 4.70 70.77 -29.04
CA ARG B 94 4.58 70.60 -27.59
C ARG B 94 3.31 71.25 -27.04
N ASP B 95 3.08 72.50 -27.43
CA ASP B 95 1.91 73.25 -26.95
C ASP B 95 0.60 72.72 -27.51
N LEU B 96 0.60 72.34 -28.78
CA LEU B 96 -0.61 71.82 -29.39
C LEU B 96 -0.97 70.52 -28.67
N ALA B 97 0.02 69.66 -28.49
CA ALA B 97 -0.16 68.38 -27.83
C ALA B 97 -0.59 68.53 -26.38
N ARG B 98 -0.50 69.75 -25.86
CA ARG B 98 -0.87 70.01 -24.49
C ARG B 98 -2.23 70.74 -24.44
N SER B 99 -2.95 70.70 -25.55
CA SER B 99 -4.25 71.37 -25.65
C SER B 99 -5.47 70.43 -25.52
N LEU B 100 -5.25 69.12 -25.64
CA LEU B 100 -6.30 68.10 -25.51
C LEU B 100 -5.57 67.13 -24.56
N SER B 101 -5.96 65.85 -24.38
CA SER B 101 -5.20 64.92 -23.46
C SER B 101 -4.42 63.64 -24.00
N THR B 102 -3.37 63.85 -24.82
CA THR B 102 -2.49 62.82 -25.45
C THR B 102 -1.02 63.03 -25.11
N VAL B 103 -0.34 61.94 -24.75
CA VAL B 103 1.07 62.00 -24.43
C VAL B 103 1.84 62.93 -25.39
N ALA B 104 1.50 62.87 -26.68
CA ALA B 104 2.16 63.70 -27.68
C ALA B 104 1.43 63.76 -29.02
N VAL B 105 1.96 64.62 -29.89
CA VAL B 105 1.42 64.81 -31.22
C VAL B 105 2.60 64.92 -32.17
N ARG B 106 2.51 64.28 -33.32
CA ARG B 106 3.57 64.36 -34.29
C ARG B 106 3.09 65.14 -35.51
N VAL B 107 3.80 66.22 -35.82
CA VAL B 107 3.47 67.05 -36.97
C VAL B 107 4.27 66.54 -38.17
N VAL B 108 3.56 66.08 -39.19
CA VAL B 108 4.20 65.57 -40.39
C VAL B 108 4.09 66.64 -41.47
N GLU B 109 5.21 67.30 -41.74
CA GLU B 109 5.28 68.36 -42.73
C GLU B 109 4.80 67.95 -44.12
N VAL B 110 5.05 66.70 -44.51
CA VAL B 110 4.64 66.25 -45.84
C VAL B 110 3.99 64.87 -45.84
N ILE B 111 2.77 64.80 -46.37
CA ILE B 111 2.05 63.54 -46.46
C ILE B 111 2.22 63.05 -47.91
N PRO B 112 2.99 61.97 -48.09
CA PRO B 112 3.19 61.46 -49.44
C PRO B 112 1.94 61.42 -50.30
N GLY B 113 1.95 62.23 -51.36
CA GLY B 113 0.84 62.26 -52.29
C GLY B 113 -0.30 63.23 -52.06
N LYS B 114 -0.22 64.05 -51.03
CA LYS B 114 -1.30 65.00 -50.77
C LYS B 114 -0.69 66.33 -50.38
N PRO B 115 -1.40 67.43 -50.62
CA PRO B 115 -0.88 68.76 -50.28
C PRO B 115 -1.05 69.15 -48.81
N TYR B 116 -1.74 68.31 -48.06
CA TYR B 116 -2.03 68.57 -46.65
C TYR B 116 -0.89 68.32 -45.68
N VAL B 117 -1.04 68.85 -44.47
CA VAL B 117 -0.06 68.66 -43.40
C VAL B 117 -0.58 67.54 -42.49
N GLY B 118 0.33 66.75 -41.95
CA GLY B 118 -0.07 65.64 -41.10
C GLY B 118 0.01 65.88 -39.60
N LEU B 119 -0.99 65.35 -38.90
CA LEU B 119 -1.09 65.44 -37.46
C LEU B 119 -1.43 64.04 -36.95
N GLU B 120 -0.47 63.42 -36.28
CA GLU B 120 -0.67 62.07 -35.76
C GLU B 120 -0.95 62.07 -34.26
N LEU B 121 -2.16 61.67 -33.91
CA LEU B 121 -2.59 61.60 -32.53
C LEU B 121 -2.74 60.13 -32.15
N PRO B 122 -2.41 59.78 -30.91
CA PRO B 122 -2.53 58.39 -30.47
C PRO B 122 -3.97 57.99 -30.26
N ASN B 123 -4.26 56.71 -30.50
CA ASN B 123 -5.59 56.16 -30.33
C ASN B 123 -5.80 55.88 -28.84
N LYS B 124 -7.04 55.99 -28.39
CA LYS B 124 -7.34 55.70 -26.99
C LYS B 124 -6.97 54.25 -26.70
N LYS B 125 -7.34 53.37 -27.63
CA LYS B 125 -7.06 51.94 -27.53
C LYS B 125 -5.95 51.52 -28.51
N ARG B 126 -4.78 51.21 -27.98
CA ARG B 126 -3.62 50.83 -28.79
C ARG B 126 -3.54 49.33 -29.08
N GLN B 127 -3.17 49.00 -30.30
CA GLN B 127 -3.03 47.61 -30.70
C GLN B 127 -1.58 47.16 -30.73
N THR B 128 -1.33 45.97 -30.19
CA THR B 128 0.02 45.43 -30.18
C THR B 128 0.34 44.83 -31.54
N VAL B 129 1.58 45.01 -31.99
CA VAL B 129 1.98 44.46 -33.27
C VAL B 129 2.86 43.28 -32.90
N TYR B 130 2.45 42.08 -33.33
CA TYR B 130 3.17 40.84 -33.00
C TYR B 130 4.11 40.40 -34.09
N LEU B 131 5.32 39.98 -33.68
CA LEU B 131 6.33 39.51 -34.60
C LEU B 131 5.76 38.47 -35.56
N ARG B 132 5.14 37.44 -35.00
CA ARG B 132 4.57 36.36 -35.79
C ARG B 132 3.59 36.77 -36.89
N GLU B 133 2.84 37.84 -36.67
CA GLU B 133 1.89 38.29 -37.69
C GLU B 133 2.63 38.78 -38.93
N VAL B 134 3.71 39.55 -38.72
CA VAL B 134 4.47 40.05 -39.85
C VAL B 134 5.35 38.98 -40.51
N LEU B 135 5.79 37.99 -39.73
CA LEU B 135 6.61 36.90 -40.25
C LEU B 135 5.74 35.98 -41.09
N ASP B 136 4.46 35.92 -40.76
CA ASP B 136 3.56 35.04 -41.50
C ASP B 136 3.12 35.66 -42.82
N ASN B 137 3.36 36.96 -42.95
CA ASN B 137 3.01 37.70 -44.15
C ASN B 137 3.84 37.26 -45.38
N ALA B 138 3.33 37.57 -46.56
CA ALA B 138 4.02 37.22 -47.79
C ALA B 138 5.23 38.13 -47.96
N LYS B 139 5.06 39.39 -47.59
CA LYS B 139 6.14 40.36 -47.69
C LYS B 139 7.42 39.80 -47.09
N PHE B 140 7.27 38.95 -46.07
CA PHE B 140 8.42 38.33 -45.42
C PHE B 140 8.79 36.99 -46.06
N ARG B 141 7.79 36.13 -46.19
CA ARG B 141 7.97 34.80 -46.77
C ARG B 141 8.54 34.80 -48.19
N ASP B 142 8.01 35.70 -49.01
CA ASP B 142 8.44 35.80 -50.39
C ASP B 142 9.85 36.31 -50.60
N ASN B 143 10.25 37.32 -49.84
CA ASN B 143 11.58 37.88 -50.01
C ASN B 143 12.65 36.80 -49.93
N PRO B 144 13.51 36.73 -50.95
CA PRO B 144 14.58 35.73 -51.03
C PRO B 144 15.78 36.04 -50.16
N SER B 145 15.94 37.31 -49.79
CA SER B 145 17.09 37.71 -48.98
C SER B 145 17.14 37.15 -47.56
N PRO B 146 18.21 36.42 -47.23
CA PRO B 146 18.34 35.87 -45.88
C PRO B 146 18.53 36.98 -44.85
N LEU B 147 18.72 38.22 -45.31
CA LEU B 147 18.87 39.35 -44.38
C LEU B 147 17.62 40.22 -44.30
N THR B 148 16.48 39.62 -44.59
CA THR B 148 15.20 40.29 -44.51
C THR B 148 14.81 40.42 -43.04
N VAL B 149 14.39 41.59 -42.61
CA VAL B 149 14.00 41.77 -41.21
C VAL B 149 12.64 42.42 -41.09
N VAL B 150 11.89 41.98 -40.09
CA VAL B 150 10.57 42.54 -39.80
C VAL B 150 10.79 43.81 -38.96
N LEU B 151 10.12 44.89 -39.35
CA LEU B 151 10.21 46.14 -38.62
C LEU B 151 8.92 46.27 -37.79
N GLY B 152 7.78 46.03 -38.44
CA GLY B 152 6.51 46.12 -37.74
C GLY B 152 5.38 46.47 -38.69
N LYS B 153 4.53 47.41 -38.31
CA LYS B 153 3.45 47.82 -39.20
C LYS B 153 3.52 49.32 -39.40
N ASP B 154 3.10 49.79 -40.57
CA ASP B 154 3.10 51.23 -40.87
C ASP B 154 1.89 51.84 -40.21
N ILE B 155 1.75 53.17 -40.31
CA ILE B 155 0.63 53.84 -39.66
C ILE B 155 -0.77 53.39 -40.10
N ALA B 156 -0.89 52.81 -41.28
CA ALA B 156 -2.19 52.36 -41.74
C ALA B 156 -2.42 50.87 -41.43
N GLY B 157 -1.46 50.26 -40.75
CA GLY B 157 -1.60 48.86 -40.38
C GLY B 157 -1.02 47.83 -41.33
N GLU B 158 -0.26 48.26 -42.32
CA GLU B 158 0.34 47.32 -43.26
C GLU B 158 1.73 46.85 -42.81
N PRO B 159 2.02 45.53 -42.94
CA PRO B 159 3.31 44.95 -42.55
C PRO B 159 4.49 45.64 -43.24
N VAL B 160 5.55 45.89 -42.48
CA VAL B 160 6.71 46.56 -43.04
C VAL B 160 7.98 45.77 -42.78
N VAL B 161 8.52 45.21 -43.85
CA VAL B 161 9.75 44.43 -43.80
C VAL B 161 10.83 45.22 -44.52
N ALA B 162 12.09 44.95 -44.20
CA ALA B 162 13.20 45.63 -44.84
C ALA B 162 14.30 44.60 -45.09
N ASP B 163 15.23 44.93 -45.97
CA ASP B 163 16.33 44.05 -46.30
C ASP B 163 17.62 44.66 -45.76
N LEU B 164 18.20 44.04 -44.74
CA LEU B 164 19.43 44.56 -44.14
C LEU B 164 20.47 44.70 -45.26
N ALA B 165 20.42 43.81 -46.23
CA ALA B 165 21.36 43.81 -47.33
C ALA B 165 21.35 45.10 -48.16
N LYS B 166 20.18 45.73 -48.25
CA LYS B 166 20.02 46.96 -49.03
C LYS B 166 20.19 48.25 -48.23
N MET B 167 20.26 48.13 -46.91
CA MET B 167 20.38 49.32 -46.09
C MET B 167 21.59 50.22 -46.35
N PRO B 168 22.82 49.67 -46.36
CA PRO B 168 23.25 48.29 -46.15
C PRO B 168 23.82 48.13 -44.73
N HIS B 169 23.79 49.22 -43.98
CA HIS B 169 24.24 49.24 -42.58
C HIS B 169 23.23 50.10 -41.85
N LEU B 170 22.92 49.80 -40.59
CA LEU B 170 21.96 50.63 -39.91
C LEU B 170 22.36 51.04 -38.52
N LEU B 171 21.80 52.17 -38.10
CA LEU B 171 22.03 52.74 -36.80
C LEU B 171 20.66 52.77 -36.12
N VAL B 172 20.58 52.20 -34.93
CA VAL B 172 19.36 52.14 -34.16
C VAL B 172 19.59 52.88 -32.87
N ALA B 173 18.69 53.82 -32.56
CA ALA B 173 18.82 54.60 -31.34
C ALA B 173 17.46 54.90 -30.70
N GLY B 174 17.50 55.15 -29.39
CA GLY B 174 16.30 55.46 -28.63
C GLY B 174 16.63 55.50 -27.15
N THR B 175 15.66 55.87 -26.32
CA THR B 175 15.88 55.94 -24.88
C THR B 175 15.82 54.53 -24.28
N THR B 176 16.00 54.41 -22.96
CA THR B 176 16.02 53.11 -22.30
C THR B 176 14.82 52.18 -22.50
N GLY B 177 13.61 52.72 -22.44
CA GLY B 177 12.45 51.86 -22.59
C GLY B 177 11.63 52.12 -23.84
N SER B 178 12.25 52.72 -24.86
CA SER B 178 11.54 53.03 -26.10
C SER B 178 11.35 51.84 -27.04
N GLY B 179 12.20 50.82 -26.93
CA GLY B 179 12.06 49.65 -27.79
C GLY B 179 13.24 49.28 -28.68
N ALA B 180 14.36 49.95 -28.52
CA ALA B 180 15.52 49.60 -29.34
C ALA B 180 15.94 48.13 -29.19
N SER B 181 16.03 47.65 -27.95
CA SER B 181 16.44 46.27 -27.74
C SER B 181 15.46 45.27 -28.34
N VAL B 182 14.17 45.40 -28.02
CA VAL B 182 13.16 44.49 -28.58
C VAL B 182 13.24 44.60 -30.11
N GLY B 183 13.43 45.81 -30.61
CA GLY B 183 13.54 46.00 -32.05
C GLY B 183 14.66 45.19 -32.68
N VAL B 184 15.87 45.25 -32.09
CA VAL B 184 16.99 44.47 -32.58
C VAL B 184 16.62 42.97 -32.52
N ASN B 185 16.04 42.52 -31.39
CA ASN B 185 15.63 41.12 -31.25
C ASN B 185 14.69 40.65 -32.37
N ALA B 186 13.87 41.57 -32.85
CA ALA B 186 12.94 41.24 -33.91
C ALA B 186 13.75 41.02 -35.17
N MET B 187 14.82 41.80 -35.32
CA MET B 187 15.69 41.66 -36.49
C MET B 187 16.42 40.33 -36.47
N ILE B 188 17.04 40.02 -35.33
CA ILE B 188 17.78 38.77 -35.22
C ILE B 188 16.84 37.59 -35.41
N LEU B 189 15.69 37.61 -34.76
CA LEU B 189 14.75 36.50 -34.89
C LEU B 189 14.25 36.38 -36.34
N SER B 190 14.09 37.53 -37.01
CA SER B 190 13.67 37.50 -38.40
C SER B 190 14.65 36.63 -39.18
N MET B 191 15.94 36.90 -39.04
CA MET B 191 16.95 36.12 -39.75
C MET B 191 16.96 34.67 -39.30
N LEU B 192 16.73 34.42 -38.00
CA LEU B 192 16.71 33.04 -37.50
C LEU B 192 15.50 32.28 -38.06
N TYR B 193 14.54 32.99 -38.63
CA TYR B 193 13.38 32.33 -39.23
C TYR B 193 13.50 32.13 -40.73
N LYS B 194 14.68 32.38 -41.29
CA LYS B 194 14.87 32.24 -42.73
C LYS B 194 16.28 31.82 -43.14
N ALA B 195 17.27 32.07 -42.29
CA ALA B 195 18.65 31.73 -42.63
C ALA B 195 19.26 30.53 -41.92
N GLN B 196 20.07 29.80 -42.68
CA GLN B 196 20.80 28.69 -42.12
C GLN B 196 22.16 29.32 -41.85
N PRO B 197 22.96 28.73 -40.96
CA PRO B 197 24.29 29.30 -40.69
C PRO B 197 25.04 29.57 -42.01
N GLU B 198 24.88 28.68 -42.97
CA GLU B 198 25.57 28.86 -44.24
C GLU B 198 25.10 30.13 -44.96
N ASP B 199 23.88 30.59 -44.69
CA ASP B 199 23.38 31.81 -45.31
C ASP B 199 23.86 33.04 -44.54
N VAL B 200 23.69 33.02 -43.21
CA VAL B 200 24.09 34.17 -42.39
C VAL B 200 24.84 33.78 -41.13
N ARG B 201 25.93 34.50 -40.85
CA ARG B 201 26.71 34.27 -39.65
C ARG B 201 26.74 35.60 -38.91
N PHE B 202 26.82 35.56 -37.59
CA PHE B 202 26.86 36.78 -36.78
C PHE B 202 28.10 36.93 -35.93
N ILE B 203 28.37 38.18 -35.56
CA ILE B 203 29.45 38.53 -34.64
C ILE B 203 28.72 39.53 -33.75
N MET B 204 28.44 39.12 -32.51
CA MET B 204 27.73 39.99 -31.61
C MET B 204 28.64 40.62 -30.57
N ILE B 205 28.64 41.95 -30.56
CA ILE B 205 29.43 42.76 -29.63
C ILE B 205 28.49 43.23 -28.51
N ASP B 206 28.76 42.84 -27.28
CA ASP B 206 27.90 43.23 -26.17
C ASP B 206 28.67 43.57 -24.91
N PRO B 207 29.01 44.85 -24.72
CA PRO B 207 29.74 45.27 -23.53
C PRO B 207 28.87 45.26 -22.28
N LYS B 208 27.56 45.40 -22.47
CA LYS B 208 26.63 45.40 -21.34
C LYS B 208 26.42 43.97 -20.85
N MET B 209 26.93 43.01 -21.62
CA MET B 209 26.81 41.58 -21.28
C MET B 209 25.42 41.09 -20.92
N LEU B 210 24.37 41.56 -21.57
CA LEU B 210 23.07 41.05 -21.15
C LEU B 210 22.02 40.94 -22.20
N GLU B 211 22.00 41.87 -23.15
CA GLU B 211 20.98 41.82 -24.19
C GLU B 211 21.28 40.80 -25.29
N LEU B 212 22.52 40.73 -25.76
CA LEU B 212 22.89 39.78 -26.83
C LEU B 212 23.39 38.43 -26.31
N SER B 213 23.83 38.40 -25.06
CA SER B 213 24.35 37.17 -24.45
C SER B 213 23.31 36.04 -24.45
N VAL B 214 22.05 36.41 -24.64
CA VAL B 214 20.97 35.43 -24.69
C VAL B 214 21.06 34.55 -25.94
N TYR B 215 21.88 34.99 -26.92
CA TYR B 215 22.06 34.24 -28.17
C TYR B 215 23.27 33.31 -28.14
N GLU B 216 24.01 33.35 -27.03
CA GLU B 216 25.19 32.50 -26.89
C GLU B 216 24.84 31.05 -27.18
N GLY B 217 25.59 30.46 -28.12
CA GLY B 217 25.36 29.06 -28.46
C GLY B 217 24.71 28.84 -29.80
N ILE B 218 24.04 29.86 -30.32
CA ILE B 218 23.38 29.77 -31.62
C ILE B 218 24.42 29.37 -32.68
N PRO B 219 24.11 28.36 -33.49
CA PRO B 219 25.04 27.90 -34.52
C PRO B 219 25.50 28.95 -35.51
N HIS B 220 24.78 30.08 -35.56
CA HIS B 220 25.12 31.15 -36.48
C HIS B 220 26.32 31.97 -36.03
N LEU B 221 26.57 32.04 -34.72
CA LEU B 221 27.70 32.80 -34.19
C LEU B 221 29.05 32.40 -34.79
N LEU B 222 29.82 33.39 -35.23
CA LEU B 222 31.15 33.14 -35.80
C LEU B 222 32.19 32.99 -34.70
N THR B 223 31.91 33.63 -33.57
CA THR B 223 32.77 33.59 -32.40
C THR B 223 31.83 33.84 -31.22
N GLU B 224 32.31 33.63 -30.00
CA GLU B 224 31.51 33.83 -28.80
C GLU B 224 31.15 35.29 -28.67
N VAL B 225 30.00 35.59 -28.07
CA VAL B 225 29.57 36.97 -27.90
C VAL B 225 30.71 37.79 -27.33
N VAL B 226 31.17 38.80 -28.07
CA VAL B 226 32.28 39.60 -27.61
C VAL B 226 31.93 40.56 -26.47
N THR B 227 32.62 40.37 -25.35
CA THR B 227 32.39 41.17 -24.14
C THR B 227 33.39 42.30 -23.98
N ASP B 228 34.68 42.01 -24.23
CA ASP B 228 35.73 43.00 -24.10
C ASP B 228 35.74 43.99 -25.27
N MET B 229 35.91 45.27 -24.97
CA MET B 229 35.94 46.30 -25.99
C MET B 229 37.14 46.26 -26.91
N LYS B 230 38.29 45.87 -26.40
CA LYS B 230 39.49 45.77 -27.22
C LYS B 230 39.31 44.61 -28.19
N ASP B 231 38.56 43.59 -27.78
CA ASP B 231 38.31 42.44 -28.65
C ASP B 231 37.35 42.88 -29.75
N ALA B 232 36.45 43.79 -29.41
CA ALA B 232 35.48 44.30 -30.38
C ALA B 232 36.25 44.98 -31.51
N ALA B 233 37.16 45.88 -31.18
CA ALA B 233 37.95 46.55 -32.21
C ALA B 233 38.65 45.50 -33.07
N ASN B 234 39.12 44.41 -32.44
CA ASN B 234 39.79 43.36 -33.20
C ASN B 234 38.83 42.63 -34.13
N ALA B 235 37.60 42.41 -33.67
CA ALA B 235 36.58 41.74 -34.46
C ALA B 235 36.33 42.56 -35.74
N LEU B 236 36.32 43.87 -35.59
CA LEU B 236 36.10 44.77 -36.72
C LEU B 236 37.30 44.68 -37.65
N ARG B 237 38.49 44.65 -37.06
CA ARG B 237 39.71 44.55 -37.84
C ARG B 237 39.67 43.26 -38.67
N TRP B 238 39.13 42.20 -38.09
CA TRP B 238 39.01 40.91 -38.78
C TRP B 238 38.08 41.08 -39.97
N CYS B 239 36.99 41.80 -39.77
CA CYS B 239 36.02 42.02 -40.84
C CYS B 239 36.62 42.80 -42.01
N VAL B 240 37.46 43.78 -41.69
CA VAL B 240 38.07 44.55 -42.74
C VAL B 240 38.91 43.63 -43.61
N ASN B 241 39.60 42.68 -42.97
CA ASN B 241 40.44 41.75 -43.73
C ASN B 241 39.62 40.70 -44.47
N GLU B 242 38.50 40.27 -43.88
CA GLU B 242 37.65 39.28 -44.54
C GLU B 242 37.03 39.91 -45.78
N MET B 243 36.80 41.23 -45.72
CA MET B 243 36.21 41.96 -46.83
C MET B 243 37.20 41.97 -48.00
N GLU B 244 38.46 42.28 -47.71
CA GLU B 244 39.50 42.32 -48.73
C GLU B 244 39.75 40.94 -49.31
N ARG B 245 39.65 39.92 -48.47
CA ARG B 245 39.85 38.56 -48.94
C ARG B 245 38.72 38.22 -49.92
N ARG B 246 37.47 38.53 -49.52
CA ARG B 246 36.32 38.24 -50.37
C ARG B 246 36.38 39.05 -51.65
N TYR B 247 36.91 40.26 -51.54
CA TYR B 247 37.05 41.12 -52.70
C TYR B 247 38.07 40.53 -53.66
N LYS B 248 39.15 39.93 -53.14
CA LYS B 248 40.15 39.33 -54.04
C LYS B 248 39.50 38.21 -54.88
N LEU B 249 38.76 37.33 -54.20
CA LEU B 249 38.06 36.23 -54.86
C LEU B 249 37.07 36.72 -55.91
N MET B 250 36.40 37.82 -55.61
CA MET B 250 35.41 38.31 -56.55
C MET B 250 36.02 38.78 -57.87
N SER B 251 37.25 39.29 -57.81
CA SER B 251 37.92 39.74 -59.02
C SER B 251 38.27 38.50 -59.81
N ALA B 252 38.86 37.52 -59.12
CA ALA B 252 39.25 36.26 -59.73
C ALA B 252 38.11 35.66 -60.54
N LEU B 253 36.90 35.73 -60.02
CA LEU B 253 35.78 35.16 -60.73
C LEU B 253 35.02 36.19 -61.56
N GLY B 254 35.50 37.44 -61.58
CA GLY B 254 34.79 38.45 -62.37
C GLY B 254 33.33 38.52 -61.91
N VAL B 255 33.15 38.89 -60.66
CA VAL B 255 31.83 38.96 -60.06
C VAL B 255 31.72 40.29 -59.29
N ARG B 256 30.54 40.87 -59.18
CA ARG B 256 30.39 42.15 -58.49
C ARG B 256 30.00 42.08 -57.03
N ASN B 257 29.20 41.10 -56.63
CA ASN B 257 28.80 40.96 -55.24
C ASN B 257 28.84 39.52 -54.78
N LEU B 258 28.61 39.33 -53.47
CA LEU B 258 28.61 38.01 -52.83
C LEU B 258 27.63 37.01 -53.45
N ALA B 259 26.43 37.46 -53.78
CA ALA B 259 25.43 36.58 -54.39
C ALA B 259 25.95 36.04 -55.70
N GLY B 260 26.76 36.82 -56.40
CA GLY B 260 27.30 36.36 -57.66
C GLY B 260 28.40 35.34 -57.40
N TYR B 261 29.19 35.59 -56.37
CA TYR B 261 30.27 34.68 -55.98
C TYR B 261 29.69 33.32 -55.64
N ASN B 262 28.63 33.33 -54.83
CA ASN B 262 27.98 32.10 -54.41
C ASN B 262 27.31 31.35 -55.55
N GLU B 263 26.91 32.05 -56.60
CA GLU B 263 26.27 31.36 -57.73
C GLU B 263 27.38 30.70 -58.54
N LYS B 264 28.53 31.35 -58.58
CA LYS B 264 29.64 30.78 -59.31
C LYS B 264 29.96 29.43 -58.65
N ILE B 265 29.95 29.43 -57.32
CA ILE B 265 30.22 28.23 -56.55
C ILE B 265 29.14 27.17 -56.65
N ALA B 266 27.89 27.61 -56.64
CA ALA B 266 26.77 26.70 -56.74
C ALA B 266 26.84 26.02 -58.12
N GLU B 267 27.21 26.82 -59.12
CA GLU B 267 27.34 26.39 -60.52
C GLU B 267 28.44 25.33 -60.69
N ALA B 268 29.57 25.53 -60.01
CA ALA B 268 30.67 24.58 -60.08
C ALA B 268 30.29 23.31 -59.32
N ASP B 269 29.45 23.46 -58.30
CA ASP B 269 28.97 22.33 -57.49
C ASP B 269 28.03 21.42 -58.27
N ARG B 270 27.13 22.00 -59.05
CA ARG B 270 26.22 21.19 -59.84
C ARG B 270 27.02 20.43 -60.89
N MET B 271 28.09 21.05 -61.38
CA MET B 271 28.92 20.43 -62.41
C MET B 271 30.04 19.57 -61.84
N MET B 272 30.08 19.41 -60.52
CA MET B 272 31.14 18.65 -59.87
C MET B 272 32.50 19.10 -60.42
N ARG B 273 32.65 20.41 -60.54
CA ARG B 273 33.85 21.06 -61.04
C ARG B 273 34.31 22.05 -59.96
N PRO B 274 34.95 21.55 -58.90
CA PRO B 274 35.40 22.45 -57.83
C PRO B 274 36.41 23.51 -58.27
N ILE B 275 36.15 24.77 -57.92
CA ILE B 275 37.05 25.87 -58.27
C ILE B 275 38.19 25.96 -57.27
N PRO B 276 39.42 25.67 -57.70
CA PRO B 276 40.52 25.77 -56.72
C PRO B 276 40.84 27.23 -56.43
N ASP B 277 41.27 27.50 -55.19
CA ASP B 277 41.64 28.85 -54.78
C ASP B 277 42.70 29.39 -55.74
N PRO B 278 42.38 30.48 -56.46
CA PRO B 278 43.31 31.08 -57.41
C PRO B 278 44.53 31.80 -56.85
N TYR B 279 44.58 32.02 -55.54
CA TYR B 279 45.70 32.75 -54.94
C TYR B 279 46.57 31.92 -54.04
N TRP B 280 46.27 30.62 -53.95
CA TRP B 280 47.04 29.73 -53.09
C TRP B 280 48.45 29.48 -53.64
N HIS B 290 44.28 20.29 -51.17
CA HIS B 290 44.66 21.62 -51.61
C HIS B 290 43.42 22.51 -51.92
N PRO B 291 43.19 23.56 -51.10
CA PRO B 291 42.08 24.50 -51.17
C PRO B 291 41.22 24.73 -52.41
N VAL B 292 39.93 24.48 -52.18
CA VAL B 292 38.88 24.63 -53.16
C VAL B 292 37.99 25.76 -52.58
N LEU B 293 37.35 26.54 -53.43
CA LEU B 293 36.49 27.60 -52.94
C LEU B 293 35.15 27.07 -52.49
N LYS B 294 34.60 27.68 -51.45
CA LYS B 294 33.32 27.26 -50.91
C LYS B 294 32.36 28.45 -50.76
N LYS B 295 31.05 28.17 -50.69
CA LYS B 295 30.06 29.22 -50.52
C LYS B 295 30.36 30.07 -49.30
N GLU B 296 30.28 31.39 -49.46
CA GLU B 296 30.57 32.32 -48.38
C GLU B 296 29.26 32.84 -47.82
N PRO B 297 29.15 32.95 -46.48
CA PRO B 297 27.91 33.46 -45.91
C PRO B 297 27.96 34.96 -45.60
N TYR B 298 26.79 35.59 -45.55
CA TYR B 298 26.72 37.01 -45.19
C TYR B 298 27.17 37.08 -43.74
N ILE B 299 27.93 38.11 -43.39
CA ILE B 299 28.36 38.26 -42.01
C ILE B 299 27.65 39.50 -41.46
N VAL B 300 26.89 39.31 -40.38
CA VAL B 300 26.16 40.42 -39.76
C VAL B 300 26.81 40.81 -38.43
N VAL B 301 27.46 41.97 -38.41
CA VAL B 301 28.09 42.44 -37.18
C VAL B 301 27.08 43.23 -36.35
N LEU B 302 26.72 42.68 -35.19
CA LEU B 302 25.78 43.30 -34.27
C LEU B 302 26.50 43.88 -33.07
N VAL B 303 26.34 45.18 -32.87
CA VAL B 303 26.97 45.86 -31.75
C VAL B 303 25.88 46.50 -30.89
N ASP B 304 25.68 45.94 -29.70
CA ASP B 304 24.67 46.48 -28.81
C ASP B 304 25.35 47.55 -27.96
N GLU B 305 24.81 48.76 -28.02
CA GLU B 305 25.36 49.89 -27.29
C GLU B 305 26.80 50.21 -27.68
N PHE B 306 26.99 50.67 -28.91
CA PHE B 306 28.32 51.00 -29.38
C PHE B 306 28.84 52.27 -28.74
N ALA B 307 28.04 52.86 -27.86
CA ALA B 307 28.47 54.07 -27.15
C ALA B 307 29.68 53.65 -26.30
N ASP B 308 29.54 52.53 -25.59
CA ASP B 308 30.62 52.01 -24.75
C ASP B 308 31.85 51.81 -25.60
N LEU B 309 31.66 51.16 -26.74
CA LEU B 309 32.75 50.91 -27.68
C LEU B 309 33.47 52.23 -27.95
N MET B 310 32.68 53.27 -28.22
CA MET B 310 33.22 54.59 -28.51
C MET B 310 33.92 55.24 -27.31
N MET B 311 33.22 55.30 -26.20
CA MET B 311 33.75 55.92 -24.98
C MET B 311 34.94 55.20 -24.34
N THR B 312 35.66 54.41 -25.10
CA THR B 312 36.79 53.70 -24.54
C THR B 312 37.84 53.36 -25.59
N VAL B 313 37.42 53.33 -26.85
CA VAL B 313 38.32 53.03 -27.95
C VAL B 313 38.03 54.01 -29.10
N GLY B 314 37.24 55.03 -28.80
CA GLY B 314 36.85 56.06 -29.76
C GLY B 314 37.46 56.01 -31.16
N LYS B 315 38.30 57.00 -31.46
CA LYS B 315 38.96 57.14 -32.76
C LYS B 315 39.29 55.85 -33.49
N LYS B 316 39.87 54.88 -32.79
CA LYS B 316 40.23 53.62 -33.40
C LYS B 316 38.98 52.96 -34.01
N VAL B 317 37.91 52.88 -33.20
CA VAL B 317 36.65 52.28 -33.64
C VAL B 317 36.02 53.04 -34.80
N GLU B 318 35.81 54.36 -34.65
CA GLU B 318 35.24 55.17 -35.71
C GLU B 318 35.96 54.88 -37.02
N GLU B 319 37.29 54.95 -36.94
CA GLU B 319 38.17 54.71 -38.07
C GLU B 319 37.86 53.35 -38.73
N LEU B 320 37.74 52.30 -37.93
CA LEU B 320 37.45 50.99 -38.47
C LEU B 320 36.03 50.91 -39.04
N ILE B 321 35.06 51.44 -38.30
CA ILE B 321 33.67 51.40 -38.76
C ILE B 321 33.50 52.09 -40.10
N ALA B 322 34.15 53.24 -40.26
CA ALA B 322 34.06 54.00 -41.51
C ALA B 322 34.58 53.16 -42.67
N ARG B 323 35.71 52.50 -42.45
CA ARG B 323 36.29 51.66 -43.50
C ARG B 323 35.31 50.55 -43.91
N LEU B 324 34.77 49.83 -42.94
CA LEU B 324 33.83 48.76 -43.24
C LEU B 324 32.60 49.25 -43.97
N ALA B 325 31.87 50.18 -43.35
CA ALA B 325 30.66 50.72 -43.94
C ALA B 325 30.84 51.16 -45.40
N GLN B 326 31.98 51.77 -45.72
CA GLN B 326 32.24 52.25 -47.06
C GLN B 326 32.22 51.21 -48.18
N LYS B 327 32.87 50.06 -47.97
CA LYS B 327 32.93 49.05 -49.03
C LYS B 327 32.54 47.62 -48.67
N ALA B 328 32.03 47.39 -47.46
CA ALA B 328 31.69 46.03 -47.09
C ALA B 328 30.45 45.43 -47.79
N ARG B 329 29.51 46.27 -48.17
CA ARG B 329 28.28 45.81 -48.79
C ARG B 329 28.38 44.72 -49.85
N ALA B 330 29.09 44.99 -50.94
CA ALA B 330 29.21 44.00 -52.00
C ALA B 330 29.88 42.73 -51.48
N ALA B 331 30.75 42.87 -50.49
CA ALA B 331 31.45 41.74 -49.90
C ALA B 331 30.54 40.89 -49.00
N GLY B 332 29.32 41.38 -48.76
CA GLY B 332 28.38 40.66 -47.94
C GLY B 332 28.53 40.80 -46.44
N ILE B 333 29.11 41.91 -45.99
CA ILE B 333 29.29 42.16 -44.57
C ILE B 333 28.44 43.35 -44.17
N HIS B 334 27.67 43.22 -43.09
CA HIS B 334 26.81 44.31 -42.70
C HIS B 334 26.88 44.66 -41.24
N LEU B 335 26.82 45.96 -40.98
CA LEU B 335 26.89 46.52 -39.64
C LEU B 335 25.52 46.90 -39.11
N VAL B 336 25.30 46.65 -37.82
CA VAL B 336 24.07 47.03 -37.12
C VAL B 336 24.54 47.65 -35.78
N LEU B 337 24.43 48.97 -35.67
CA LEU B 337 24.87 49.69 -34.47
C LEU B 337 23.71 50.25 -33.67
N ALA B 338 23.56 49.79 -32.43
CA ALA B 338 22.47 50.23 -31.55
C ALA B 338 23.06 51.01 -30.39
N THR B 339 22.32 52.03 -29.94
CA THR B 339 22.77 52.83 -28.82
C THR B 339 21.57 53.42 -28.10
N GLN B 340 21.69 53.58 -26.79
CA GLN B 340 20.63 54.18 -26.01
C GLN B 340 21.16 55.44 -25.35
N ARG B 341 22.18 56.01 -25.98
CA ARG B 341 22.81 57.25 -25.56
C ARG B 341 23.04 58.11 -26.81
N PRO B 342 21.96 58.49 -27.50
CA PRO B 342 22.02 59.30 -28.72
C PRO B 342 22.67 60.67 -28.54
N SER B 343 23.99 60.70 -28.42
CA SER B 343 24.68 61.97 -28.25
C SER B 343 25.64 62.23 -29.39
N VAL B 344 25.97 63.50 -29.59
CA VAL B 344 26.88 63.88 -30.66
C VAL B 344 28.24 63.22 -30.45
N ASP B 345 28.49 62.73 -29.24
CA ASP B 345 29.75 62.06 -28.93
C ASP B 345 29.73 60.61 -29.41
N VAL B 346 28.54 60.05 -29.53
CA VAL B 346 28.36 58.68 -29.97
C VAL B 346 28.05 58.64 -31.46
N ILE B 347 26.92 59.23 -31.83
CA ILE B 347 26.51 59.29 -33.24
C ILE B 347 27.26 60.48 -33.80
N THR B 348 28.53 60.28 -34.12
CA THR B 348 29.35 61.37 -34.64
C THR B 348 29.13 61.62 -36.12
N GLY B 349 29.79 62.66 -36.62
CA GLY B 349 29.68 62.97 -38.03
C GLY B 349 30.22 61.86 -38.90
N LEU B 350 31.30 61.21 -38.47
CA LEU B 350 31.88 60.12 -39.25
C LEU B 350 30.95 58.92 -39.26
N ILE B 351 30.39 58.61 -38.09
CA ILE B 351 29.48 57.48 -38.01
C ILE B 351 28.29 57.72 -38.94
N LYS B 352 27.65 58.88 -38.80
CA LYS B 352 26.49 59.23 -39.62
C LYS B 352 26.83 59.26 -41.10
N ALA B 353 28.00 59.78 -41.42
CA ALA B 353 28.43 59.86 -42.80
C ALA B 353 28.58 58.48 -43.44
N ASN B 354 28.72 57.44 -42.61
CA ASN B 354 28.88 56.11 -43.15
C ASN B 354 27.69 55.16 -43.05
N ILE B 355 26.90 55.26 -41.98
CA ILE B 355 25.72 54.40 -41.88
C ILE B 355 24.54 55.24 -42.41
N PRO B 356 24.05 54.91 -43.63
CA PRO B 356 22.95 55.58 -44.33
C PRO B 356 21.52 55.31 -43.84
N THR B 357 21.27 54.15 -43.27
CA THR B 357 19.94 53.86 -42.78
C THR B 357 19.91 54.02 -41.28
N ARG B 358 18.93 54.77 -40.79
CA ARG B 358 18.82 55.01 -39.36
C ARG B 358 17.43 54.75 -38.81
N ILE B 359 17.38 54.22 -37.60
CA ILE B 359 16.12 53.95 -36.94
C ILE B 359 16.16 54.63 -35.59
N ALA B 360 15.20 55.49 -35.36
CA ALA B 360 15.11 56.20 -34.10
C ALA B 360 13.86 55.76 -33.39
N PHE B 361 14.02 55.24 -32.19
CA PHE B 361 12.87 54.86 -31.39
C PHE B 361 12.62 56.14 -30.61
N THR B 362 11.62 56.14 -29.73
CA THR B 362 11.32 57.35 -28.98
C THR B 362 12.48 57.92 -28.19
N VAL B 363 12.77 59.20 -28.43
CA VAL B 363 13.83 59.91 -27.72
C VAL B 363 13.19 61.01 -26.87
N SER B 364 13.96 61.57 -25.94
CA SER B 364 13.43 62.60 -25.05
C SER B 364 13.43 64.04 -25.54
N SER B 365 14.18 64.34 -26.59
CA SER B 365 14.23 65.71 -27.10
C SER B 365 14.40 65.81 -28.61
N LYS B 366 14.21 67.03 -29.12
CA LYS B 366 14.36 67.29 -30.53
C LYS B 366 15.79 67.18 -30.99
N ILE B 367 16.76 67.52 -30.12
CA ILE B 367 18.15 67.43 -30.55
C ILE B 367 18.59 65.95 -30.61
N ASP B 368 18.10 65.15 -29.69
CA ASP B 368 18.45 63.73 -29.73
C ASP B 368 17.92 63.14 -31.02
N SER B 369 16.70 63.52 -31.41
CA SER B 369 16.12 63.03 -32.64
C SER B 369 16.98 63.46 -33.84
N ARG B 370 17.32 64.74 -33.90
CA ARG B 370 18.15 65.27 -34.97
C ARG B 370 19.53 64.62 -35.02
N THR B 371 20.05 64.22 -33.86
CA THR B 371 21.34 63.56 -33.82
C THR B 371 21.19 62.22 -34.53
N ILE B 372 20.03 61.59 -34.39
CA ILE B 372 19.79 60.31 -35.05
C ILE B 372 19.27 60.46 -36.47
N LEU B 373 18.40 61.43 -36.70
CA LEU B 373 17.80 61.61 -38.02
C LEU B 373 18.13 62.90 -38.74
N ASP B 374 18.81 63.82 -38.08
CA ASP B 374 19.13 65.11 -38.71
C ASP B 374 17.77 65.73 -39.02
N GLN B 375 16.84 65.47 -38.12
CA GLN B 375 15.47 65.94 -38.27
C GLN B 375 14.71 65.60 -37.00
N ALA B 376 13.83 66.49 -36.57
CA ALA B 376 13.04 66.22 -35.36
C ALA B 376 11.96 65.21 -35.70
N GLY B 377 11.26 64.74 -34.68
CA GLY B 377 10.20 63.77 -34.89
C GLY B 377 10.20 62.62 -33.92
N ALA B 378 11.38 62.07 -33.66
CA ALA B 378 11.52 60.93 -32.75
C ALA B 378 11.02 61.18 -31.31
N GLU B 379 11.13 62.44 -30.87
CA GLU B 379 10.70 62.83 -29.54
C GLU B 379 9.18 62.97 -29.46
N SER B 380 8.48 62.68 -30.56
CA SER B 380 7.03 62.78 -30.57
C SER B 380 6.40 61.41 -30.75
N LEU B 381 7.18 60.38 -30.45
CA LEU B 381 6.71 59.01 -30.57
C LEU B 381 6.09 58.51 -29.27
N LEU B 382 5.30 57.45 -29.39
CA LEU B 382 4.56 56.88 -28.27
C LEU B 382 5.20 55.67 -27.60
N GLY B 383 6.53 55.63 -27.57
CA GLY B 383 7.24 54.53 -26.94
C GLY B 383 6.85 53.14 -27.42
N MET B 384 7.26 52.13 -26.67
CA MET B 384 6.99 50.75 -27.01
C MET B 384 7.16 50.40 -28.50
N GLY B 385 8.39 50.44 -28.97
CA GLY B 385 8.65 50.09 -30.35
C GLY B 385 8.29 51.10 -31.42
N ASP B 386 7.58 52.16 -31.03
CA ASP B 386 7.18 53.19 -31.98
C ASP B 386 8.48 53.73 -32.58
N MET B 387 8.55 53.89 -33.91
CA MET B 387 9.81 54.37 -34.50
C MET B 387 9.69 55.16 -35.80
N LEU B 388 10.81 55.76 -36.18
CA LEU B 388 10.92 56.50 -37.43
C LEU B 388 12.08 55.87 -38.21
N TYR B 389 11.76 55.30 -39.36
CA TYR B 389 12.74 54.68 -40.22
C TYR B 389 13.23 55.71 -41.23
N SER B 390 14.54 55.81 -41.39
CA SER B 390 15.10 56.74 -42.34
C SER B 390 16.12 56.06 -43.25
N GLY B 391 15.64 55.59 -44.40
CA GLY B 391 16.48 54.92 -45.37
C GLY B 391 17.43 55.84 -46.10
N PRO B 392 18.31 55.30 -46.96
CA PRO B 392 19.29 56.07 -47.73
C PRO B 392 18.78 56.63 -49.06
N ASN B 393 17.67 56.09 -49.56
CA ASN B 393 17.10 56.53 -50.83
C ASN B 393 15.87 57.41 -50.71
N SER B 394 15.87 58.28 -49.70
CA SER B 394 14.74 59.20 -49.49
C SER B 394 14.95 60.03 -48.25
N THR B 395 14.61 61.31 -48.34
CA THR B 395 14.77 62.21 -47.21
C THR B 395 13.58 62.16 -46.26
N LEU B 396 12.46 61.62 -46.72
CA LEU B 396 11.28 61.53 -45.87
C LEU B 396 11.33 60.28 -45.01
N PRO B 397 11.26 60.43 -43.67
CA PRO B 397 11.31 59.25 -42.80
C PRO B 397 9.93 58.58 -42.78
N VAL B 398 9.88 57.33 -42.35
CA VAL B 398 8.61 56.63 -42.32
C VAL B 398 8.41 56.11 -40.93
N ARG B 399 7.26 56.46 -40.34
CA ARG B 399 6.95 56.03 -38.99
C ARG B 399 6.58 54.58 -39.09
N VAL B 400 7.03 53.78 -38.14
CA VAL B 400 6.71 52.35 -38.11
C VAL B 400 6.47 51.92 -36.68
N HIS B 401 5.45 51.11 -36.47
CA HIS B 401 5.14 50.58 -35.13
C HIS B 401 5.84 49.24 -35.02
N GLY B 402 6.93 49.21 -34.26
CA GLY B 402 7.73 48.01 -34.12
C GLY B 402 7.03 46.75 -33.66
N ALA B 403 7.45 45.62 -34.21
CA ALA B 403 6.86 44.34 -33.82
C ALA B 403 7.39 43.99 -32.45
N PHE B 404 6.52 43.46 -31.62
CA PHE B 404 6.86 43.08 -30.25
C PHE B 404 7.25 41.61 -30.15
N VAL B 405 8.25 41.34 -29.31
CA VAL B 405 8.71 39.97 -29.07
C VAL B 405 9.04 39.81 -27.59
N ARG B 406 8.56 38.74 -26.97
CA ARG B 406 8.82 38.47 -25.57
C ARG B 406 10.24 37.95 -25.35
N ASP B 407 10.90 38.39 -24.29
CA ASP B 407 12.25 37.90 -24.01
C ASP B 407 12.22 36.39 -24.08
N GLN B 408 11.11 35.82 -23.59
CA GLN B 408 10.88 34.39 -23.57
C GLN B 408 10.77 33.77 -24.97
N GLU B 409 10.29 34.53 -25.94
CA GLU B 409 10.19 33.99 -27.30
C GLU B 409 11.59 33.91 -27.91
N VAL B 410 12.47 34.78 -27.45
CA VAL B 410 13.84 34.78 -27.94
C VAL B 410 14.47 33.50 -27.41
N HIS B 411 14.22 33.20 -26.14
CA HIS B 411 14.78 32.02 -25.54
C HIS B 411 14.30 30.78 -26.29
N ALA B 412 13.02 30.73 -26.60
CA ALA B 412 12.45 29.59 -27.28
C ALA B 412 13.12 29.37 -28.62
N VAL B 413 13.17 30.41 -29.45
CA VAL B 413 13.77 30.29 -30.78
C VAL B 413 15.23 29.91 -30.66
N VAL B 414 15.93 30.54 -29.74
CA VAL B 414 17.33 30.25 -29.55
C VAL B 414 17.53 28.79 -29.18
N GLN B 415 16.72 28.29 -28.25
CA GLN B 415 16.85 26.89 -27.83
C GLN B 415 16.63 25.96 -29.02
N ASP B 416 15.58 26.23 -29.79
CA ASP B 416 15.26 25.45 -30.98
C ASP B 416 16.52 25.36 -31.84
N TRP B 417 17.20 26.49 -32.04
CA TRP B 417 18.41 26.51 -32.86
C TRP B 417 19.61 25.75 -32.28
N LYS B 418 19.78 25.80 -30.96
CA LYS B 418 20.91 25.12 -30.33
C LYS B 418 20.75 23.61 -30.40
N ALA B 419 19.51 23.16 -30.60
CA ALA B 419 19.23 21.73 -30.71
C ALA B 419 19.73 21.16 -32.03
N ARG B 420 19.90 22.02 -33.03
CA ARG B 420 20.34 21.57 -34.36
C ARG B 420 21.87 21.44 -34.47
N GLY B 421 22.57 22.03 -33.51
CA GLY B 421 24.02 21.96 -33.55
C GLY B 421 24.69 23.16 -32.94
N ARG B 422 25.96 23.01 -32.60
CA ARG B 422 26.72 24.09 -32.01
C ARG B 422 27.45 24.85 -33.08
N PRO B 423 27.82 26.10 -32.80
CA PRO B 423 28.53 26.94 -33.77
C PRO B 423 29.98 26.53 -34.04
N GLN B 424 30.39 26.72 -35.28
CA GLN B 424 31.73 26.41 -35.74
C GLN B 424 32.52 27.73 -35.68
N TYR B 425 33.03 28.05 -34.50
CA TYR B 425 33.79 29.28 -34.31
C TYR B 425 35.00 29.43 -35.21
N VAL B 426 35.25 30.67 -35.64
CA VAL B 426 36.40 30.95 -36.47
C VAL B 426 37.47 31.43 -35.50
N ASP B 427 38.72 31.01 -35.72
CA ASP B 427 39.83 31.42 -34.85
C ASP B 427 40.41 32.76 -35.26
N GLY B 428 40.93 33.49 -34.28
CA GLY B 428 41.56 34.76 -34.56
C GLY B 428 40.72 36.01 -34.60
N ILE B 429 39.42 35.89 -34.92
CA ILE B 429 38.55 37.06 -34.98
C ILE B 429 38.87 38.03 -33.85
N THR B 430 38.93 37.50 -32.64
CA THR B 430 39.21 38.32 -31.46
C THR B 430 40.70 38.57 -31.23
N SER B 431 41.54 37.59 -31.52
CA SER B 431 42.97 37.77 -31.34
C SER B 431 43.54 38.47 -32.56
N ASP B 432 43.06 39.58 -32.87
N LEU C 23 -11.52 6.01 -37.35
CA LEU C 23 -12.67 6.77 -36.78
C LEU C 23 -12.62 8.26 -37.09
N PRO C 24 -13.79 8.92 -37.14
CA PRO C 24 -13.81 10.35 -37.43
C PRO C 24 -13.05 11.11 -36.35
N SER C 25 -12.56 12.30 -36.70
CA SER C 25 -11.80 13.11 -35.76
C SER C 25 -12.68 14.00 -34.89
N LEU C 26 -12.16 14.32 -33.70
CA LEU C 26 -12.88 15.18 -32.77
C LEU C 26 -12.92 16.63 -33.20
N ASP C 27 -12.23 16.96 -34.29
CA ASP C 27 -12.21 18.35 -34.75
C ASP C 27 -13.42 18.65 -35.62
N LEU C 28 -14.31 17.67 -35.72
CA LEU C 28 -15.55 17.82 -36.47
C LEU C 28 -16.59 18.34 -35.47
N LEU C 29 -16.15 18.54 -34.23
CA LEU C 29 -17.01 18.99 -33.16
C LEU C 29 -16.44 20.18 -32.41
N THR C 30 -17.32 21.13 -32.09
CA THR C 30 -16.88 22.32 -31.37
C THR C 30 -16.28 21.98 -30.00
N PRO C 31 -15.16 22.64 -29.67
CA PRO C 31 -14.39 22.49 -28.42
C PRO C 31 -15.04 23.30 -27.30
N PRO C 32 -14.98 22.79 -26.06
CA PRO C 32 -15.57 23.48 -24.92
C PRO C 32 -14.91 24.83 -24.60
N THR C 41 -19.69 32.79 -4.73
CA THR C 41 -20.15 32.17 -3.50
C THR C 41 -21.17 33.06 -2.80
N PHE C 42 -21.02 34.37 -2.98
CA PHE C 42 -21.92 35.33 -2.37
C PHE C 42 -23.35 35.12 -2.87
N ALA C 43 -23.52 35.16 -4.19
CA ALA C 43 -24.85 34.99 -4.79
C ALA C 43 -25.53 33.73 -4.26
N LEU C 44 -24.71 32.75 -3.88
CA LEU C 44 -25.24 31.49 -3.35
C LEU C 44 -25.87 31.65 -1.98
N GLU C 45 -25.05 31.89 -0.98
CA GLU C 45 -25.53 32.05 0.39
C GLU C 45 -26.74 32.98 0.47
N GLN C 46 -26.76 34.00 -0.38
CA GLN C 46 -27.87 34.95 -0.40
C GLN C 46 -29.13 34.21 -0.81
N MET C 47 -29.01 33.41 -1.86
CA MET C 47 -30.13 32.62 -2.36
C MET C 47 -30.51 31.57 -1.32
N ALA C 48 -29.51 31.05 -0.62
CA ALA C 48 -29.74 30.05 0.42
C ALA C 48 -30.53 30.67 1.56
N ARG C 49 -30.28 31.96 1.78
CA ARG C 49 -30.94 32.70 2.85
C ARG C 49 -32.38 33.03 2.45
N LEU C 50 -32.60 33.26 1.16
CA LEU C 50 -33.93 33.57 0.66
C LEU C 50 -34.77 32.30 0.61
N VAL C 51 -34.11 31.18 0.32
CA VAL C 51 -34.79 29.88 0.26
C VAL C 51 -35.25 29.50 1.65
N GLU C 52 -34.38 29.71 2.64
CA GLU C 52 -34.68 29.40 4.02
C GLU C 52 -35.78 30.32 4.53
N ALA C 53 -35.87 31.51 3.92
CA ALA C 53 -36.87 32.49 4.29
C ALA C 53 -38.22 32.16 3.67
N ARG C 54 -38.20 31.71 2.41
CA ARG C 54 -39.44 31.35 1.72
C ARG C 54 -39.99 30.08 2.33
N LEU C 55 -39.10 29.17 2.70
CA LEU C 55 -39.49 27.90 3.32
C LEU C 55 -40.11 28.21 4.68
N ALA C 56 -39.40 29.00 5.48
CA ALA C 56 -39.88 29.38 6.80
C ALA C 56 -41.12 30.25 6.65
N ASP C 57 -41.40 30.66 5.41
CA ASP C 57 -42.55 31.50 5.11
C ASP C 57 -43.83 30.66 5.25
N PHE C 58 -43.65 29.35 5.42
CA PHE C 58 -44.77 28.42 5.60
C PHE C 58 -44.52 27.75 6.95
N ARG C 59 -45.29 26.70 7.25
CA ARG C 59 -45.09 25.99 8.51
C ARG C 59 -43.93 25.01 8.31
N ILE C 60 -42.96 25.42 7.50
CA ILE C 60 -41.80 24.60 7.20
C ILE C 60 -40.52 25.27 7.68
N LYS C 61 -39.91 24.72 8.72
CA LYS C 61 -38.66 25.27 9.24
C LYS C 61 -37.53 24.37 8.77
N ALA C 62 -36.55 24.95 8.08
CA ALA C 62 -35.42 24.19 7.57
C ALA C 62 -34.17 25.04 7.46
N ASP C 63 -33.01 24.40 7.58
CA ASP C 63 -31.73 25.10 7.48
C ASP C 63 -30.96 24.65 6.27
N VAL C 64 -30.42 25.60 5.53
CA VAL C 64 -29.61 25.29 4.35
C VAL C 64 -28.20 25.02 4.88
N VAL C 65 -27.98 23.79 5.31
CA VAL C 65 -26.71 23.36 5.86
C VAL C 65 -25.55 23.35 4.86
N ASN C 66 -25.86 23.27 3.56
CA ASN C 66 -24.81 23.24 2.56
C ASN C 66 -25.35 23.41 1.14
N TYR C 67 -24.44 23.56 0.19
CA TYR C 67 -24.79 23.70 -1.22
C TYR C 67 -23.58 23.49 -2.12
N SER C 68 -23.81 22.85 -3.27
CA SER C 68 -22.74 22.59 -4.22
C SER C 68 -23.14 23.05 -5.63
N PRO C 69 -22.40 24.01 -6.19
CA PRO C 69 -22.66 24.57 -7.52
C PRO C 69 -22.10 23.77 -8.69
N GLY C 70 -22.93 23.61 -9.72
CA GLY C 70 -22.53 22.87 -10.91
C GLY C 70 -22.61 23.73 -12.15
N PRO C 71 -22.51 23.12 -13.35
CA PRO C 71 -22.56 23.85 -14.62
C PRO C 71 -23.93 24.44 -14.93
N VAL C 72 -24.99 23.81 -14.45
CA VAL C 72 -26.35 24.28 -14.69
C VAL C 72 -27.08 24.72 -13.43
N ILE C 73 -27.10 23.86 -12.42
CA ILE C 73 -27.77 24.20 -11.19
C ILE C 73 -26.86 24.17 -9.99
N THR C 74 -27.44 24.49 -8.84
CA THR C 74 -26.74 24.51 -7.55
C THR C 74 -27.67 23.78 -6.59
N ARG C 75 -27.17 22.72 -5.97
CA ARG C 75 -27.99 21.96 -5.04
C ARG C 75 -27.85 22.47 -3.62
N PHE C 76 -28.97 22.77 -2.98
CA PHE C 76 -28.96 23.24 -1.61
C PHE C 76 -29.40 22.09 -0.70
N GLU C 77 -28.64 21.85 0.35
CA GLU C 77 -28.96 20.77 1.28
C GLU C 77 -29.70 21.31 2.49
N LEU C 78 -31.00 21.07 2.52
CA LEU C 78 -31.85 21.52 3.62
C LEU C 78 -31.92 20.49 4.71
N ASN C 79 -31.99 20.94 5.96
CA ASN C 79 -32.10 20.06 7.11
C ASN C 79 -33.48 20.27 7.74
N LEU C 80 -34.44 19.48 7.30
CA LEU C 80 -35.81 19.60 7.81
C LEU C 80 -35.87 19.35 9.31
N ALA C 81 -36.78 20.06 9.97
CA ALA C 81 -36.96 19.93 11.40
C ALA C 81 -37.55 18.56 11.70
N PRO C 82 -37.26 18.02 12.90
CA PRO C 82 -37.76 16.71 13.32
C PRO C 82 -39.26 16.52 13.03
N GLY C 83 -39.57 15.55 12.18
CA GLY C 83 -40.96 15.29 11.84
C GLY C 83 -41.37 15.90 10.51
N VAL C 84 -40.67 16.95 10.09
CA VAL C 84 -40.98 17.62 8.82
C VAL C 84 -40.58 16.73 7.64
N LYS C 85 -41.56 16.10 7.01
CA LYS C 85 -41.32 15.22 5.87
C LYS C 85 -40.72 16.03 4.72
N ALA C 86 -40.17 15.32 3.74
CA ALA C 86 -39.57 15.96 2.57
C ALA C 86 -40.59 16.09 1.45
N ALA C 87 -41.65 15.28 1.53
CA ALA C 87 -42.72 15.30 0.54
C ALA C 87 -43.60 16.51 0.81
N ARG C 88 -43.24 17.24 1.87
CA ARG C 88 -43.96 18.43 2.26
C ARG C 88 -43.49 19.59 1.37
N ILE C 89 -42.20 19.56 1.02
CA ILE C 89 -41.61 20.58 0.16
C ILE C 89 -41.95 20.26 -1.29
N SER C 90 -41.90 18.97 -1.61
CA SER C 90 -42.18 18.47 -2.95
C SER C 90 -43.56 18.87 -3.48
N ASN C 91 -44.58 18.75 -2.62
CA ASN C 91 -45.94 19.11 -3.01
C ASN C 91 -46.10 20.63 -2.94
N LEU C 92 -44.97 21.33 -2.92
CA LEU C 92 -44.97 22.79 -2.85
C LEU C 92 -43.91 23.39 -3.78
N SER C 93 -43.43 22.59 -4.74
CA SER C 93 -42.40 23.03 -5.67
C SER C 93 -42.83 24.24 -6.51
N ARG C 94 -44.04 24.18 -7.06
CA ARG C 94 -44.58 25.26 -7.89
C ARG C 94 -44.58 26.61 -7.20
N ASP C 95 -45.11 26.67 -5.98
CA ASP C 95 -45.17 27.91 -5.23
C ASP C 95 -43.75 28.38 -4.92
N LEU C 96 -43.00 27.55 -4.21
CA LEU C 96 -41.63 27.85 -3.80
C LEU C 96 -40.81 28.48 -4.94
N ALA C 97 -40.77 27.80 -6.08
CA ALA C 97 -40.03 28.29 -7.25
C ALA C 97 -40.53 29.65 -7.70
N ARG C 98 -41.77 29.96 -7.32
CA ARG C 98 -42.41 31.23 -7.65
C ARG C 98 -42.18 32.23 -6.52
N SER C 99 -41.70 31.73 -5.38
CA SER C 99 -41.40 32.58 -4.23
C SER C 99 -40.10 33.30 -4.51
N LEU C 100 -39.41 32.83 -5.55
CA LEU C 100 -38.15 33.41 -5.99
C LEU C 100 -38.31 33.58 -7.50
N SER C 101 -37.27 34.06 -8.18
CA SER C 101 -37.37 34.25 -9.62
C SER C 101 -36.58 33.22 -10.43
N THR C 102 -37.06 31.98 -10.41
CA THR C 102 -36.42 30.89 -11.16
C THR C 102 -37.50 30.11 -11.89
N VAL C 103 -37.22 29.73 -13.14
CA VAL C 103 -38.17 28.97 -13.95
C VAL C 103 -38.80 27.82 -13.16
N ALA C 104 -37.98 27.11 -12.39
CA ALA C 104 -38.45 25.99 -11.58
C ALA C 104 -37.43 25.55 -10.53
N VAL C 105 -37.90 24.75 -9.57
CA VAL C 105 -37.07 24.22 -8.51
C VAL C 105 -37.32 22.73 -8.41
N ARG C 106 -36.26 21.95 -8.14
CA ARG C 106 -36.42 20.52 -8.01
C ARG C 106 -36.16 20.07 -6.57
N VAL C 107 -37.15 19.40 -5.99
CA VAL C 107 -37.02 18.91 -4.62
C VAL C 107 -36.56 17.45 -4.64
N VAL C 108 -35.32 17.24 -4.22
CA VAL C 108 -34.76 15.89 -4.19
C VAL C 108 -34.98 15.34 -2.78
N GLU C 109 -35.90 14.38 -2.68
CA GLU C 109 -36.23 13.77 -1.40
C GLU C 109 -35.03 13.09 -0.72
N VAL C 110 -34.17 12.45 -1.50
CA VAL C 110 -33.02 11.78 -0.92
C VAL C 110 -31.70 12.09 -1.62
N ILE C 111 -30.77 12.65 -0.87
CA ILE C 111 -29.46 12.97 -1.40
C ILE C 111 -28.56 11.78 -1.01
N PRO C 112 -28.09 11.02 -2.01
CA PRO C 112 -27.24 9.88 -1.69
C PRO C 112 -26.11 10.19 -0.71
N GLY C 113 -26.13 9.49 0.42
CA GLY C 113 -25.09 9.66 1.42
C GLY C 113 -25.38 10.64 2.55
N LYS C 114 -26.34 11.55 2.33
CA LYS C 114 -26.67 12.55 3.35
C LYS C 114 -28.12 12.50 3.78
N PRO C 115 -28.38 12.75 5.08
CA PRO C 115 -29.73 12.74 5.64
C PRO C 115 -30.53 13.97 5.27
N TYR C 116 -29.90 14.86 4.49
CA TYR C 116 -30.52 16.12 4.09
C TYR C 116 -31.38 16.06 2.84
N VAL C 117 -32.30 17.02 2.73
CA VAL C 117 -33.17 17.15 1.57
C VAL C 117 -32.50 18.07 0.56
N GLY C 118 -32.64 17.75 -0.73
CA GLY C 118 -32.01 18.56 -1.76
C GLY C 118 -32.92 19.51 -2.49
N LEU C 119 -32.43 20.74 -2.69
CA LEU C 119 -33.15 21.77 -3.42
C LEU C 119 -32.28 22.28 -4.56
N GLU C 120 -32.63 21.92 -5.78
CA GLU C 120 -31.87 22.35 -6.94
C GLU C 120 -32.47 23.62 -7.56
N LEU C 121 -31.63 24.65 -7.66
CA LEU C 121 -32.01 25.93 -8.23
C LEU C 121 -31.11 26.24 -9.43
N PRO C 122 -31.68 26.78 -10.51
CA PRO C 122 -30.93 27.13 -11.71
C PRO C 122 -29.97 28.29 -11.52
N ASN C 123 -28.79 28.17 -12.14
CA ASN C 123 -27.80 29.23 -12.05
C ASN C 123 -28.15 30.37 -12.98
N LYS C 124 -27.73 31.58 -12.62
CA LYS C 124 -27.99 32.74 -13.44
C LYS C 124 -27.22 32.64 -14.75
N LYS C 125 -26.06 32.00 -14.69
CA LYS C 125 -25.22 31.82 -15.88
C LYS C 125 -25.04 30.33 -16.17
N ARG C 126 -25.78 29.82 -17.15
CA ARG C 126 -25.73 28.40 -17.50
C ARG C 126 -24.57 28.06 -18.46
N GLN C 127 -23.97 26.89 -18.27
CA GLN C 127 -22.88 26.45 -19.13
C GLN C 127 -23.35 25.39 -20.10
N THR C 128 -22.81 25.43 -21.31
CA THR C 128 -23.18 24.44 -22.31
C THR C 128 -22.34 23.21 -22.03
N VAL C 129 -22.90 22.04 -22.28
CA VAL C 129 -22.17 20.81 -22.08
C VAL C 129 -21.94 20.25 -23.46
N TYR C 130 -20.70 20.34 -23.93
CA TYR C 130 -20.35 19.88 -25.27
C TYR C 130 -20.08 18.39 -25.38
N LEU C 131 -20.61 17.81 -26.45
CA LEU C 131 -20.43 16.40 -26.71
C LEU C 131 -18.94 16.12 -26.64
N ARG C 132 -18.17 16.85 -27.44
CA ARG C 132 -16.73 16.69 -27.51
C ARG C 132 -15.97 16.65 -26.19
N GLU C 133 -16.47 17.34 -25.17
CA GLU C 133 -15.77 17.32 -23.90
C GLU C 133 -15.88 15.96 -23.20
N VAL C 134 -17.02 15.30 -23.40
CA VAL C 134 -17.24 13.99 -22.81
C VAL C 134 -16.60 12.89 -23.67
N LEU C 135 -16.60 13.06 -24.98
CA LEU C 135 -16.01 12.10 -25.89
C LEU C 135 -14.48 12.06 -25.77
N ASP C 136 -13.90 13.16 -25.32
CA ASP C 136 -12.45 13.23 -25.18
C ASP C 136 -12.04 12.81 -23.77
N ASN C 137 -13.01 12.43 -22.94
CA ASN C 137 -12.71 12.01 -21.58
C ASN C 137 -12.31 10.54 -21.51
N ALA C 138 -11.66 10.15 -20.42
CA ALA C 138 -11.23 8.77 -20.23
C ALA C 138 -12.44 7.83 -20.16
N LYS C 139 -13.42 8.19 -19.34
CA LYS C 139 -14.65 7.40 -19.14
C LYS C 139 -15.27 6.92 -20.44
N PHE C 140 -15.10 7.69 -21.51
CA PHE C 140 -15.63 7.26 -22.79
C PHE C 140 -14.49 6.59 -23.57
N ARG C 141 -13.27 7.11 -23.42
CA ARG C 141 -12.11 6.58 -24.11
C ARG C 141 -11.76 5.16 -23.70
N ASP C 142 -11.68 4.93 -22.39
CA ASP C 142 -11.32 3.64 -21.83
C ASP C 142 -12.37 2.53 -21.96
N ASN C 143 -13.65 2.87 -21.84
CA ASN C 143 -14.72 1.87 -21.93
C ASN C 143 -14.63 1.05 -23.22
N PRO C 144 -14.45 -0.28 -23.10
CA PRO C 144 -14.34 -1.15 -24.28
C PRO C 144 -15.61 -1.29 -25.10
N SER C 145 -16.77 -1.18 -24.46
CA SER C 145 -18.02 -1.37 -25.18
C SER C 145 -18.27 -0.44 -26.35
N PRO C 146 -18.62 -1.01 -27.50
CA PRO C 146 -18.91 -0.23 -28.73
C PRO C 146 -20.31 0.41 -28.65
N LEU C 147 -21.03 0.15 -27.56
CA LEU C 147 -22.36 0.71 -27.37
C LEU C 147 -22.31 1.69 -26.20
N THR C 148 -21.13 2.23 -25.97
CA THR C 148 -20.91 3.23 -24.92
C THR C 148 -21.51 4.53 -25.44
N VAL C 149 -22.32 5.19 -24.63
CA VAL C 149 -22.92 6.45 -25.06
C VAL C 149 -22.70 7.57 -24.05
N VAL C 150 -22.59 8.78 -24.56
CA VAL C 150 -22.42 9.96 -23.75
C VAL C 150 -23.79 10.48 -23.32
N LEU C 151 -23.93 10.79 -22.05
CA LEU C 151 -25.18 11.33 -21.54
C LEU C 151 -24.99 12.84 -21.39
N GLY C 152 -23.95 13.23 -20.66
CA GLY C 152 -23.66 14.64 -20.46
C GLY C 152 -22.73 14.85 -19.28
N LYS C 153 -23.21 15.55 -18.27
CA LYS C 153 -22.44 15.81 -17.07
C LYS C 153 -23.44 15.78 -15.92
N ASP C 154 -22.98 15.40 -14.73
CA ASP C 154 -23.89 15.37 -13.58
C ASP C 154 -23.96 16.76 -12.98
N ILE C 155 -24.85 16.92 -12.00
CA ILE C 155 -25.07 18.20 -11.34
C ILE C 155 -23.80 18.81 -10.79
N ALA C 156 -22.74 18.04 -10.69
CA ALA C 156 -21.49 18.57 -10.15
C ALA C 156 -20.38 18.76 -11.20
N GLY C 157 -20.76 18.67 -12.48
CA GLY C 157 -19.80 18.89 -13.55
C GLY C 157 -19.02 17.68 -14.02
N GLU C 158 -19.32 16.52 -13.45
CA GLU C 158 -18.61 15.31 -13.83
C GLU C 158 -19.27 14.63 -15.03
N PRO C 159 -18.46 14.22 -16.02
CA PRO C 159 -18.92 13.55 -17.23
C PRO C 159 -19.63 12.25 -16.93
N VAL C 160 -20.80 12.08 -17.54
CA VAL C 160 -21.61 10.88 -17.37
C VAL C 160 -21.73 10.11 -18.69
N VAL C 161 -21.26 8.87 -18.66
CA VAL C 161 -21.28 7.98 -19.81
C VAL C 161 -22.13 6.77 -19.41
N ALA C 162 -22.67 6.06 -20.40
CA ALA C 162 -23.51 4.89 -20.11
C ALA C 162 -23.35 3.86 -21.22
N ASP C 163 -23.53 2.59 -20.87
CA ASP C 163 -23.38 1.50 -21.82
C ASP C 163 -24.75 0.92 -22.21
N LEU C 164 -25.17 1.20 -23.43
CA LEU C 164 -26.46 0.74 -23.94
C LEU C 164 -26.60 -0.78 -23.74
N ALA C 165 -25.49 -1.50 -23.84
CA ALA C 165 -25.49 -2.94 -23.69
C ALA C 165 -25.89 -3.36 -22.29
N LYS C 166 -25.68 -2.47 -21.33
CA LYS C 166 -26.02 -2.76 -19.95
C LYS C 166 -27.42 -2.27 -19.57
N MET C 167 -28.04 -1.49 -20.43
CA MET C 167 -29.35 -0.93 -20.13
C MET C 167 -30.51 -1.91 -19.91
N PRO C 168 -30.74 -2.85 -20.84
CA PRO C 168 -30.04 -3.11 -22.10
C PRO C 168 -30.88 -2.52 -23.22
N HIS C 169 -31.99 -1.90 -22.85
CA HIS C 169 -32.91 -1.26 -23.77
C HIS C 169 -33.33 0.04 -23.11
N LEU C 170 -33.50 1.10 -23.89
CA LEU C 170 -33.91 2.35 -23.27
C LEU C 170 -35.07 3.06 -23.91
N LEU C 171 -35.65 3.94 -23.12
CA LEU C 171 -36.78 4.74 -23.51
C LEU C 171 -36.39 6.19 -23.26
N VAL C 172 -36.47 7.01 -24.30
CA VAL C 172 -36.14 8.42 -24.16
C VAL C 172 -37.45 9.18 -24.37
N ALA C 173 -37.75 10.11 -23.46
CA ALA C 173 -38.99 10.88 -23.55
C ALA C 173 -38.91 12.29 -22.98
N GLY C 174 -39.76 13.16 -23.50
CA GLY C 174 -39.80 14.54 -23.04
C GLY C 174 -40.77 15.32 -23.91
N THR C 175 -40.70 16.65 -23.88
CA THR C 175 -41.58 17.46 -24.71
C THR C 175 -40.85 17.79 -26.00
N THR C 176 -41.43 18.65 -26.84
CA THR C 176 -40.84 18.96 -28.13
C THR C 176 -39.43 19.55 -28.16
N GLY C 177 -39.22 20.75 -27.63
CA GLY C 177 -37.88 21.29 -27.69
C GLY C 177 -37.04 21.11 -26.42
N SER C 178 -37.26 20.02 -25.69
CA SER C 178 -36.53 19.79 -24.44
C SER C 178 -35.18 19.07 -24.57
N GLY C 179 -34.93 18.41 -25.68
CA GLY C 179 -33.65 17.75 -25.84
C GLY C 179 -33.62 16.27 -26.21
N ALA C 180 -34.78 15.65 -26.32
CA ALA C 180 -34.81 14.24 -26.68
C ALA C 180 -34.13 13.97 -28.01
N SER C 181 -34.39 14.82 -29.01
CA SER C 181 -33.79 14.60 -30.33
C SER C 181 -32.28 14.80 -30.33
N VAL C 182 -31.82 15.83 -29.63
CA VAL C 182 -30.39 16.08 -29.56
C VAL C 182 -29.74 14.95 -28.75
N GLY C 183 -30.46 14.51 -27.72
CA GLY C 183 -29.96 13.44 -26.88
C GLY C 183 -29.75 12.14 -27.65
N VAL C 184 -30.68 11.80 -28.52
CA VAL C 184 -30.56 10.61 -29.34
C VAL C 184 -29.35 10.82 -30.25
N ASN C 185 -29.28 11.98 -30.89
CA ASN C 185 -28.15 12.27 -31.78
C ASN C 185 -26.81 12.10 -31.04
N ALA C 186 -26.78 12.48 -29.78
CA ALA C 186 -25.57 12.36 -28.98
C ALA C 186 -25.23 10.89 -28.82
N MET C 187 -26.24 10.04 -28.71
CA MET C 187 -26.00 8.62 -28.53
C MET C 187 -25.45 7.98 -29.79
N ILE C 188 -26.11 8.23 -30.91
CA ILE C 188 -25.66 7.67 -32.17
C ILE C 188 -24.23 8.14 -32.47
N LEU C 189 -23.99 9.46 -32.35
CA LEU C 189 -22.65 9.99 -32.62
C LEU C 189 -21.63 9.38 -31.70
N SER C 190 -22.03 9.09 -30.46
CA SER C 190 -21.15 8.46 -29.49
C SER C 190 -20.63 7.17 -30.11
N MET C 191 -21.56 6.38 -30.62
CA MET C 191 -21.19 5.11 -31.23
C MET C 191 -20.41 5.28 -32.52
N LEU C 192 -20.78 6.28 -33.33
CA LEU C 192 -20.04 6.50 -34.57
C LEU C 192 -18.59 6.91 -34.27
N TYR C 193 -18.32 7.24 -33.01
CA TYR C 193 -16.98 7.65 -32.62
C TYR C 193 -16.20 6.53 -31.94
N LYS C 194 -16.69 5.31 -32.03
CA LYS C 194 -16.00 4.19 -31.40
C LYS C 194 -16.28 2.87 -32.09
N ALA C 195 -17.32 2.83 -32.93
CA ALA C 195 -17.65 1.58 -33.60
C ALA C 195 -17.47 1.58 -35.12
N GLN C 196 -17.07 0.44 -35.64
CA GLN C 196 -16.91 0.27 -37.06
C GLN C 196 -18.18 -0.51 -37.37
N PRO C 197 -18.62 -0.49 -38.62
CA PRO C 197 -19.84 -1.25 -38.88
C PRO C 197 -19.81 -2.67 -38.32
N GLU C 198 -18.65 -3.32 -38.35
CA GLU C 198 -18.54 -4.70 -37.87
C GLU C 198 -18.82 -4.81 -36.38
N ASP C 199 -18.72 -3.69 -35.67
CA ASP C 199 -18.99 -3.69 -34.23
C ASP C 199 -20.47 -3.42 -33.97
N VAL C 200 -21.04 -2.47 -34.70
CA VAL C 200 -22.44 -2.10 -34.51
C VAL C 200 -23.20 -1.73 -35.77
N ARG C 201 -24.37 -2.34 -35.94
CA ARG C 201 -25.21 -2.03 -37.08
C ARG C 201 -26.52 -1.45 -36.53
N PHE C 202 -27.12 -0.51 -37.27
CA PHE C 202 -28.38 0.09 -36.84
C PHE C 202 -29.54 -0.22 -37.75
N ILE C 203 -30.73 -0.19 -37.16
CA ILE C 203 -31.98 -0.36 -37.89
C ILE C 203 -32.73 0.88 -37.43
N MET C 204 -32.86 1.85 -38.31
CA MET C 204 -33.53 3.07 -37.92
C MET C 204 -34.96 3.18 -38.44
N ILE C 205 -35.89 3.37 -37.50
CA ILE C 205 -37.33 3.48 -37.77
C ILE C 205 -37.80 4.93 -37.67
N ASP C 206 -37.93 5.64 -38.77
CA ASP C 206 -38.43 7.01 -38.73
C ASP C 206 -39.76 7.04 -39.48
N PRO C 207 -40.83 6.52 -38.86
CA PRO C 207 -42.16 6.48 -39.49
C PRO C 207 -42.61 7.79 -40.13
N LYS C 208 -42.56 8.89 -39.39
CA LYS C 208 -42.98 10.17 -39.95
C LYS C 208 -41.89 11.24 -39.92
N MET C 209 -41.96 12.12 -40.92
CA MET C 209 -41.02 13.22 -41.06
C MET C 209 -39.58 12.72 -41.19
N LEU C 210 -38.66 13.67 -41.30
CA LEU C 210 -37.25 13.35 -41.46
C LEU C 210 -36.46 13.75 -40.23
N GLU C 211 -35.90 12.78 -39.53
CA GLU C 211 -35.09 13.06 -38.36
C GLU C 211 -33.90 12.11 -38.39
N LEU C 212 -34.20 10.82 -38.47
CA LEU C 212 -33.15 9.82 -38.53
C LEU C 212 -32.59 9.76 -39.96
N SER C 213 -33.31 10.36 -40.90
CA SER C 213 -32.92 10.36 -42.31
C SER C 213 -31.59 11.06 -42.55
N VAL C 214 -31.12 11.81 -41.56
CA VAL C 214 -29.88 12.51 -41.69
C VAL C 214 -28.70 11.53 -41.63
N TYR C 215 -29.02 10.28 -41.31
CA TYR C 215 -28.03 9.21 -41.19
C TYR C 215 -28.05 8.25 -42.38
N GLU C 216 -28.97 8.47 -43.31
CA GLU C 216 -29.08 7.61 -44.50
C GLU C 216 -27.73 7.55 -45.21
N GLY C 217 -27.32 6.34 -45.59
CA GLY C 217 -26.04 6.18 -46.28
C GLY C 217 -24.87 5.83 -45.38
N ILE C 218 -25.10 5.79 -44.07
CA ILE C 218 -24.07 5.44 -43.11
C ILE C 218 -23.78 3.93 -43.31
N PRO C 219 -22.49 3.54 -43.37
CA PRO C 219 -22.18 2.11 -43.55
C PRO C 219 -22.72 1.20 -42.44
N HIS C 220 -23.06 1.79 -41.31
CA HIS C 220 -23.59 1.01 -40.19
C HIS C 220 -25.04 0.55 -40.39
N LEU C 221 -25.83 1.32 -41.14
CA LEU C 221 -27.23 0.94 -41.39
C LEU C 221 -27.34 -0.45 -41.99
N LEU C 222 -28.19 -1.29 -41.41
CA LEU C 222 -28.42 -2.65 -41.90
C LEU C 222 -29.41 -2.62 -43.07
N THR C 223 -30.27 -1.61 -43.05
CA THR C 223 -31.28 -1.43 -44.09
C THR C 223 -31.55 0.08 -44.19
N GLU C 224 -32.23 0.51 -45.25
CA GLU C 224 -32.52 1.93 -45.43
C GLU C 224 -33.44 2.38 -44.30
N VAL C 225 -33.33 3.64 -43.89
CA VAL C 225 -34.17 4.16 -42.82
C VAL C 225 -35.61 3.76 -43.11
N VAL C 226 -36.20 2.99 -42.19
CA VAL C 226 -37.57 2.53 -42.39
C VAL C 226 -38.59 3.66 -42.21
N THR C 227 -39.39 3.88 -43.25
CA THR C 227 -40.40 4.94 -43.22
C THR C 227 -41.84 4.42 -43.19
N ASP C 228 -42.08 3.24 -43.76
CA ASP C 228 -43.43 2.71 -43.73
C ASP C 228 -43.64 2.08 -42.35
N MET C 229 -44.78 2.35 -41.74
CA MET C 229 -45.08 1.82 -40.41
C MET C 229 -45.22 0.30 -40.38
N LYS C 230 -45.62 -0.28 -41.50
CA LYS C 230 -45.79 -1.73 -41.59
C LYS C 230 -44.44 -2.40 -41.73
N ASP C 231 -43.51 -1.71 -42.36
CA ASP C 231 -42.19 -2.24 -42.52
C ASP C 231 -41.57 -2.30 -41.13
N ALA C 232 -41.96 -1.35 -40.28
CA ALA C 232 -41.43 -1.27 -38.91
C ALA C 232 -41.69 -2.56 -38.17
N ALA C 233 -42.93 -3.03 -38.24
CA ALA C 233 -43.29 -4.29 -37.59
C ALA C 233 -42.41 -5.38 -38.13
N ASN C 234 -42.26 -5.43 -39.46
CA ASN C 234 -41.45 -6.44 -40.11
C ASN C 234 -39.98 -6.43 -39.66
N ALA C 235 -39.42 -5.23 -39.51
CA ALA C 235 -38.04 -5.08 -39.09
C ALA C 235 -37.88 -5.73 -37.75
N LEU C 236 -38.80 -5.40 -36.84
CA LEU C 236 -38.79 -5.96 -35.50
C LEU C 236 -38.87 -7.48 -35.58
N ARG C 237 -39.82 -7.98 -36.37
CA ARG C 237 -39.96 -9.42 -36.51
C ARG C 237 -38.63 -10.01 -37.02
N TRP C 238 -37.92 -9.28 -37.86
CA TRP C 238 -36.65 -9.76 -38.37
C TRP C 238 -35.75 -9.95 -37.15
N CYS C 239 -35.67 -8.91 -36.32
CA CYS C 239 -34.86 -8.94 -35.12
C CYS C 239 -35.16 -10.16 -34.26
N VAL C 240 -36.43 -10.49 -34.11
CA VAL C 240 -36.82 -11.63 -33.29
C VAL C 240 -36.23 -12.95 -33.80
N ASN C 241 -36.21 -13.12 -35.12
CA ASN C 241 -35.67 -14.32 -35.72
C ASN C 241 -34.15 -14.30 -35.66
N GLU C 242 -33.56 -13.12 -35.84
CA GLU C 242 -32.12 -12.97 -35.80
C GLU C 242 -31.62 -13.33 -34.41
N MET C 243 -32.43 -13.02 -33.40
CA MET C 243 -32.09 -13.32 -32.02
C MET C 243 -32.12 -14.82 -31.79
N GLU C 244 -33.11 -15.49 -32.36
CA GLU C 244 -33.22 -16.93 -32.20
C GLU C 244 -32.05 -17.61 -32.93
N ARG C 245 -31.73 -17.10 -34.12
CA ARG C 245 -30.63 -17.69 -34.89
C ARG C 245 -29.34 -17.58 -34.09
N ARG C 246 -29.07 -16.38 -33.57
CA ARG C 246 -27.87 -16.17 -32.78
C ARG C 246 -27.86 -17.06 -31.55
N TYR C 247 -29.01 -17.21 -30.90
CA TYR C 247 -29.08 -18.05 -29.72
C TYR C 247 -28.77 -19.51 -30.03
N LYS C 248 -29.20 -20.00 -31.18
CA LYS C 248 -28.90 -21.38 -31.55
C LYS C 248 -27.38 -21.53 -31.57
N LEU C 249 -26.74 -20.67 -32.35
CA LEU C 249 -25.29 -20.68 -32.50
C LEU C 249 -24.59 -20.59 -31.15
N MET C 250 -25.03 -19.67 -30.31
CA MET C 250 -24.40 -19.51 -29.00
C MET C 250 -24.40 -20.79 -28.18
N SER C 251 -25.39 -21.65 -28.42
CA SER C 251 -25.48 -22.91 -27.70
C SER C 251 -24.44 -23.85 -28.29
N ALA C 252 -24.40 -23.94 -29.62
CA ALA C 252 -23.45 -24.80 -30.29
C ALA C 252 -22.03 -24.60 -29.77
N LEU C 253 -21.68 -23.37 -29.43
CA LEU C 253 -20.34 -23.08 -28.95
C LEU C 253 -20.25 -23.03 -27.44
N GLY C 254 -21.39 -23.24 -26.77
CA GLY C 254 -21.38 -23.18 -25.33
C GLY C 254 -20.95 -21.80 -24.86
N VAL C 255 -21.70 -20.78 -25.28
CA VAL C 255 -21.41 -19.41 -24.91
C VAL C 255 -22.67 -18.70 -24.40
N ARG C 256 -22.49 -17.78 -23.45
CA ARG C 256 -23.61 -17.05 -22.86
C ARG C 256 -24.07 -15.79 -23.60
N ASN C 257 -23.12 -14.96 -24.01
CA ASN C 257 -23.48 -13.74 -24.73
C ASN C 257 -22.77 -13.58 -26.07
N LEU C 258 -23.13 -12.54 -26.79
CA LEU C 258 -22.56 -12.24 -28.11
C LEU C 258 -21.05 -12.06 -28.04
N ALA C 259 -20.59 -11.51 -26.92
CA ALA C 259 -19.16 -11.28 -26.73
C ALA C 259 -18.39 -12.59 -26.71
N GLY C 260 -18.91 -13.58 -25.99
CA GLY C 260 -18.24 -14.85 -25.92
C GLY C 260 -18.24 -15.51 -27.28
N TYR C 261 -19.31 -15.30 -28.02
CA TYR C 261 -19.44 -15.85 -29.36
C TYR C 261 -18.33 -15.34 -30.29
N ASN C 262 -18.14 -14.02 -30.30
CA ASN C 262 -17.14 -13.38 -31.15
C ASN C 262 -15.72 -13.74 -30.77
N GLU C 263 -15.47 -14.00 -29.49
CA GLU C 263 -14.12 -14.38 -29.03
C GLU C 263 -13.80 -15.78 -29.51
N LYS C 264 -14.83 -16.60 -29.71
CA LYS C 264 -14.66 -17.97 -30.17
C LYS C 264 -14.25 -17.84 -31.63
N ILE C 265 -14.95 -16.96 -32.34
CA ILE C 265 -14.71 -16.70 -33.75
C ILE C 265 -13.32 -16.06 -33.93
N ALA C 266 -12.96 -15.17 -33.00
CA ALA C 266 -11.67 -14.51 -33.08
C ALA C 266 -10.58 -15.56 -32.90
N GLU C 267 -10.87 -16.54 -32.05
CA GLU C 267 -9.96 -17.63 -31.73
C GLU C 267 -9.79 -18.44 -33.02
N ALA C 268 -10.90 -18.91 -33.55
CA ALA C 268 -10.85 -19.68 -34.79
C ALA C 268 -10.06 -18.89 -35.85
N ASP C 269 -10.20 -17.57 -35.85
CA ASP C 269 -9.49 -16.74 -36.84
C ASP C 269 -7.97 -16.75 -36.67
N ARG C 270 -7.50 -16.60 -35.44
CA ARG C 270 -6.06 -16.61 -35.17
C ARG C 270 -5.41 -17.95 -35.50
N MET C 271 -6.18 -19.04 -35.37
CA MET C 271 -5.67 -20.38 -35.63
C MET C 271 -6.01 -20.81 -37.05
N MET C 272 -6.57 -19.91 -37.84
CA MET C 272 -6.96 -20.25 -39.20
C MET C 272 -7.73 -21.56 -39.20
N ARG C 273 -8.53 -21.72 -38.14
CA ARG C 273 -9.37 -22.90 -37.93
C ARG C 273 -10.81 -22.41 -38.02
N PRO C 274 -11.27 -22.09 -39.23
CA PRO C 274 -12.64 -21.61 -39.42
C PRO C 274 -13.65 -22.61 -38.86
N ILE C 275 -14.67 -22.09 -38.19
CA ILE C 275 -15.72 -22.91 -37.58
C ILE C 275 -16.90 -23.02 -38.52
N PRO C 276 -17.20 -24.22 -39.00
CA PRO C 276 -18.34 -24.36 -39.91
C PRO C 276 -19.69 -24.31 -39.19
N ASP C 277 -20.68 -23.71 -39.85
CA ASP C 277 -22.03 -23.59 -39.34
C ASP C 277 -22.47 -24.98 -38.89
N PRO C 278 -22.63 -25.20 -37.58
CA PRO C 278 -23.05 -26.50 -37.06
C PRO C 278 -24.49 -26.88 -37.35
N TYR C 279 -25.24 -26.01 -37.99
CA TYR C 279 -26.64 -26.30 -38.29
C TYR C 279 -26.91 -26.49 -39.78
N TRP C 280 -25.85 -26.38 -40.58
CA TRP C 280 -25.99 -26.54 -42.02
C TRP C 280 -25.93 -28.01 -42.43
N HIS C 290 -21.07 -24.34 -47.76
CA HIS C 290 -21.53 -24.39 -46.38
C HIS C 290 -20.66 -23.48 -45.60
N PRO C 291 -21.27 -22.38 -45.18
CA PRO C 291 -20.75 -21.26 -44.42
C PRO C 291 -19.88 -21.61 -43.24
N VAL C 292 -19.04 -20.66 -42.91
CA VAL C 292 -18.14 -20.71 -41.78
C VAL C 292 -18.72 -19.59 -40.92
N LEU C 293 -18.77 -19.79 -39.62
CA LEU C 293 -19.31 -18.74 -38.76
C LEU C 293 -18.41 -17.52 -38.81
N LYS C 294 -19.03 -16.35 -38.78
CA LYS C 294 -18.30 -15.09 -38.83
C LYS C 294 -18.71 -14.23 -37.63
N LYS C 295 -17.99 -13.14 -37.41
CA LYS C 295 -18.31 -12.27 -36.28
C LYS C 295 -19.67 -11.61 -36.48
N GLU C 296 -20.41 -11.48 -35.39
CA GLU C 296 -21.74 -10.90 -35.44
C GLU C 296 -21.71 -9.53 -34.76
N PRO C 297 -22.28 -8.52 -35.40
CA PRO C 297 -22.26 -7.20 -34.76
C PRO C 297 -23.46 -6.98 -33.82
N TYR C 298 -23.34 -6.03 -32.90
CA TYR C 298 -24.46 -5.72 -32.03
C TYR C 298 -25.43 -5.00 -32.95
N ILE C 299 -26.72 -5.24 -32.77
CA ILE C 299 -27.70 -4.57 -33.60
C ILE C 299 -28.47 -3.60 -32.71
N VAL C 300 -28.37 -2.31 -33.02
CA VAL C 300 -29.05 -1.28 -32.25
C VAL C 300 -30.26 -0.78 -33.03
N VAL C 301 -31.46 -1.14 -32.57
CA VAL C 301 -32.68 -0.72 -33.24
C VAL C 301 -33.12 0.63 -32.68
N LEU C 302 -33.19 1.63 -33.56
CA LEU C 302 -33.56 2.99 -33.16
C LEU C 302 -34.93 3.41 -33.71
N VAL C 303 -35.86 3.73 -32.82
CA VAL C 303 -37.20 4.15 -33.24
C VAL C 303 -37.54 5.58 -32.86
N ASP C 304 -37.49 6.48 -33.84
CA ASP C 304 -37.78 7.89 -33.62
C ASP C 304 -39.29 8.16 -33.51
N GLU C 305 -39.72 8.61 -32.35
CA GLU C 305 -41.13 8.88 -32.11
C GLU C 305 -41.92 7.59 -32.28
N PHE C 306 -41.73 6.66 -31.35
CA PHE C 306 -42.43 5.40 -31.46
C PHE C 306 -43.91 5.59 -31.16
N ALA C 307 -44.33 6.83 -30.97
CA ALA C 307 -45.75 7.10 -30.71
C ALA C 307 -46.47 6.82 -32.03
N ASP C 308 -45.96 7.38 -33.11
CA ASP C 308 -46.57 7.14 -34.41
C ASP C 308 -46.73 5.63 -34.60
N LEU C 309 -45.70 4.89 -34.25
CA LEU C 309 -45.73 3.44 -34.35
C LEU C 309 -46.89 2.89 -33.52
N MET C 310 -47.09 3.46 -32.32
CA MET C 310 -48.15 3.00 -31.42
C MET C 310 -49.55 3.47 -31.80
N MET C 311 -49.66 4.70 -32.29
CA MET C 311 -50.95 5.25 -32.67
C MET C 311 -51.47 4.72 -34.00
N THR C 312 -50.93 3.59 -34.47
CA THR C 312 -51.38 3.03 -35.73
C THR C 312 -51.16 1.52 -35.83
N VAL C 313 -50.17 1.02 -35.10
CA VAL C 313 -49.84 -0.40 -35.11
C VAL C 313 -49.58 -0.87 -33.67
N GLY C 314 -49.90 0.00 -32.74
CA GLY C 314 -49.70 -0.27 -31.32
C GLY C 314 -49.72 -1.68 -30.73
N LYS C 315 -50.80 -2.43 -30.94
CA LYS C 315 -50.88 -3.78 -30.36
C LYS C 315 -49.87 -4.77 -30.94
N LYS C 316 -49.77 -4.80 -32.27
CA LYS C 316 -48.84 -5.70 -32.92
C LYS C 316 -47.40 -5.37 -32.53
N VAL C 317 -47.09 -4.08 -32.51
CA VAL C 317 -45.76 -3.60 -32.14
C VAL C 317 -45.45 -3.95 -30.69
N GLU C 318 -46.35 -3.62 -29.77
CA GLU C 318 -46.13 -3.95 -28.38
C GLU C 318 -45.73 -5.41 -28.29
N GLU C 319 -46.53 -6.26 -28.94
CA GLU C 319 -46.29 -7.68 -28.94
C GLU C 319 -44.82 -7.98 -29.28
N LEU C 320 -44.33 -7.38 -30.36
CA LEU C 320 -42.95 -7.59 -30.80
C LEU C 320 -41.87 -6.99 -29.88
N ILE C 321 -42.08 -5.75 -29.46
CA ILE C 321 -41.13 -5.09 -28.58
C ILE C 321 -40.89 -5.88 -27.29
N ALA C 322 -41.97 -6.42 -26.72
CA ALA C 322 -41.87 -7.18 -25.48
C ALA C 322 -41.00 -8.41 -25.65
N ARG C 323 -41.23 -9.16 -26.72
CA ARG C 323 -40.43 -10.34 -26.93
C ARG C 323 -38.96 -9.99 -27.04
N LEU C 324 -38.65 -8.96 -27.82
CA LEU C 324 -37.27 -8.54 -27.99
C LEU C 324 -36.66 -8.09 -26.67
N ALA C 325 -37.34 -7.16 -26.00
CA ALA C 325 -36.88 -6.63 -24.73
C ALA C 325 -36.56 -7.70 -23.69
N GLN C 326 -37.28 -8.82 -23.75
CA GLN C 326 -37.08 -9.88 -22.78
C GLN C 326 -35.81 -10.72 -22.91
N LYS C 327 -35.44 -11.10 -24.13
CA LYS C 327 -34.26 -11.94 -24.34
C LYS C 327 -33.22 -11.50 -25.37
N ALA C 328 -33.31 -10.27 -25.88
CA ALA C 328 -32.36 -9.85 -26.89
C ALA C 328 -31.01 -9.40 -26.39
N ARG C 329 -30.87 -9.15 -25.10
CA ARG C 329 -29.59 -8.69 -24.57
C ARG C 329 -28.40 -9.60 -24.86
N ALA C 330 -28.43 -10.82 -24.32
CA ALA C 330 -27.34 -11.76 -24.52
C ALA C 330 -27.05 -11.95 -26.02
N ALA C 331 -28.05 -11.71 -26.87
CA ALA C 331 -27.88 -11.85 -28.32
C ALA C 331 -27.34 -10.59 -28.99
N GLY C 332 -27.05 -9.56 -28.21
CA GLY C 332 -26.52 -8.35 -28.79
C GLY C 332 -27.51 -7.44 -29.51
N ILE C 333 -28.80 -7.65 -29.26
CA ILE C 333 -29.81 -6.80 -29.88
C ILE C 333 -30.40 -5.85 -28.86
N HIS C 334 -30.34 -4.55 -29.14
CA HIS C 334 -30.83 -3.55 -28.19
C HIS C 334 -31.80 -2.53 -28.76
N LEU C 335 -32.86 -2.27 -27.99
CA LEU C 335 -33.89 -1.34 -28.39
C LEU C 335 -33.75 0.02 -27.75
N VAL C 336 -34.05 1.06 -28.53
CA VAL C 336 -34.05 2.43 -28.08
C VAL C 336 -35.31 3.05 -28.64
N LEU C 337 -36.24 3.40 -27.76
CA LEU C 337 -37.49 4.01 -28.21
C LEU C 337 -37.53 5.47 -27.77
N ALA C 338 -37.72 6.36 -28.73
CA ALA C 338 -37.78 7.78 -28.45
C ALA C 338 -39.18 8.31 -28.72
N THR C 339 -39.63 9.23 -27.86
CA THR C 339 -40.95 9.83 -28.02
C THR C 339 -41.01 11.22 -27.42
N GLN C 340 -41.95 12.01 -27.89
CA GLN C 340 -42.15 13.35 -27.35
C GLN C 340 -43.64 13.53 -27.08
N ARG C 341 -44.31 12.38 -27.03
CA ARG C 341 -45.73 12.31 -26.75
C ARG C 341 -45.87 11.29 -25.63
N PRO C 342 -45.34 11.63 -24.44
CA PRO C 342 -45.40 10.77 -23.26
C PRO C 342 -46.84 10.70 -22.76
N SER C 343 -47.55 9.64 -23.15
CA SER C 343 -48.93 9.46 -22.73
C SER C 343 -49.13 7.98 -22.43
N VAL C 344 -49.96 7.70 -21.43
CA VAL C 344 -50.23 6.33 -21.03
C VAL C 344 -50.64 5.47 -22.23
N ASP C 345 -50.89 6.14 -23.36
CA ASP C 345 -51.30 5.46 -24.57
C ASP C 345 -50.09 5.04 -25.39
N VAL C 346 -48.96 5.71 -25.14
CA VAL C 346 -47.71 5.44 -25.81
C VAL C 346 -46.82 4.64 -24.86
N ILE C 347 -46.51 5.25 -23.72
CA ILE C 347 -45.71 4.60 -22.71
C ILE C 347 -46.67 3.71 -21.92
N THR C 348 -47.07 2.60 -22.53
CA THR C 348 -48.00 1.70 -21.87
C THR C 348 -47.35 0.87 -20.78
N GLY C 349 -48.17 0.10 -20.09
CA GLY C 349 -47.67 -0.76 -19.03
C GLY C 349 -46.67 -1.77 -19.58
N LEU C 350 -47.07 -2.52 -20.61
CA LEU C 350 -46.18 -3.50 -21.19
C LEU C 350 -44.85 -2.87 -21.60
N ILE C 351 -44.90 -1.73 -22.28
CA ILE C 351 -43.67 -1.09 -22.72
C ILE C 351 -42.81 -0.78 -21.50
N LYS C 352 -43.41 -0.17 -20.49
CA LYS C 352 -42.67 0.17 -19.27
C LYS C 352 -42.18 -1.04 -18.51
N ALA C 353 -42.87 -2.17 -18.69
CA ALA C 353 -42.49 -3.39 -18.01
C ALA C 353 -41.35 -4.10 -18.73
N ASN C 354 -41.17 -3.77 -20.00
CA ASN C 354 -40.10 -4.41 -20.76
C ASN C 354 -38.87 -3.53 -21.03
N ILE C 355 -38.98 -2.24 -20.75
CA ILE C 355 -37.84 -1.35 -20.93
C ILE C 355 -37.46 -0.79 -19.56
N PRO C 356 -36.44 -1.42 -18.91
CA PRO C 356 -35.93 -1.06 -17.59
C PRO C 356 -35.28 0.30 -17.50
N THR C 357 -34.46 0.64 -18.48
CA THR C 357 -33.79 1.94 -18.46
C THR C 357 -34.61 3.00 -19.18
N ARG C 358 -34.81 4.14 -18.52
CA ARG C 358 -35.59 5.23 -19.11
C ARG C 358 -34.93 6.58 -18.90
N ILE C 359 -35.07 7.46 -19.89
CA ILE C 359 -34.53 8.80 -19.77
C ILE C 359 -35.68 9.79 -19.96
N ALA C 360 -35.82 10.69 -19.01
CA ALA C 360 -36.87 11.71 -19.09
C ALA C 360 -36.31 13.12 -19.24
N PHE C 361 -36.43 13.71 -20.42
CA PHE C 361 -36.01 15.09 -20.59
C PHE C 361 -37.20 15.91 -20.04
N THR C 362 -37.04 17.21 -19.88
CA THR C 362 -38.11 18.05 -19.34
C THR C 362 -39.48 17.77 -19.95
N VAL C 363 -40.47 17.51 -19.09
CA VAL C 363 -41.85 17.29 -19.52
C VAL C 363 -42.73 18.38 -18.92
N SER C 364 -43.94 18.55 -19.45
CA SER C 364 -44.83 19.60 -18.97
C SER C 364 -45.58 19.36 -17.64
N SER C 365 -45.74 18.11 -17.23
CA SER C 365 -46.46 17.87 -15.98
C SER C 365 -45.97 16.66 -15.21
N LYS C 366 -46.39 16.56 -13.96
CA LYS C 366 -46.01 15.45 -13.08
C LYS C 366 -46.48 14.09 -13.59
N ILE C 367 -47.71 14.00 -14.09
CA ILE C 367 -48.18 12.70 -14.55
C ILE C 367 -47.39 12.25 -15.78
N ASP C 368 -46.94 13.21 -16.58
CA ASP C 368 -46.16 12.88 -17.76
C ASP C 368 -44.88 12.25 -17.27
N SER C 369 -44.24 12.91 -16.31
CA SER C 369 -43.01 12.41 -15.73
C SER C 369 -43.24 11.04 -15.10
N ARG C 370 -44.35 10.90 -14.38
CA ARG C 370 -44.64 9.63 -13.75
C ARG C 370 -44.82 8.54 -14.78
N THR C 371 -45.45 8.85 -15.88
CA THR C 371 -45.63 7.85 -16.92
C THR C 371 -44.24 7.43 -17.41
N ILE C 372 -43.31 8.38 -17.45
CA ILE C 372 -41.95 8.12 -17.90
C ILE C 372 -41.13 7.36 -16.88
N LEU C 373 -40.96 7.95 -15.70
CA LEU C 373 -40.14 7.36 -14.63
C LEU C 373 -40.90 6.71 -13.48
N ASP C 374 -42.22 6.80 -13.49
CA ASP C 374 -43.03 6.26 -12.40
C ASP C 374 -42.62 7.06 -11.15
N GLN C 375 -42.39 8.35 -11.36
CA GLN C 375 -41.95 9.24 -10.30
C GLN C 375 -41.85 10.67 -10.83
N ALA C 376 -42.20 11.65 -9.99
CA ALA C 376 -42.16 13.05 -10.40
C ALA C 376 -40.72 13.57 -10.43
N GLY C 377 -40.53 14.74 -11.02
CA GLY C 377 -39.21 15.34 -11.11
C GLY C 377 -38.86 15.90 -12.48
N ALA C 378 -39.21 15.18 -13.55
CA ALA C 378 -38.92 15.61 -14.92
C ALA C 378 -39.61 16.89 -15.34
N GLU C 379 -40.67 17.25 -14.61
CA GLU C 379 -41.41 18.47 -14.90
C GLU C 379 -40.83 19.65 -14.16
N SER C 380 -39.64 19.43 -13.58
CA SER C 380 -38.92 20.46 -12.83
C SER C 380 -37.52 20.66 -13.42
N LEU C 381 -37.34 20.18 -14.64
CA LEU C 381 -36.05 20.33 -15.31
C LEU C 381 -36.02 21.63 -16.11
N LEU C 382 -34.81 22.13 -16.38
CA LEU C 382 -34.61 23.38 -17.11
C LEU C 382 -34.48 23.26 -18.62
N GLY C 383 -35.12 22.25 -19.21
CA GLY C 383 -35.04 22.07 -20.65
C GLY C 383 -33.63 22.11 -21.21
N MET C 384 -33.53 22.10 -22.53
CA MET C 384 -32.25 22.15 -23.24
C MET C 384 -31.22 21.09 -22.83
N GLY C 385 -31.64 19.84 -22.75
CA GLY C 385 -30.72 18.77 -22.40
C GLY C 385 -30.89 18.21 -21.01
N ASP C 386 -31.26 19.08 -20.07
CA ASP C 386 -31.45 18.68 -18.67
C ASP C 386 -32.31 17.43 -18.65
N MET C 387 -31.84 16.37 -17.99
CA MET C 387 -32.60 15.14 -17.96
C MET C 387 -32.54 14.39 -16.64
N LEU C 388 -33.35 13.34 -16.54
CA LEU C 388 -33.38 12.49 -15.35
C LEU C 388 -33.21 11.09 -15.89
N TYR C 389 -32.12 10.44 -15.50
CA TYR C 389 -31.82 9.08 -15.96
C TYR C 389 -32.28 8.07 -14.92
N SER C 390 -32.89 6.96 -15.36
CA SER C 390 -33.34 5.93 -14.42
C SER C 390 -33.05 4.48 -14.85
N GLY C 391 -31.88 3.99 -14.46
CA GLY C 391 -31.49 2.63 -14.81
C GLY C 391 -32.27 1.55 -14.08
N PRO C 392 -32.05 0.27 -14.42
CA PRO C 392 -32.76 -0.84 -13.78
C PRO C 392 -32.19 -1.30 -12.44
N ASN C 393 -30.96 -0.91 -12.14
CA ASN C 393 -30.30 -1.33 -10.90
C ASN C 393 -30.33 -0.30 -9.76
N SER C 394 -31.44 0.42 -9.66
CA SER C 394 -31.63 1.41 -8.59
C SER C 394 -32.98 2.09 -8.75
N THR C 395 -33.49 2.59 -7.64
CA THR C 395 -34.78 3.25 -7.61
C THR C 395 -34.58 4.76 -7.70
N LEU C 396 -33.37 5.20 -7.37
CA LEU C 396 -33.06 6.62 -7.39
C LEU C 396 -32.67 7.12 -8.77
N PRO C 397 -33.35 8.17 -9.27
CA PRO C 397 -33.01 8.69 -10.60
C PRO C 397 -31.82 9.61 -10.44
N VAL C 398 -31.08 9.80 -11.53
CA VAL C 398 -29.91 10.66 -11.52
C VAL C 398 -30.10 11.78 -12.53
N ARG C 399 -29.91 13.01 -12.09
CA ARG C 399 -30.06 14.14 -12.99
C ARG C 399 -28.80 14.33 -13.81
N VAL C 400 -28.97 14.46 -15.11
CA VAL C 400 -27.83 14.65 -15.99
C VAL C 400 -28.17 15.76 -16.97
N HIS C 401 -27.20 16.63 -17.23
CA HIS C 401 -27.38 17.73 -18.18
C HIS C 401 -26.82 17.20 -19.50
N GLY C 402 -27.71 16.75 -20.37
CA GLY C 402 -27.32 16.20 -21.65
C GLY C 402 -26.29 16.95 -22.48
N ALA C 403 -25.49 16.19 -23.21
CA ALA C 403 -24.46 16.73 -24.08
C ALA C 403 -25.14 17.43 -25.25
N PHE C 404 -24.51 18.46 -25.79
CA PHE C 404 -25.07 19.18 -26.92
C PHE C 404 -24.30 18.93 -28.20
N VAL C 405 -25.04 18.73 -29.30
CA VAL C 405 -24.43 18.51 -30.60
C VAL C 405 -25.24 19.24 -31.65
N ARG C 406 -24.53 20.00 -32.49
CA ARG C 406 -25.15 20.79 -33.57
C ARG C 406 -25.67 19.90 -34.67
N ASP C 407 -26.85 20.23 -35.21
CA ASP C 407 -27.38 19.45 -36.31
C ASP C 407 -26.30 19.33 -37.39
N GLN C 408 -25.50 20.38 -37.54
CA GLN C 408 -24.42 20.45 -38.53
C GLN C 408 -23.31 19.45 -38.25
N GLU C 409 -22.96 19.30 -36.97
CA GLU C 409 -21.93 18.34 -36.57
C GLU C 409 -22.39 16.95 -36.92
N VAL C 410 -23.68 16.68 -36.74
CA VAL C 410 -24.24 15.39 -37.08
C VAL C 410 -23.99 15.16 -38.55
N HIS C 411 -24.17 16.21 -39.34
CA HIS C 411 -23.95 16.10 -40.77
C HIS C 411 -22.47 15.86 -41.00
N ALA C 412 -21.65 16.67 -40.37
CA ALA C 412 -20.22 16.53 -40.51
C ALA C 412 -19.84 15.06 -40.29
N VAL C 413 -20.22 14.50 -39.14
CA VAL C 413 -19.89 13.13 -38.82
C VAL C 413 -20.43 12.11 -39.80
N VAL C 414 -21.66 12.27 -40.22
CA VAL C 414 -22.26 11.33 -41.17
C VAL C 414 -21.52 11.36 -42.50
N GLN C 415 -21.13 12.54 -42.96
CA GLN C 415 -20.42 12.64 -44.22
C GLN C 415 -19.09 11.90 -44.13
N ASP C 416 -18.36 12.16 -43.05
CA ASP C 416 -17.08 11.54 -42.84
C ASP C 416 -17.19 10.02 -42.93
N TRP C 417 -18.29 9.46 -42.44
CA TRP C 417 -18.48 8.01 -42.49
C TRP C 417 -18.86 7.48 -43.87
N LYS C 418 -19.64 8.23 -44.62
CA LYS C 418 -20.07 7.79 -45.93
C LYS C 418 -18.91 7.82 -46.92
N ALA C 419 -17.84 8.53 -46.55
CA ALA C 419 -16.66 8.65 -47.38
C ALA C 419 -15.84 7.36 -47.32
N ARG C 420 -16.03 6.59 -46.25
CA ARG C 420 -15.32 5.33 -46.05
C ARG C 420 -16.04 4.18 -46.74
N GLY C 421 -17.20 4.46 -47.32
CA GLY C 421 -17.95 3.40 -47.99
C GLY C 421 -19.44 3.42 -47.70
N ARG C 422 -20.21 2.70 -48.52
CA ARG C 422 -21.67 2.62 -48.37
C ARG C 422 -22.08 1.34 -47.66
N PRO C 423 -23.26 1.35 -47.02
CA PRO C 423 -23.81 0.21 -46.28
C PRO C 423 -24.12 -1.03 -47.10
N GLN C 424 -23.78 -2.18 -46.52
CA GLN C 424 -24.03 -3.46 -47.14
C GLN C 424 -25.35 -3.93 -46.55
N TYR C 425 -26.45 -3.51 -47.17
CA TYR C 425 -27.77 -3.87 -46.67
C TYR C 425 -27.99 -5.37 -46.53
N VAL C 426 -29.00 -5.73 -45.75
CA VAL C 426 -29.35 -7.13 -45.55
C VAL C 426 -30.76 -7.26 -46.13
N ASP C 427 -30.96 -8.31 -46.92
CA ASP C 427 -32.26 -8.53 -47.55
C ASP C 427 -33.28 -9.17 -46.63
N GLY C 428 -34.54 -8.80 -46.82
CA GLY C 428 -35.62 -9.38 -46.02
C GLY C 428 -35.97 -8.71 -44.71
N ILE C 429 -35.17 -7.75 -44.26
CA ILE C 429 -35.48 -7.09 -43.00
C ILE C 429 -36.81 -6.34 -43.13
N THR C 430 -37.05 -5.74 -44.29
CA THR C 430 -38.28 -5.01 -44.51
C THR C 430 -39.43 -5.85 -45.07
N SER C 431 -39.13 -7.02 -45.64
CA SER C 431 -40.20 -7.87 -46.15
C SER C 431 -40.45 -9.03 -45.18
N ASP C 432 -40.49 -8.75 -43.96
N LEU D 23 59.33 37.70 -13.64
CA LEU D 23 57.93 37.33 -14.00
C LEU D 23 57.26 38.43 -14.81
N PRO D 24 56.28 38.07 -15.64
CA PRO D 24 55.58 39.09 -16.45
C PRO D 24 54.88 40.11 -15.57
N SER D 25 54.58 41.27 -16.15
CA SER D 25 53.91 42.35 -15.43
C SER D 25 52.41 42.31 -15.57
N LEU D 26 51.70 42.80 -14.55
CA LEU D 26 50.27 42.82 -14.62
C LEU D 26 49.83 43.82 -15.68
N ASP D 27 50.71 44.74 -16.04
CA ASP D 27 50.35 45.76 -17.03
C ASP D 27 50.06 45.21 -18.42
N LEU D 28 50.27 43.92 -18.59
CA LEU D 28 49.99 43.28 -19.88
C LEU D 28 48.52 42.91 -19.90
N LEU D 29 47.88 43.05 -18.74
CA LEU D 29 46.46 42.74 -18.60
C LEU D 29 45.63 43.99 -18.40
N THR D 30 44.34 43.92 -18.72
CA THR D 30 43.50 45.09 -18.54
C THR D 30 43.08 45.23 -17.08
N PRO D 31 43.10 46.47 -16.55
CA PRO D 31 42.75 46.86 -15.17
C PRO D 31 41.24 46.97 -14.99
N PRO D 32 40.71 46.63 -13.80
CA PRO D 32 39.26 46.73 -13.57
C PRO D 32 38.76 48.15 -13.66
N PRO D 33 26.26 50.05 -7.89
CA PRO D 33 24.79 50.07 -7.76
C PRO D 33 24.28 49.01 -6.80
N THR D 41 18.95 49.54 -3.99
CA THR D 41 18.22 48.75 -3.01
C THR D 41 16.73 48.63 -3.36
N PHE D 42 16.21 49.64 -4.06
CA PHE D 42 14.81 49.64 -4.46
C PHE D 42 14.51 48.55 -5.47
N ALA D 43 15.36 48.44 -6.49
CA ALA D 43 15.18 47.42 -7.52
C ALA D 43 15.20 46.02 -6.91
N LEU D 44 15.84 45.88 -5.75
CA LEU D 44 15.93 44.59 -5.08
C LEU D 44 14.62 44.17 -4.40
N GLU D 45 14.18 44.95 -3.42
CA GLU D 45 12.97 44.64 -2.68
C GLU D 45 11.76 44.48 -3.61
N GLN D 46 11.74 45.23 -4.71
CA GLN D 46 10.64 45.12 -5.66
C GLN D 46 10.65 43.72 -6.24
N MET D 47 11.83 43.27 -6.63
CA MET D 47 12.02 41.94 -7.21
C MET D 47 11.78 40.91 -6.13
N ALA D 48 12.12 41.28 -4.90
CA ALA D 48 11.94 40.40 -3.75
C ALA D 48 10.45 40.15 -3.54
N ARG D 49 9.64 41.18 -3.79
CA ARG D 49 8.19 41.09 -3.63
C ARG D 49 7.53 40.32 -4.77
N LEU D 50 8.08 40.43 -5.97
CA LEU D 50 7.54 39.71 -7.11
C LEU D 50 7.92 38.24 -6.98
N VAL D 51 9.09 37.98 -6.38
CA VAL D 51 9.53 36.61 -6.17
C VAL D 51 8.53 35.97 -5.22
N GLU D 52 8.33 36.64 -4.09
CA GLU D 52 7.41 36.14 -3.08
C GLU D 52 6.00 36.00 -3.63
N ALA D 53 5.63 36.90 -4.54
CA ALA D 53 4.32 36.86 -5.16
C ALA D 53 4.21 35.69 -6.14
N ARG D 54 5.26 35.47 -6.94
CA ARG D 54 5.26 34.37 -7.92
C ARG D 54 5.28 33.05 -7.17
N LEU D 55 5.99 33.02 -6.06
CA LEU D 55 6.09 31.81 -5.26
C LEU D 55 4.72 31.48 -4.66
N ALA D 56 4.07 32.50 -4.10
CA ALA D 56 2.75 32.34 -3.50
C ALA D 56 1.76 31.98 -4.59
N ASP D 57 2.14 32.29 -5.83
CA ASP D 57 1.30 32.01 -6.99
C ASP D 57 1.02 30.51 -7.06
N PHE D 58 1.89 29.73 -6.44
CA PHE D 58 1.75 28.27 -6.41
C PHE D 58 1.40 27.94 -4.96
N ARG D 59 1.35 26.65 -4.63
CA ARG D 59 1.05 26.26 -3.26
C ARG D 59 2.35 26.40 -2.47
N ILE D 60 3.09 27.46 -2.79
CA ILE D 60 4.37 27.72 -2.14
C ILE D 60 4.40 29.07 -1.42
N LYS D 61 4.28 29.03 -0.09
CA LYS D 61 4.29 30.24 0.71
C LYS D 61 5.69 30.38 1.33
N ALA D 62 6.33 31.52 1.11
CA ALA D 62 7.65 31.76 1.64
C ALA D 62 7.95 33.25 1.69
N ASP D 63 8.65 33.67 2.73
CA ASP D 63 9.01 35.07 2.89
C ASP D 63 10.45 35.28 2.47
N VAL D 64 10.70 36.36 1.74
CA VAL D 64 12.04 36.71 1.31
C VAL D 64 12.58 37.51 2.49
N VAL D 65 13.20 36.82 3.43
CA VAL D 65 13.71 37.47 4.62
C VAL D 65 14.92 38.36 4.40
N ASN D 66 15.67 38.13 3.32
CA ASN D 66 16.86 38.94 3.06
C ASN D 66 17.40 38.72 1.64
N TYR D 67 18.42 39.51 1.30
CA TYR D 67 19.05 39.41 0.00
C TYR D 67 20.39 40.12 0.00
N SER D 68 21.38 39.47 -0.59
CA SER D 68 22.73 40.01 -0.66
C SER D 68 23.17 40.09 -2.11
N PRO D 69 23.31 41.31 -2.64
CA PRO D 69 23.73 41.55 -4.02
C PRO D 69 25.21 41.38 -4.28
N GLY D 70 25.55 40.95 -5.48
CA GLY D 70 26.95 40.75 -5.84
C GLY D 70 27.20 41.27 -7.24
N PRO D 71 28.41 41.02 -7.81
CA PRO D 71 28.85 41.44 -9.15
C PRO D 71 28.01 40.91 -10.30
N VAL D 72 27.45 39.71 -10.13
CA VAL D 72 26.67 39.09 -11.19
C VAL D 72 25.22 38.76 -10.81
N ILE D 73 25.02 38.14 -9.68
CA ILE D 73 23.69 37.80 -9.26
C ILE D 73 23.38 38.42 -7.92
N THR D 74 22.15 38.22 -7.47
CA THR D 74 21.72 38.69 -6.18
C THR D 74 21.07 37.45 -5.55
N ARG D 75 21.42 37.17 -4.30
CA ARG D 75 20.84 36.03 -3.61
C ARG D 75 19.73 36.42 -2.65
N PHE D 76 18.51 36.00 -2.95
CA PHE D 76 17.37 36.27 -2.11
C PHE D 76 17.17 35.09 -1.16
N GLU D 77 17.09 35.37 0.14
CA GLU D 77 16.94 34.32 1.16
C GLU D 77 15.48 34.07 1.55
N LEU D 78 14.96 32.93 1.12
CA LEU D 78 13.58 32.57 1.40
C LEU D 78 13.41 31.74 2.65
N ASN D 79 12.34 32.02 3.39
CA ASN D 79 11.98 31.31 4.59
C ASN D 79 10.74 30.53 4.22
N LEU D 80 10.92 29.23 4.02
CA LEU D 80 9.80 28.39 3.65
C LEU D 80 8.96 28.10 4.87
N ALA D 81 7.65 27.98 4.65
CA ALA D 81 6.73 27.67 5.74
C ALA D 81 7.11 26.32 6.33
N PRO D 82 6.65 26.03 7.54
CA PRO D 82 7.01 24.74 8.14
C PRO D 82 6.55 23.60 7.21
N GLY D 83 7.47 22.70 6.89
CA GLY D 83 7.16 21.57 6.02
C GLY D 83 7.69 21.66 4.60
N VAL D 84 7.27 22.70 3.87
CA VAL D 84 7.70 22.90 2.49
C VAL D 84 9.17 22.57 2.27
N LYS D 85 9.43 21.69 1.30
CA LYS D 85 10.77 21.25 0.96
C LYS D 85 11.42 22.18 -0.08
N ALA D 86 12.75 22.32 0.02
CA ALA D 86 13.49 23.17 -0.91
C ALA D 86 13.43 22.57 -2.32
N ALA D 87 13.40 21.24 -2.37
CA ALA D 87 13.33 20.52 -3.63
C ALA D 87 12.08 20.90 -4.38
N ARG D 88 11.05 21.32 -3.65
CA ARG D 88 9.80 21.71 -4.26
C ARG D 88 10.01 22.91 -5.20
N ILE D 89 10.77 23.91 -4.74
CA ILE D 89 11.04 25.10 -5.54
C ILE D 89 12.06 24.80 -6.64
N SER D 90 13.02 23.94 -6.32
CA SER D 90 14.07 23.57 -7.27
C SER D 90 13.47 22.96 -8.53
N ASN D 91 12.63 21.95 -8.36
CA ASN D 91 11.96 21.29 -9.47
C ASN D 91 11.04 22.27 -10.19
N LEU D 92 11.02 23.51 -9.70
CA LEU D 92 10.17 24.54 -10.28
C LEU D 92 10.97 25.68 -10.90
N SER D 93 12.27 25.69 -10.62
CA SER D 93 13.18 26.72 -11.12
C SER D 93 12.88 27.19 -12.55
N ARG D 94 12.76 26.23 -13.48
CA ARG D 94 12.49 26.58 -14.87
C ARG D 94 11.28 27.49 -15.03
N ASP D 95 10.13 27.06 -14.50
CA ASP D 95 8.90 27.83 -14.58
C ASP D 95 9.06 29.18 -13.87
N LEU D 96 9.52 29.12 -12.63
CA LEU D 96 9.71 30.33 -11.83
C LEU D 96 10.57 31.36 -12.54
N ALA D 97 11.62 30.89 -13.20
CA ALA D 97 12.51 31.79 -13.94
C ALA D 97 11.73 32.51 -15.01
N ARG D 98 10.81 31.77 -15.64
CA ARG D 98 9.96 32.29 -16.69
C ARG D 98 8.84 33.16 -16.12
N SER D 99 8.63 33.08 -14.80
CA SER D 99 7.60 33.86 -14.11
C SER D 99 8.00 35.32 -13.95
N LEU D 100 9.29 35.60 -14.14
CA LEU D 100 9.84 36.95 -14.07
C LEU D 100 10.69 37.04 -15.32
N SER D 101 11.19 38.21 -15.66
CA SER D 101 12.01 38.33 -16.86
C SER D 101 13.50 38.09 -16.59
N THR D 102 13.87 36.84 -16.39
CA THR D 102 15.28 36.49 -16.15
C THR D 102 15.67 35.21 -16.89
N VAL D 103 16.83 35.27 -17.55
CA VAL D 103 17.34 34.13 -18.30
C VAL D 103 17.23 32.85 -17.48
N ALA D 104 17.57 32.94 -16.19
CA ALA D 104 17.50 31.78 -15.31
C ALA D 104 17.55 32.12 -13.83
N VAL D 105 17.12 31.17 -13.02
CA VAL D 105 17.11 31.32 -11.58
C VAL D 105 17.71 30.05 -10.98
N ARG D 106 18.56 30.22 -9.96
CA ARG D 106 19.15 29.08 -9.31
C ARG D 106 18.65 28.92 -7.88
N VAL D 107 18.07 27.77 -7.60
CA VAL D 107 17.57 27.47 -6.26
C VAL D 107 18.70 26.79 -5.49
N VAL D 108 19.19 27.43 -4.45
CA VAL D 108 20.25 26.85 -3.65
C VAL D 108 19.63 26.27 -2.40
N GLU D 109 19.57 24.95 -2.35
CA GLU D 109 18.97 24.22 -1.24
C GLU D 109 19.50 24.59 0.15
N VAL D 110 20.79 24.90 0.26
CA VAL D 110 21.37 25.23 1.56
C VAL D 110 22.35 26.41 1.53
N ILE D 111 22.02 27.45 2.28
CA ILE D 111 22.87 28.63 2.38
C ILE D 111 23.79 28.46 3.59
N PRO D 112 25.08 28.23 3.33
CA PRO D 112 25.98 28.05 4.47
C PRO D 112 25.79 29.02 5.60
N GLY D 113 25.35 28.49 6.74
CA GLY D 113 25.18 29.32 7.92
C GLY D 113 23.79 29.81 8.26
N LYS D 114 22.83 29.62 7.38
CA LYS D 114 21.46 30.08 7.66
C LYS D 114 20.44 29.01 7.34
N PRO D 115 19.31 29.04 8.04
CA PRO D 115 18.25 28.07 7.84
C PRO D 115 17.38 28.31 6.60
N TYR D 116 17.72 29.32 5.82
CA TYR D 116 16.94 29.68 4.63
C TYR D 116 17.32 28.98 3.31
N VAL D 117 16.45 29.14 2.30
CA VAL D 117 16.67 28.61 0.97
C VAL D 117 17.18 29.80 0.13
N GLY D 118 18.06 29.52 -0.82
CA GLY D 118 18.60 30.58 -1.63
C GLY D 118 18.01 30.64 -3.02
N LEU D 119 17.81 31.86 -3.52
CA LEU D 119 17.27 32.10 -4.85
C LEU D 119 18.17 33.11 -5.52
N GLU D 120 18.94 32.64 -6.50
CA GLU D 120 19.85 33.54 -7.20
C GLU D 120 19.27 34.07 -8.51
N LEU D 121 19.21 35.39 -8.62
CA LEU D 121 18.69 36.02 -9.81
C LEU D 121 19.80 36.90 -10.40
N PRO D 122 19.87 37.00 -11.73
CA PRO D 122 20.90 37.81 -12.37
C PRO D 122 20.60 39.29 -12.19
N ASN D 123 21.65 40.09 -12.11
CA ASN D 123 21.50 41.53 -11.97
C ASN D 123 21.23 42.15 -13.34
N LYS D 124 20.49 43.25 -13.36
CA LYS D 124 20.20 43.92 -14.62
C LYS D 124 21.51 44.44 -15.21
N LYS D 125 22.42 44.87 -14.35
CA LYS D 125 23.71 45.38 -14.78
C LYS D 125 24.81 44.43 -14.30
N ARG D 126 25.42 43.69 -15.23
CA ARG D 126 26.46 42.71 -14.89
C ARG D 126 27.86 43.28 -14.90
N GLN D 127 28.64 42.91 -13.90
CA GLN D 127 30.03 43.36 -13.76
C GLN D 127 31.01 42.33 -14.28
N THR D 128 32.01 42.76 -15.02
CA THR D 128 33.01 41.81 -15.51
C THR D 128 34.03 41.54 -14.41
N VAL D 129 34.55 40.33 -14.36
CA VAL D 129 35.54 39.99 -13.36
C VAL D 129 36.84 39.86 -14.14
N TYR D 130 37.81 40.71 -13.84
CA TYR D 130 39.09 40.70 -14.55
C TYR D 130 40.14 39.87 -13.87
N LEU D 131 40.94 39.16 -14.67
CA LEU D 131 42.02 38.31 -14.17
C LEU D 131 42.92 39.13 -13.23
N ARG D 132 43.43 40.24 -13.77
CA ARG D 132 44.32 41.13 -13.04
C ARG D 132 43.85 41.56 -11.67
N GLU D 133 42.56 41.83 -11.52
CA GLU D 133 42.05 42.25 -10.23
C GLU D 133 42.31 41.15 -9.20
N VAL D 134 42.10 39.90 -9.59
CA VAL D 134 42.31 38.79 -8.69
C VAL D 134 43.80 38.44 -8.55
N LEU D 135 44.58 38.66 -9.60
CA LEU D 135 46.01 38.38 -9.55
C LEU D 135 46.71 39.38 -8.65
N ASP D 136 46.13 40.56 -8.51
CA ASP D 136 46.73 41.60 -7.70
C ASP D 136 46.32 41.48 -6.22
N ASN D 137 45.41 40.55 -5.93
CA ASN D 137 44.96 40.36 -4.55
C ASN D 137 45.98 39.60 -3.73
N ALA D 138 45.88 39.73 -2.40
CA ALA D 138 46.79 39.07 -1.48
C ALA D 138 46.57 37.56 -1.53
N LYS D 139 45.30 37.17 -1.68
CA LYS D 139 44.94 35.76 -1.76
C LYS D 139 45.78 35.02 -2.79
N PHE D 140 46.17 35.73 -3.86
CA PHE D 140 46.99 35.13 -4.91
C PHE D 140 48.48 35.33 -4.63
N ARG D 141 48.86 36.58 -4.37
CA ARG D 141 50.25 36.94 -4.10
C ARG D 141 50.85 36.20 -2.92
N ASP D 142 50.08 36.09 -1.85
CA ASP D 142 50.54 35.45 -0.64
C ASP D 142 50.73 33.94 -0.76
N ASN D 143 49.80 33.26 -1.42
CA ASN D 143 49.91 31.82 -1.55
C ASN D 143 51.27 31.42 -2.12
N PRO D 144 52.02 30.59 -1.39
CA PRO D 144 53.34 30.15 -1.83
C PRO D 144 53.32 29.12 -2.95
N SER D 145 52.19 28.42 -3.10
CA SER D 145 52.07 27.39 -4.12
C SER D 145 52.11 27.89 -5.56
N PRO D 146 53.06 27.37 -6.35
CA PRO D 146 53.20 27.75 -7.77
C PRO D 146 52.08 27.13 -8.61
N LEU D 147 51.15 26.42 -7.97
CA LEU D 147 50.02 25.84 -8.70
C LEU D 147 48.73 26.53 -8.28
N THR D 148 48.88 27.73 -7.74
CA THR D 148 47.74 28.53 -7.32
C THR D 148 47.09 29.06 -8.60
N VAL D 149 45.77 28.96 -8.69
CA VAL D 149 45.09 29.48 -9.86
C VAL D 149 43.96 30.40 -9.47
N VAL D 150 43.75 31.43 -10.28
CA VAL D 150 42.67 32.38 -10.06
C VAL D 150 41.42 31.72 -10.61
N LEU D 151 40.34 31.76 -9.84
CA LEU D 151 39.08 31.19 -10.28
C LEU D 151 38.14 32.32 -10.72
N GLY D 152 38.03 33.36 -9.89
CA GLY D 152 37.17 34.49 -10.21
C GLY D 152 36.76 35.20 -8.94
N LYS D 153 35.47 35.45 -8.79
CA LYS D 153 34.97 36.09 -7.56
C LYS D 153 33.76 35.31 -7.14
N ASP D 154 33.51 35.23 -5.83
CA ASP D 154 32.33 34.51 -5.33
C ASP D 154 31.10 35.40 -5.44
N ILE D 155 29.92 34.84 -5.17
CA ILE D 155 28.68 35.60 -5.32
C ILE D 155 28.63 36.96 -4.64
N ALA D 156 29.36 37.13 -3.55
CA ALA D 156 29.35 38.42 -2.87
C ALA D 156 30.49 39.32 -3.32
N GLY D 157 31.24 38.90 -4.35
CA GLY D 157 32.32 39.73 -4.86
C GLY D 157 33.69 39.55 -4.24
N GLU D 158 33.91 38.47 -3.51
CA GLU D 158 35.21 38.22 -2.90
C GLU D 158 36.07 37.37 -3.83
N PRO D 159 37.37 37.72 -3.97
CA PRO D 159 38.28 36.97 -4.83
C PRO D 159 38.41 35.52 -4.41
N VAL D 160 38.35 34.62 -5.38
CA VAL D 160 38.45 33.20 -5.09
C VAL D 160 39.61 32.54 -5.84
N VAL D 161 40.58 32.07 -5.07
CA VAL D 161 41.75 31.41 -5.63
C VAL D 161 41.71 29.95 -5.19
N ALA D 162 42.48 29.12 -5.85
CA ALA D 162 42.53 27.70 -5.52
C ALA D 162 43.93 27.19 -5.81
N ASP D 163 44.27 26.08 -5.18
CA ASP D 163 45.58 25.50 -5.36
C ASP D 163 45.41 24.19 -6.09
N LEU D 164 45.85 24.16 -7.34
CA LEU D 164 45.75 22.96 -8.16
C LEU D 164 46.37 21.77 -7.39
N ALA D 165 47.41 22.05 -6.62
CA ALA D 165 48.11 21.02 -5.86
C ALA D 165 47.25 20.28 -4.84
N LYS D 166 46.20 20.96 -4.36
CA LYS D 166 45.31 20.39 -3.36
C LYS D 166 44.05 19.78 -3.95
N MET D 167 43.78 20.05 -5.22
CA MET D 167 42.57 19.54 -5.86
C MET D 167 42.35 18.05 -5.86
N PRO D 168 43.33 17.23 -6.28
CA PRO D 168 44.67 17.54 -6.80
C PRO D 168 44.67 17.39 -8.32
N HIS D 169 43.50 17.09 -8.87
CA HIS D 169 43.27 16.94 -10.29
C HIS D 169 41.88 17.52 -10.49
N LEU D 170 41.64 18.23 -11.58
CA LEU D 170 40.30 18.77 -11.76
C LEU D 170 39.75 18.48 -13.13
N LEU D 171 38.43 18.51 -13.21
CA LEU D 171 37.73 18.27 -14.45
C LEU D 171 36.93 19.54 -14.74
N VAL D 172 37.18 20.15 -15.89
CA VAL D 172 36.49 21.37 -16.29
C VAL D 172 35.51 21.04 -17.41
N ALA D 173 34.27 21.49 -17.28
CA ALA D 173 33.28 21.20 -18.31
C ALA D 173 32.20 22.26 -18.46
N GLY D 174 31.62 22.32 -19.65
CA GLY D 174 30.58 23.27 -19.98
C GLY D 174 30.28 23.20 -21.46
N THR D 175 29.37 24.03 -21.94
CA THR D 175 29.04 24.04 -23.36
C THR D 175 30.05 24.90 -24.11
N THR D 176 29.82 25.08 -25.41
CA THR D 176 30.72 25.83 -26.29
C THR D 176 31.17 27.26 -25.93
N GLY D 177 30.25 28.13 -25.52
CA GLY D 177 30.64 29.49 -25.19
C GLY D 177 30.36 29.86 -23.75
N SER D 178 30.34 28.87 -22.87
CA SER D 178 30.06 29.10 -21.47
C SER D 178 31.26 29.66 -20.69
N GLY D 179 32.45 29.53 -21.24
CA GLY D 179 33.63 30.06 -20.56
C GLY D 179 34.65 29.06 -20.03
N ALA D 180 34.59 27.83 -20.48
CA ALA D 180 35.57 26.83 -20.02
C ALA D 180 36.96 27.13 -20.57
N SER D 181 37.05 27.42 -21.86
CA SER D 181 38.35 27.70 -22.47
C SER D 181 39.03 28.92 -21.84
N VAL D 182 38.26 30.00 -21.61
CA VAL D 182 38.84 31.18 -20.97
C VAL D 182 39.24 30.78 -19.54
N GLY D 183 38.40 29.97 -18.89
CA GLY D 183 38.69 29.51 -17.55
C GLY D 183 40.04 28.83 -17.48
N VAL D 184 40.26 27.89 -18.39
CA VAL D 184 41.53 27.18 -18.47
C VAL D 184 42.67 28.21 -18.70
N ASN D 185 42.49 29.17 -19.62
CA ASN D 185 43.54 30.17 -19.84
C ASN D 185 43.85 30.99 -18.60
N ALA D 186 42.83 31.22 -17.77
CA ALA D 186 43.01 31.98 -16.57
C ALA D 186 43.91 31.17 -15.64
N MET D 187 43.71 29.86 -15.63
CA MET D 187 44.51 28.98 -14.79
C MET D 187 45.97 28.92 -15.22
N ILE D 188 46.20 28.77 -16.51
CA ILE D 188 47.55 28.72 -17.04
C ILE D 188 48.25 30.05 -16.82
N LEU D 189 47.56 31.14 -17.14
CA LEU D 189 48.14 32.45 -16.97
C LEU D 189 48.45 32.71 -15.50
N SER D 190 47.57 32.20 -14.63
CA SER D 190 47.79 32.35 -13.20
C SER D 190 49.17 31.79 -12.87
N MET D 191 49.43 30.56 -13.33
CA MET D 191 50.72 29.94 -13.07
C MET D 191 51.85 30.68 -13.73
N LEU D 192 51.60 31.22 -14.93
CA LEU D 192 52.64 31.97 -15.65
C LEU D 192 52.97 33.28 -14.95
N TYR D 193 52.16 33.66 -13.96
CA TYR D 193 52.40 34.87 -13.20
C TYR D 193 53.07 34.59 -11.85
N LYS D 194 53.43 33.33 -11.61
CA LYS D 194 54.04 32.98 -10.34
C LYS D 194 55.09 31.88 -10.42
N ALA D 195 55.10 31.11 -11.51
CA ALA D 195 56.04 30.01 -11.63
C ALA D 195 57.13 30.12 -12.67
N GLN D 196 58.33 29.72 -12.29
CA GLN D 196 59.44 29.68 -13.21
C GLN D 196 59.37 28.28 -13.77
N PRO D 197 59.99 28.03 -14.93
CA PRO D 197 59.94 26.67 -15.48
C PRO D 197 60.40 25.63 -14.46
N GLU D 198 61.36 26.00 -13.61
CA GLU D 198 61.87 25.09 -12.60
C GLU D 198 60.79 24.75 -11.57
N ASP D 199 59.82 25.64 -11.38
CA ASP D 199 58.75 25.40 -10.43
C ASP D 199 57.65 24.54 -11.08
N VAL D 200 57.27 24.90 -12.30
CA VAL D 200 56.22 24.16 -12.99
C VAL D 200 56.51 23.93 -14.46
N ARG D 201 56.20 22.73 -14.92
CA ARG D 201 56.38 22.38 -16.31
C ARG D 201 55.05 21.83 -16.77
N PHE D 202 54.74 22.00 -18.06
CA PHE D 202 53.48 21.53 -18.59
C PHE D 202 53.62 20.57 -19.75
N ILE D 203 52.57 19.78 -19.96
CA ILE D 203 52.47 18.87 -21.08
C ILE D 203 51.06 19.17 -21.55
N MET D 204 50.92 19.85 -22.67
CA MET D 204 49.60 20.17 -23.17
C MET D 204 49.16 19.23 -24.28
N ILE D 205 47.94 18.71 -24.13
CA ILE D 205 47.35 17.76 -25.08
C ILE D 205 46.21 18.46 -25.83
N ASP D 206 46.45 18.84 -27.08
CA ASP D 206 45.43 19.50 -27.88
C ASP D 206 45.18 18.65 -29.11
N PRO D 207 44.59 17.46 -28.89
CA PRO D 207 44.26 16.49 -29.92
C PRO D 207 43.76 17.00 -31.28
N LYS D 208 42.68 17.76 -31.28
CA LYS D 208 42.12 18.20 -32.54
C LYS D 208 42.45 19.59 -33.07
N MET D 209 41.88 20.61 -32.44
CA MET D 209 42.07 21.98 -32.90
C MET D 209 43.36 22.62 -32.40
N LEU D 210 43.27 23.93 -32.18
CA LEU D 210 44.36 24.74 -31.72
C LEU D 210 43.78 25.73 -30.73
N GLU D 211 44.02 25.48 -29.45
CA GLU D 211 43.54 26.33 -28.37
C GLU D 211 44.74 26.51 -27.46
N LEU D 212 45.41 25.39 -27.19
CA LEU D 212 46.59 25.40 -26.36
C LEU D 212 47.81 25.75 -27.22
N SER D 213 47.68 25.55 -28.52
CA SER D 213 48.75 25.84 -29.46
C SER D 213 49.22 27.29 -29.32
N VAL D 214 48.43 28.09 -28.61
CA VAL D 214 48.75 29.49 -28.39
C VAL D 214 49.89 29.58 -27.35
N TYR D 215 50.18 28.46 -26.68
CA TYR D 215 51.24 28.40 -25.67
C TYR D 215 52.53 27.82 -26.22
N GLU D 216 52.49 27.37 -27.47
CA GLU D 216 53.66 26.80 -28.12
C GLU D 216 54.90 27.67 -27.96
N GLY D 217 55.98 27.08 -27.45
CA GLY D 217 57.20 27.84 -27.29
C GLY D 217 57.44 28.39 -25.91
N ILE D 218 56.46 28.24 -25.04
CA ILE D 218 56.60 28.70 -23.66
C ILE D 218 57.72 27.83 -23.06
N PRO D 219 58.66 28.46 -22.33
CA PRO D 219 59.75 27.69 -21.75
C PRO D 219 59.34 26.64 -20.72
N HIS D 220 58.07 26.70 -20.32
CA HIS D 220 57.53 25.76 -19.33
C HIS D 220 57.15 24.43 -19.97
N LEU D 221 56.85 24.46 -21.26
CA LEU D 221 56.47 23.24 -21.97
C LEU D 221 57.57 22.17 -21.84
N LEU D 222 57.17 20.95 -21.49
CA LEU D 222 58.14 19.86 -21.37
C LEU D 222 58.38 19.25 -22.74
N THR D 223 57.36 19.32 -23.58
CA THR D 223 57.40 18.82 -24.94
C THR D 223 56.44 19.68 -25.74
N GLU D 224 56.56 19.64 -27.07
CA GLU D 224 55.71 20.42 -27.96
C GLU D 224 54.25 20.05 -27.73
N VAL D 225 53.33 20.98 -27.99
CA VAL D 225 51.92 20.68 -27.80
C VAL D 225 51.61 19.37 -28.51
N VAL D 226 51.05 18.41 -27.77
CA VAL D 226 50.73 17.11 -28.32
C VAL D 226 49.44 17.11 -29.15
N THR D 227 49.60 16.87 -30.45
CA THR D 227 48.49 16.87 -31.38
C THR D 227 47.94 15.51 -31.78
N ASP D 228 48.78 14.49 -31.82
CA ASP D 228 48.30 13.17 -32.18
C ASP D 228 47.72 12.50 -30.94
N MET D 229 46.55 11.89 -31.10
CA MET D 229 45.88 11.23 -30.00
C MET D 229 46.69 10.08 -29.42
N LYS D 230 47.48 9.44 -30.27
CA LYS D 230 48.31 8.32 -29.84
C LYS D 230 49.53 8.79 -29.05
N ASP D 231 50.05 9.97 -29.37
CA ASP D 231 51.20 10.52 -28.63
C ASP D 231 50.69 10.92 -27.25
N ALA D 232 49.42 11.32 -27.18
CA ALA D 232 48.81 11.72 -25.93
C ALA D 232 48.83 10.55 -24.98
N ALA D 233 48.41 9.38 -25.45
CA ALA D 233 48.43 8.18 -24.62
C ALA D 233 49.87 7.88 -24.17
N ASN D 234 50.83 8.19 -25.03
CA ASN D 234 52.25 7.97 -24.71
C ASN D 234 52.80 8.97 -23.69
N ALA D 235 52.24 10.18 -23.68
CA ALA D 235 52.68 11.22 -22.75
C ALA D 235 52.14 10.91 -21.36
N LEU D 236 51.01 10.21 -21.32
CA LEU D 236 50.41 9.84 -20.05
C LEU D 236 51.21 8.69 -19.45
N ARG D 237 51.66 7.79 -20.31
CA ARG D 237 52.44 6.65 -19.86
C ARG D 237 53.80 7.16 -19.37
N TRP D 238 54.27 8.24 -19.97
CA TRP D 238 55.55 8.83 -19.56
C TRP D 238 55.38 9.33 -18.13
N CYS D 239 54.23 9.97 -17.89
CA CYS D 239 53.91 10.52 -16.58
C CYS D 239 53.85 9.42 -15.52
N VAL D 240 53.24 8.29 -15.88
CA VAL D 240 53.14 7.20 -14.94
C VAL D 240 54.51 6.72 -14.50
N ASN D 241 55.46 6.73 -15.44
CA ASN D 241 56.81 6.29 -15.12
C ASN D 241 57.57 7.34 -14.34
N GLU D 242 57.33 8.62 -14.66
CA GLU D 242 58.00 9.71 -13.96
C GLU D 242 57.51 9.74 -12.51
N MET D 243 56.30 9.25 -12.29
CA MET D 243 55.71 9.19 -10.96
C MET D 243 56.39 8.11 -10.13
N GLU D 244 56.70 6.98 -10.78
CA GLU D 244 57.36 5.87 -10.09
C GLU D 244 58.81 6.24 -9.84
N ARG D 245 59.41 6.97 -10.78
CA ARG D 245 60.80 7.37 -10.61
C ARG D 245 60.90 8.33 -9.44
N ARG D 246 60.00 9.31 -9.42
CA ARG D 246 59.99 10.29 -8.35
C ARG D 246 59.72 9.63 -7.01
N TYR D 247 58.89 8.60 -7.04
CA TYR D 247 58.53 7.88 -5.83
C TYR D 247 59.70 7.07 -5.30
N LYS D 248 60.55 6.55 -6.19
CA LYS D 248 61.70 5.78 -5.73
C LYS D 248 62.64 6.72 -4.97
N LEU D 249 62.86 7.90 -5.53
CA LEU D 249 63.72 8.91 -4.94
C LEU D 249 63.21 9.37 -3.57
N MET D 250 61.91 9.54 -3.46
CA MET D 250 61.34 9.99 -2.22
C MET D 250 61.60 9.01 -1.08
N SER D 251 61.59 7.71 -1.39
CA SER D 251 61.86 6.68 -0.39
C SER D 251 63.33 6.73 0.03
N ALA D 252 64.20 6.87 -0.97
CA ALA D 252 65.63 6.95 -0.71
C ALA D 252 65.93 8.08 0.24
N LEU D 253 65.13 9.14 0.19
CA LEU D 253 65.38 10.27 1.06
C LEU D 253 64.42 10.33 2.25
N GLY D 254 63.50 9.38 2.32
CA GLY D 254 62.57 9.36 3.43
C GLY D 254 61.80 10.67 3.45
N VAL D 255 61.07 10.90 2.37
CA VAL D 255 60.31 12.13 2.21
C VAL D 255 58.93 11.74 1.68
N ARG D 256 57.90 12.52 2.02
CA ARG D 256 56.54 12.20 1.57
C ARG D 256 56.05 12.95 0.35
N ASN D 257 56.39 14.23 0.26
CA ASN D 257 55.96 15.11 -0.82
C ASN D 257 57.10 15.42 -1.76
N LEU D 258 56.74 16.03 -2.89
CA LEU D 258 57.70 16.48 -3.88
C LEU D 258 58.34 17.74 -3.29
N ALA D 259 57.60 18.41 -2.42
CA ALA D 259 58.09 19.62 -1.76
C ALA D 259 59.16 19.28 -0.72
N GLY D 260 59.06 18.10 -0.12
CA GLY D 260 60.04 17.68 0.86
C GLY D 260 61.29 17.21 0.15
N TYR D 261 61.10 16.62 -1.02
CA TYR D 261 62.22 16.16 -1.83
C TYR D 261 63.07 17.37 -2.19
N ASN D 262 62.40 18.40 -2.71
CA ASN D 262 63.06 19.63 -3.11
C ASN D 262 63.81 20.33 -1.98
N GLU D 263 63.28 20.27 -0.76
CA GLU D 263 63.96 20.93 0.35
C GLU D 263 65.22 20.14 0.65
N LYS D 264 65.14 18.82 0.55
CA LYS D 264 66.32 18.01 0.79
C LYS D 264 67.41 18.52 -0.14
N ILE D 265 67.10 18.60 -1.43
CA ILE D 265 68.03 19.07 -2.46
C ILE D 265 68.53 20.50 -2.21
N ALA D 266 67.60 21.38 -1.83
CA ALA D 266 67.95 22.76 -1.53
C ALA D 266 68.98 22.76 -0.41
N GLU D 267 68.70 21.92 0.59
CA GLU D 267 69.52 21.74 1.78
C GLU D 267 70.95 21.32 1.42
N ALA D 268 71.06 20.33 0.55
CA ALA D 268 72.36 19.85 0.12
C ALA D 268 73.04 20.88 -0.78
N ASP D 269 72.25 21.73 -1.43
CA ASP D 269 72.80 22.77 -2.29
C ASP D 269 73.46 23.87 -1.44
N ARG D 270 72.78 24.28 -0.38
CA ARG D 270 73.30 25.29 0.52
C ARG D 270 74.59 24.80 1.16
N MET D 271 74.65 23.50 1.42
CA MET D 271 75.82 22.89 2.03
C MET D 271 76.88 22.42 1.04
N MET D 272 76.64 22.65 -0.25
CA MET D 272 77.55 22.21 -1.31
C MET D 272 77.89 20.72 -1.11
N ARG D 273 76.85 19.96 -0.76
CA ARG D 273 76.95 18.53 -0.52
C ARG D 273 76.01 17.83 -1.49
N PRO D 274 76.37 17.77 -2.77
CA PRO D 274 75.49 17.12 -3.76
C PRO D 274 75.09 15.67 -3.44
N ILE D 275 73.79 15.39 -3.58
CA ILE D 275 73.27 14.04 -3.32
C ILE D 275 73.34 13.22 -4.59
N PRO D 276 74.24 12.23 -4.64
CA PRO D 276 74.36 11.38 -5.84
C PRO D 276 73.17 10.44 -5.93
N ASP D 277 72.76 10.11 -7.15
CA ASP D 277 71.62 9.23 -7.40
C ASP D 277 71.81 7.86 -6.74
N PRO D 278 71.07 7.58 -5.67
CA PRO D 278 71.18 6.31 -4.95
C PRO D 278 70.91 5.04 -5.76
N TYR D 279 70.28 5.17 -6.92
CA TYR D 279 69.96 3.99 -7.72
C TYR D 279 70.80 3.77 -8.95
N TRP D 280 71.77 4.65 -9.16
CA TRP D 280 72.63 4.56 -10.33
C TRP D 280 73.71 3.48 -10.23
N HIS D 290 78.61 11.97 -9.68
CA HIS D 290 78.04 11.37 -10.87
C HIS D 290 77.02 10.25 -10.64
N PRO D 291 75.72 10.51 -10.86
CA PRO D 291 75.06 11.74 -11.30
C PRO D 291 74.40 12.23 -10.01
N VAL D 292 74.17 13.52 -9.92
CA VAL D 292 73.58 14.10 -8.73
C VAL D 292 72.08 14.34 -8.89
N LEU D 293 71.36 14.33 -7.79
CA LEU D 293 69.93 14.59 -7.83
C LEU D 293 69.73 16.10 -7.90
N LYS D 294 68.73 16.53 -8.66
CA LYS D 294 68.46 17.94 -8.79
C LYS D 294 66.99 18.23 -8.43
N LYS D 295 66.63 19.50 -8.27
CA LYS D 295 65.26 19.85 -7.93
C LYS D 295 64.32 19.38 -9.01
N GLU D 296 63.16 18.88 -8.60
CA GLU D 296 62.17 18.39 -9.56
C GLU D 296 61.01 19.38 -9.60
N PRO D 297 60.50 19.67 -10.80
CA PRO D 297 59.37 20.61 -10.90
C PRO D 297 58.00 19.93 -10.94
N TYR D 298 56.97 20.65 -10.52
CA TYR D 298 55.63 20.09 -10.61
C TYR D 298 55.31 19.96 -12.09
N ILE D 299 54.64 18.88 -12.46
CA ILE D 299 54.26 18.70 -13.85
C ILE D 299 52.75 18.81 -13.94
N VAL D 300 52.26 19.75 -14.72
CA VAL D 300 50.83 19.92 -14.92
C VAL D 300 50.46 19.38 -16.30
N VAL D 301 49.66 18.32 -16.33
CA VAL D 301 49.22 17.74 -17.59
C VAL D 301 47.89 18.39 -17.99
N LEU D 302 47.91 19.13 -19.08
CA LEU D 302 46.71 19.81 -19.57
C LEU D 302 46.15 19.11 -20.79
N VAL D 303 44.88 18.73 -20.72
CA VAL D 303 44.23 18.06 -21.84
C VAL D 303 43.00 18.85 -22.26
N ASP D 304 43.10 19.54 -23.39
CA ASP D 304 41.97 20.34 -23.88
C ASP D 304 41.03 19.48 -24.69
N GLU D 305 39.77 19.44 -24.27
CA GLU D 305 38.75 18.65 -24.92
C GLU D 305 39.17 17.18 -24.97
N PHE D 306 39.18 16.53 -23.80
CA PHE D 306 39.58 15.13 -23.75
C PHE D 306 38.48 14.20 -24.26
N ALA D 307 37.42 14.78 -24.81
CA ALA D 307 36.33 13.98 -25.35
C ALA D 307 36.86 13.32 -26.62
N ASP D 308 37.74 14.03 -27.33
CA ASP D 308 38.34 13.50 -28.55
C ASP D 308 39.23 12.34 -28.13
N LEU D 309 39.98 12.54 -27.06
CA LEU D 309 40.86 11.53 -26.52
C LEU D 309 40.05 10.27 -26.18
N MET D 310 38.82 10.48 -25.72
CA MET D 310 37.92 9.39 -25.33
C MET D 310 37.32 8.60 -26.49
N MET D 311 36.87 9.30 -27.52
CA MET D 311 36.25 8.66 -28.69
C MET D 311 37.25 8.21 -29.74
N THR D 312 38.21 7.39 -29.34
CA THR D 312 39.22 6.87 -30.25
C THR D 312 40.36 6.20 -29.48
N VAL D 313 40.47 6.53 -28.20
CA VAL D 313 41.50 5.96 -27.34
C VAL D 313 40.90 5.83 -25.94
N GLY D 314 39.57 5.82 -25.89
CA GLY D 314 38.85 5.70 -24.63
C GLY D 314 39.44 4.79 -23.55
N LYS D 315 39.17 3.50 -23.65
CA LYS D 315 39.63 2.53 -22.67
C LYS D 315 41.11 2.54 -22.30
N LYS D 316 41.97 2.88 -23.25
CA LYS D 316 43.40 2.91 -22.96
C LYS D 316 43.75 4.15 -22.15
N VAL D 317 43.04 5.24 -22.40
CA VAL D 317 43.28 6.50 -21.69
C VAL D 317 42.67 6.45 -20.28
N GLU D 318 41.44 5.97 -20.16
CA GLU D 318 40.80 5.86 -18.86
C GLU D 318 41.73 5.08 -17.95
N GLU D 319 42.32 4.03 -18.51
CA GLU D 319 43.23 3.18 -17.77
C GLU D 319 44.40 4.00 -17.24
N LEU D 320 45.03 4.76 -18.12
CA LEU D 320 46.17 5.57 -17.73
C LEU D 320 45.80 6.75 -16.82
N ILE D 321 44.68 7.40 -17.10
CA ILE D 321 44.26 8.51 -16.25
C ILE D 321 44.02 8.03 -14.83
N ALA D 322 43.34 6.90 -14.70
CA ALA D 322 43.04 6.32 -13.39
C ALA D 322 44.30 6.07 -12.58
N ARG D 323 45.32 5.50 -13.22
CA ARG D 323 46.55 5.21 -12.52
C ARG D 323 47.28 6.47 -12.06
N LEU D 324 47.30 7.50 -12.89
CA LEU D 324 47.96 8.74 -12.52
C LEU D 324 47.23 9.36 -11.35
N ALA D 325 45.99 9.76 -11.60
CA ALA D 325 45.14 10.40 -10.62
C ALA D 325 45.23 9.81 -9.21
N GLN D 326 45.22 8.49 -9.13
CA GLN D 326 45.28 7.83 -7.84
C GLN D 326 46.48 8.16 -6.95
N LYS D 327 47.70 8.12 -7.50
CA LYS D 327 48.89 8.37 -6.68
C LYS D 327 49.85 9.44 -7.17
N ALA D 328 49.46 10.23 -8.17
CA ALA D 328 50.38 11.23 -8.70
C ALA D 328 50.61 12.44 -7.81
N ARG D 329 49.65 12.73 -6.94
CA ARG D 329 49.73 13.90 -6.08
C ARG D 329 51.05 14.14 -5.36
N ALA D 330 51.41 13.24 -4.45
CA ALA D 330 52.66 13.41 -3.71
C ALA D 330 53.85 13.50 -4.67
N ALA D 331 53.73 12.89 -5.83
CA ALA D 331 54.81 12.92 -6.83
C ALA D 331 54.96 14.29 -7.49
N GLY D 332 53.96 15.16 -7.33
CA GLY D 332 54.02 16.48 -7.92
C GLY D 332 53.53 16.55 -9.35
N ILE D 333 52.66 15.61 -9.72
CA ILE D 333 52.10 15.56 -11.08
C ILE D 333 50.59 15.75 -10.98
N HIS D 334 50.07 16.70 -11.76
CA HIS D 334 48.64 16.99 -11.71
C HIS D 334 47.94 17.07 -13.06
N LEU D 335 46.74 16.49 -13.10
CA LEU D 335 45.91 16.45 -14.30
C LEU D 335 44.81 17.50 -14.32
N VAL D 336 44.56 18.05 -15.50
CA VAL D 336 43.50 19.04 -15.72
C VAL D 336 42.81 18.59 -17.01
N LEU D 337 41.60 18.06 -16.90
CA LEU D 337 40.86 17.60 -18.08
C LEU D 337 39.68 18.52 -18.38
N ALA D 338 39.69 19.09 -19.58
CA ALA D 338 38.65 20.01 -20.01
C ALA D 338 37.85 19.41 -21.16
N THR D 339 36.56 19.69 -21.20
CA THR D 339 35.69 19.18 -22.27
C THR D 339 34.43 20.02 -22.40
N GLN D 340 33.84 20.00 -23.58
CA GLN D 340 32.59 20.72 -23.83
C GLN D 340 31.55 19.78 -24.39
N ARG D 341 31.76 18.50 -24.13
CA ARG D 341 30.85 17.45 -24.52
C ARG D 341 30.64 16.57 -23.28
N PRO D 342 30.06 17.16 -22.23
CA PRO D 342 29.78 16.46 -20.97
C PRO D 342 28.82 15.30 -21.14
N SER D 343 29.29 14.20 -21.72
CA SER D 343 28.44 13.04 -21.89
C SER D 343 28.87 11.95 -20.94
N VAL D 344 28.02 10.96 -20.75
CA VAL D 344 28.34 9.84 -19.87
C VAL D 344 29.46 9.05 -20.53
N ASP D 345 29.63 9.28 -21.83
CA ASP D 345 30.68 8.62 -22.62
C ASP D 345 32.04 9.27 -22.39
N VAL D 346 32.02 10.56 -22.04
CA VAL D 346 33.25 11.30 -21.79
C VAL D 346 33.55 11.30 -20.30
N ILE D 347 32.65 11.90 -19.50
CA ILE D 347 32.82 11.92 -18.06
C ILE D 347 32.27 10.59 -17.57
N THR D 348 33.09 9.56 -17.69
CA THR D 348 32.70 8.21 -17.28
C THR D 348 32.81 8.02 -15.78
N GLY D 349 32.34 6.86 -15.31
CA GLY D 349 32.42 6.55 -13.89
C GLY D 349 33.86 6.53 -13.41
N LEU D 350 34.74 5.86 -14.15
CA LEU D 350 36.15 5.79 -13.76
C LEU D 350 36.77 7.16 -13.74
N ILE D 351 36.43 8.00 -14.71
CA ILE D 351 36.99 9.34 -14.75
C ILE D 351 36.54 10.11 -13.51
N LYS D 352 35.23 10.09 -13.25
CA LYS D 352 34.69 10.78 -12.08
C LYS D 352 35.28 10.22 -10.79
N ALA D 353 35.43 8.90 -10.75
CA ALA D 353 35.98 8.28 -9.57
C ALA D 353 37.42 8.74 -9.28
N ASN D 354 38.16 9.12 -10.31
CA ASN D 354 39.55 9.53 -10.08
C ASN D 354 39.87 11.04 -10.09
N ILE D 355 38.94 11.87 -10.53
CA ILE D 355 39.17 13.31 -10.50
C ILE D 355 38.20 13.90 -9.46
N PRO D 356 38.70 14.16 -8.25
CA PRO D 356 37.90 14.70 -7.15
C PRO D 356 37.32 16.09 -7.35
N THR D 357 38.15 17.04 -7.76
CA THR D 357 37.69 18.39 -7.97
C THR D 357 37.08 18.57 -9.35
N ARG D 358 35.86 19.09 -9.39
CA ARG D 358 35.20 19.31 -10.67
C ARG D 358 34.68 20.72 -10.80
N ILE D 359 34.68 21.23 -12.01
CA ILE D 359 34.16 22.56 -12.27
C ILE D 359 33.20 22.47 -13.45
N ALA D 360 32.00 22.99 -13.26
CA ALA D 360 31.02 23.00 -14.33
C ALA D 360 30.68 24.43 -14.67
N PHE D 361 30.87 24.79 -15.93
CA PHE D 361 30.47 26.11 -16.37
C PHE D 361 29.04 25.83 -16.86
N THR D 362 28.35 26.88 -17.31
CA THR D 362 26.99 26.69 -17.78
C THR D 362 26.82 25.51 -18.74
N VAL D 363 25.85 24.64 -18.44
CA VAL D 363 25.54 23.52 -19.33
C VAL D 363 24.07 23.68 -19.72
N SER D 364 23.66 22.98 -20.76
CA SER D 364 22.29 23.07 -21.27
C SER D 364 21.17 22.33 -20.52
N SER D 365 21.50 21.32 -19.72
CA SER D 365 20.48 20.56 -19.03
C SER D 365 20.88 20.05 -17.65
N LYS D 366 19.90 19.56 -16.89
CA LYS D 366 20.15 19.03 -15.56
C LYS D 366 21.02 17.79 -15.55
N ILE D 367 20.84 16.90 -16.54
CA ILE D 367 21.65 15.67 -16.57
C ILE D 367 23.11 16.00 -16.84
N ASP D 368 23.35 16.94 -17.76
CA ASP D 368 24.71 17.34 -18.08
C ASP D 368 25.37 17.83 -16.80
N SER D 369 24.63 18.62 -16.04
CA SER D 369 25.16 19.15 -14.79
C SER D 369 25.45 17.97 -13.87
N ARG D 370 24.49 17.05 -13.77
CA ARG D 370 24.66 15.88 -12.92
C ARG D 370 25.87 15.06 -13.36
N THR D 371 26.04 14.93 -14.67
CA THR D 371 27.18 14.19 -15.21
C THR D 371 28.49 14.80 -14.72
N ILE D 372 28.53 16.11 -14.61
CA ILE D 372 29.74 16.79 -14.16
C ILE D 372 29.84 16.85 -12.65
N LEU D 373 28.72 17.20 -11.99
CA LEU D 373 28.70 17.38 -10.55
C LEU D 373 27.92 16.35 -9.75
N ASP D 374 27.26 15.42 -10.43
CA ASP D 374 26.44 14.44 -9.73
C ASP D 374 25.42 15.25 -8.93
N GLN D 375 24.98 16.34 -9.56
CA GLN D 375 24.03 17.26 -8.93
C GLN D 375 23.63 18.35 -9.92
N ALA D 376 22.41 18.85 -9.79
CA ALA D 376 21.92 19.90 -10.67
C ALA D 376 22.46 21.27 -10.26
N GLY D 377 22.18 22.28 -11.09
CA GLY D 377 22.64 23.62 -10.80
C GLY D 377 23.38 24.28 -11.95
N ALA D 378 24.24 23.52 -12.64
CA ALA D 378 25.03 24.06 -13.75
C ALA D 378 24.21 24.56 -14.94
N GLU D 379 22.98 24.08 -15.07
CA GLU D 379 22.12 24.52 -16.17
C GLU D 379 21.39 25.80 -15.80
N SER D 380 21.68 26.31 -14.60
CA SER D 380 21.05 27.52 -14.10
C SER D 380 22.04 28.66 -13.95
N LEU D 381 23.17 28.55 -14.63
CA LEU D 381 24.20 29.57 -14.58
C LEU D 381 23.97 30.60 -15.71
N LEU D 382 24.60 31.76 -15.61
CA LEU D 382 24.42 32.82 -16.59
C LEU D 382 25.46 32.92 -17.72
N GLY D 383 26.18 31.84 -17.97
CA GLY D 383 27.17 31.87 -19.03
C GLY D 383 28.36 32.77 -18.75
N MET D 384 29.14 33.03 -19.79
CA MET D 384 30.31 33.88 -19.69
C MET D 384 31.15 33.71 -18.43
N GLY D 385 31.65 32.51 -18.19
CA GLY D 385 32.49 32.31 -17.01
C GLY D 385 31.81 31.97 -15.71
N ASP D 386 30.49 31.99 -15.68
CA ASP D 386 29.73 31.66 -14.47
C ASP D 386 29.95 30.15 -14.24
N MET D 387 30.26 29.75 -13.00
CA MET D 387 30.54 28.34 -12.75
C MET D 387 30.19 27.84 -11.34
N LEU D 388 30.20 26.53 -11.20
CA LEU D 388 29.98 25.90 -9.91
C LEU D 388 31.22 25.06 -9.60
N TYR D 389 31.89 25.36 -8.50
CA TYR D 389 33.09 24.66 -8.10
C TYR D 389 32.69 23.54 -7.12
N SER D 390 33.25 22.36 -7.34
CA SER D 390 32.93 21.22 -6.49
C SER D 390 34.21 20.49 -6.06
N GLY D 391 34.71 20.85 -4.88
CA GLY D 391 35.92 20.25 -4.36
C GLY D 391 35.75 18.86 -3.81
N PRO D 392 36.83 18.25 -3.28
CA PRO D 392 36.79 16.90 -2.72
C PRO D 392 36.47 16.87 -1.21
N ASN D 393 36.67 18.00 -0.55
CA ASN D 393 36.43 18.09 0.88
C ASN D 393 35.13 18.80 1.24
N SER D 394 34.07 18.53 0.49
CA SER D 394 32.77 19.11 0.77
C SER D 394 31.75 18.69 -0.28
N THR D 395 30.52 18.48 0.15
CA THR D 395 29.45 18.08 -0.75
C THR D 395 28.71 19.27 -1.36
N LEU D 396 28.87 20.43 -0.75
CA LEU D 396 28.22 21.64 -1.22
C LEU D 396 29.07 22.32 -2.28
N PRO D 397 28.50 22.60 -3.45
CA PRO D 397 29.27 23.27 -4.50
C PRO D 397 29.27 24.79 -4.22
N VAL D 398 30.28 25.49 -4.73
CA VAL D 398 30.38 26.92 -4.52
C VAL D 398 30.30 27.60 -5.86
N ARG D 399 29.43 28.60 -5.98
CA ARG D 399 29.30 29.31 -7.24
C ARG D 399 30.43 30.32 -7.33
N VAL D 400 31.02 30.47 -8.50
CA VAL D 400 32.11 31.41 -8.70
C VAL D 400 31.96 32.05 -10.06
N HIS D 401 32.21 33.35 -10.15
CA HIS D 401 32.12 34.05 -11.42
C HIS D 401 33.53 34.13 -11.96
N GLY D 402 33.77 33.35 -13.02
CA GLY D 402 35.08 33.25 -13.62
C GLY D 402 35.80 34.50 -14.03
N ALA D 403 37.12 34.53 -13.80
CA ALA D 403 37.93 35.69 -14.18
C ALA D 403 37.97 35.70 -15.69
N PHE D 404 37.91 36.88 -16.29
CA PHE D 404 37.95 37.01 -17.73
C PHE D 404 39.33 37.42 -18.22
N VAL D 405 39.73 36.83 -19.36
CA VAL D 405 41.01 37.14 -19.97
C VAL D 405 40.84 37.14 -21.48
N ARG D 406 41.39 38.16 -22.14
CA ARG D 406 41.33 38.28 -23.59
C ARG D 406 42.29 37.31 -24.30
N ASP D 407 41.87 36.77 -25.44
CA ASP D 407 42.75 35.89 -26.18
C ASP D 407 44.08 36.62 -26.39
N GLN D 408 43.98 37.91 -26.67
CA GLN D 408 45.15 38.76 -26.89
C GLN D 408 46.05 38.84 -25.66
N GLU D 409 45.45 38.84 -24.47
CA GLU D 409 46.23 38.93 -23.22
C GLU D 409 47.05 37.65 -23.04
N VAL D 410 46.54 36.55 -23.58
CA VAL D 410 47.24 35.29 -23.50
C VAL D 410 48.45 35.40 -24.43
N HIS D 411 48.27 36.07 -25.55
CA HIS D 411 49.37 36.22 -26.48
C HIS D 411 50.45 37.08 -25.86
N ALA D 412 50.05 38.19 -25.26
CA ALA D 412 51.00 39.08 -24.63
C ALA D 412 51.81 38.34 -23.58
N VAL D 413 51.14 37.64 -22.68
CA VAL D 413 51.86 36.91 -21.65
C VAL D 413 52.78 35.85 -22.22
N VAL D 414 52.30 35.12 -23.21
CA VAL D 414 53.10 34.09 -23.83
C VAL D 414 54.32 34.69 -24.50
N GLN D 415 54.14 35.81 -25.19
CA GLN D 415 55.25 36.49 -25.87
C GLN D 415 56.30 36.91 -24.88
N ASP D 416 55.84 37.43 -23.74
CA ASP D 416 56.74 37.88 -22.68
C ASP D 416 57.60 36.71 -22.22
N TRP D 417 57.00 35.53 -22.09
CA TRP D 417 57.74 34.36 -21.63
C TRP D 417 58.73 33.81 -22.65
N LYS D 418 58.37 33.91 -23.91
CA LYS D 418 59.24 33.40 -24.96
C LYS D 418 60.51 34.24 -25.10
N ALA D 419 60.42 35.51 -24.72
CA ALA D 419 61.57 36.39 -24.80
C ALA D 419 62.65 35.98 -23.79
N ARG D 420 62.26 35.29 -22.72
CA ARG D 420 63.21 34.86 -21.70
C ARG D 420 63.94 33.58 -22.08
N GLY D 421 63.46 32.91 -23.11
CA GLY D 421 64.12 31.69 -23.53
C GLY D 421 63.17 30.68 -24.13
N ARG D 422 63.71 29.62 -24.69
CA ARG D 422 62.90 28.58 -25.29
C ARG D 422 62.84 27.37 -24.38
N PRO D 423 61.81 26.53 -24.56
CA PRO D 423 61.67 25.34 -23.73
C PRO D 423 62.76 24.29 -23.95
N GLN D 424 63.19 23.67 -22.85
CA GLN D 424 64.20 22.64 -22.87
C GLN D 424 63.45 21.31 -22.84
N TYR D 425 62.98 20.86 -23.99
CA TYR D 425 62.22 19.62 -24.07
C TYR D 425 62.89 18.40 -23.46
N VAL D 426 62.07 17.42 -23.14
CA VAL D 426 62.52 16.16 -22.59
C VAL D 426 62.23 15.14 -23.68
N ASP D 427 63.18 14.25 -23.94
CA ASP D 427 63.01 13.25 -24.97
C ASP D 427 62.15 12.07 -24.55
N GLY D 428 61.52 11.43 -25.53
CA GLY D 428 60.72 10.26 -25.25
C GLY D 428 59.30 10.42 -24.74
N ILE D 429 58.96 11.55 -24.13
CA ILE D 429 57.61 11.72 -23.63
C ILE D 429 56.56 11.25 -24.66
N THR D 430 56.78 11.60 -25.92
CA THR D 430 55.87 11.24 -27.00
C THR D 430 56.08 9.84 -27.59
N SER D 431 57.32 9.38 -27.61
CA SER D 431 57.63 8.07 -28.16
C SER D 431 57.55 6.98 -27.10
N ASP D 432 58.34 7.06 -26.15
N LEU E 23 -10.33 -52.87 19.83
CA LEU E 23 -9.97 -51.53 19.26
C LEU E 23 -10.23 -51.39 17.76
N PRO E 24 -9.99 -52.43 16.94
CA PRO E 24 -10.27 -52.23 15.52
C PRO E 24 -11.78 -52.05 15.30
N SER E 25 -12.15 -51.20 14.35
CA SER E 25 -13.58 -50.94 14.09
C SER E 25 -14.34 -52.03 13.38
N LEU E 26 -15.64 -52.10 13.67
CA LEU E 26 -16.53 -53.09 13.07
C LEU E 26 -16.82 -52.81 11.62
N ASP E 27 -16.34 -51.70 11.06
CA ASP E 27 -16.64 -51.39 9.66
C ASP E 27 -15.61 -51.89 8.66
N LEU E 28 -14.68 -52.71 9.14
CA LEU E 28 -13.65 -53.29 8.29
C LEU E 28 -14.25 -54.55 7.71
N LEU E 29 -15.43 -54.90 8.22
CA LEU E 29 -16.19 -56.08 7.82
C LEU E 29 -17.48 -55.76 7.03
N THR E 30 -17.85 -56.64 6.10
CA THR E 30 -19.07 -56.40 5.32
C THR E 30 -20.32 -56.56 6.20
N PRO E 31 -21.28 -55.63 6.06
CA PRO E 31 -22.53 -55.63 6.82
C PRO E 31 -23.52 -56.65 6.26
N PRO E 32 -24.41 -57.18 7.10
CA PRO E 32 -25.40 -58.16 6.64
C PRO E 32 -26.37 -57.59 5.62
N THR E 41 -44.38 -70.15 3.68
CA THR E 41 -44.99 -71.21 4.50
C THR E 41 -45.58 -72.30 3.62
N PHE E 42 -45.96 -71.93 2.40
CA PHE E 42 -46.53 -72.89 1.46
C PHE E 42 -45.48 -73.92 1.04
N ALA E 43 -44.33 -73.41 0.58
CA ALA E 43 -43.24 -74.27 0.14
C ALA E 43 -42.91 -75.32 1.19
N LEU E 44 -43.09 -74.95 2.46
CA LEU E 44 -42.78 -75.85 3.56
C LEU E 44 -43.75 -77.02 3.69
N GLU E 45 -45.02 -76.72 3.90
CA GLU E 45 -46.03 -77.76 4.06
C GLU E 45 -46.06 -78.72 2.87
N GLN E 46 -45.70 -78.22 1.70
CA GLN E 46 -45.65 -79.05 0.51
C GLN E 46 -44.52 -80.05 0.70
N MET E 47 -43.37 -79.54 1.14
CA MET E 47 -42.19 -80.35 1.39
C MET E 47 -42.46 -81.33 2.52
N ALA E 48 -43.15 -80.86 3.55
CA ALA E 48 -43.48 -81.69 4.69
C ALA E 48 -44.36 -82.84 4.23
N ARG E 49 -45.22 -82.57 3.27
CA ARG E 49 -46.13 -83.56 2.72
C ARG E 49 -45.38 -84.60 1.89
N LEU E 50 -44.38 -84.14 1.14
CA LEU E 50 -43.57 -85.03 0.31
C LEU E 50 -42.69 -85.89 1.21
N VAL E 51 -42.24 -85.31 2.31
CA VAL E 51 -41.40 -86.03 3.27
C VAL E 51 -42.23 -87.17 3.85
N GLU E 52 -43.45 -86.83 4.27
CA GLU E 52 -44.37 -87.79 4.84
C GLU E 52 -44.70 -88.84 3.77
N ALA E 53 -44.71 -88.39 2.52
CA ALA E 53 -44.99 -89.27 1.40
C ALA E 53 -43.83 -90.22 1.17
N ARG E 54 -42.62 -89.67 1.15
CA ARG E 54 -41.41 -90.45 0.94
C ARG E 54 -41.17 -91.44 2.09
N LEU E 55 -41.47 -91.00 3.30
CA LEU E 55 -41.30 -91.85 4.47
C LEU E 55 -42.29 -93.02 4.43
N ALA E 56 -43.55 -92.69 4.21
CA ALA E 56 -44.60 -93.69 4.12
C ALA E 56 -44.36 -94.62 2.94
N ASP E 57 -43.49 -94.18 2.04
CA ASP E 57 -43.15 -94.96 0.84
C ASP E 57 -42.45 -96.25 1.26
N PHE E 58 -41.98 -96.29 2.50
CA PHE E 58 -41.31 -97.47 3.05
C PHE E 58 -42.20 -97.99 4.17
N ARG E 59 -41.68 -98.91 4.97
CA ARG E 59 -42.46 -99.45 6.09
C ARG E 59 -42.31 -98.45 7.25
N ILE E 60 -42.28 -97.18 6.88
CA ILE E 60 -42.15 -96.09 7.83
C ILE E 60 -43.35 -95.16 7.74
N LYS E 61 -44.21 -95.21 8.75
CA LYS E 61 -45.37 -94.34 8.80
C LYS E 61 -45.06 -93.27 9.84
N ALA E 62 -45.10 -92.00 9.44
CA ALA E 62 -44.82 -90.91 10.38
C ALA E 62 -45.55 -89.64 10.01
N ASP E 63 -45.81 -88.82 11.04
CA ASP E 63 -46.52 -87.55 10.87
C ASP E 63 -45.60 -86.35 11.10
N VAL E 64 -45.65 -85.39 10.19
CA VAL E 64 -44.86 -84.16 10.32
C VAL E 64 -45.77 -83.22 11.10
N VAL E 65 -45.63 -83.26 12.42
CA VAL E 65 -46.44 -82.44 13.31
C VAL E 65 -45.99 -80.98 13.45
N ASN E 66 -44.79 -80.65 12.98
CA ASN E 66 -44.32 -79.28 13.08
C ASN E 66 -42.99 -79.06 12.36
N TYR E 67 -42.69 -77.79 12.08
CA TYR E 67 -41.47 -77.41 11.41
C TYR E 67 -41.12 -75.95 11.69
N SER E 68 -39.83 -75.67 11.82
CA SER E 68 -39.34 -74.32 12.10
C SER E 68 -38.24 -73.95 11.10
N PRO E 69 -38.42 -72.85 10.36
CA PRO E 69 -37.45 -72.38 9.36
C PRO E 69 -36.34 -71.51 9.94
N GLY E 70 -35.14 -71.65 9.39
CA GLY E 70 -34.01 -70.87 9.83
C GLY E 70 -33.30 -70.22 8.66
N PRO E 71 -32.05 -69.76 8.85
CA PRO E 71 -31.26 -69.11 7.81
C PRO E 71 -30.73 -70.08 6.74
N VAL E 72 -30.44 -71.31 7.15
CA VAL E 72 -29.91 -72.31 6.23
C VAL E 72 -30.84 -73.49 5.98
N ILE E 73 -31.38 -74.08 7.03
CA ILE E 73 -32.28 -75.22 6.86
C ILE E 73 -33.58 -75.02 7.60
N THR E 74 -34.48 -75.99 7.46
CA THR E 74 -35.77 -75.97 8.12
C THR E 74 -35.88 -77.34 8.76
N ARG E 75 -36.14 -77.38 10.05
CA ARG E 75 -36.25 -78.65 10.76
C ARG E 75 -37.68 -79.15 10.84
N PHE E 76 -37.90 -80.36 10.33
CA PHE E 76 -39.22 -80.97 10.37
C PHE E 76 -39.26 -81.97 11.50
N GLU E 77 -40.27 -81.84 12.36
CA GLU E 77 -40.44 -82.71 13.51
C GLU E 77 -41.40 -83.85 13.17
N LEU E 78 -40.88 -85.06 13.06
CA LEU E 78 -41.69 -86.21 12.71
C LEU E 78 -42.17 -86.98 13.92
N ASN E 79 -43.32 -87.62 13.78
CA ASN E 79 -43.89 -88.40 14.86
C ASN E 79 -43.97 -89.86 14.44
N LEU E 80 -42.90 -90.61 14.69
CA LEU E 80 -42.87 -92.01 14.31
C LEU E 80 -44.01 -92.74 14.99
N ALA E 81 -44.43 -93.87 14.42
CA ALA E 81 -45.51 -94.65 14.99
C ALA E 81 -44.92 -95.54 16.09
N PRO E 82 -45.79 -96.22 16.86
CA PRO E 82 -45.32 -97.10 17.94
C PRO E 82 -44.10 -97.92 17.56
N ASP E 95 -30.85 -92.45 1.47
CA ASP E 95 -31.87 -92.68 0.44
C ASP E 95 -33.01 -91.68 0.55
N LEU E 96 -33.44 -91.40 1.77
CA LEU E 96 -34.52 -90.44 2.01
C LEU E 96 -34.08 -89.09 1.44
N ALA E 97 -32.80 -88.82 1.58
CA ALA E 97 -32.22 -87.57 1.10
C ALA E 97 -32.02 -87.66 -0.42
N ARG E 98 -32.59 -88.69 -1.02
CA ARG E 98 -32.48 -88.91 -2.46
C ARG E 98 -33.87 -89.12 -3.09
N SER E 99 -34.91 -88.95 -2.27
CA SER E 99 -36.29 -89.13 -2.72
C SER E 99 -36.94 -87.82 -3.21
N LEU E 100 -36.26 -86.71 -2.96
CA LEU E 100 -36.70 -85.37 -3.38
C LEU E 100 -35.36 -84.82 -3.89
N SER E 101 -35.18 -83.50 -4.11
CA SER E 101 -33.86 -82.97 -4.61
C SER E 101 -32.99 -81.92 -3.79
N THR E 102 -32.50 -82.33 -2.61
CA THR E 102 -31.66 -81.57 -1.64
C THR E 102 -30.32 -82.28 -1.49
N VAL E 103 -29.23 -81.54 -1.59
CA VAL E 103 -27.89 -82.12 -1.44
C VAL E 103 -27.86 -83.21 -0.36
N ALA E 104 -28.64 -83.03 0.71
CA ALA E 104 -28.69 -84.00 1.80
C ALA E 104 -29.77 -83.68 2.85
N VAL E 105 -30.01 -84.64 3.74
CA VAL E 105 -30.97 -84.48 4.80
C VAL E 105 -30.30 -84.98 6.08
N ARG E 106 -30.52 -84.28 7.18
CA ARG E 106 -29.93 -84.70 8.44
C ARG E 106 -30.98 -85.21 9.42
N VAL E 107 -30.85 -86.48 9.77
CA VAL E 107 -31.75 -87.18 10.69
C VAL E 107 -31.33 -87.00 12.14
N VAL E 108 -31.96 -86.05 12.84
CA VAL E 108 -31.63 -85.82 14.24
C VAL E 108 -32.48 -86.73 15.13
N GLU E 109 -31.85 -87.78 15.64
CA GLU E 109 -32.53 -88.74 16.50
C GLU E 109 -33.28 -88.12 17.69
N VAL E 110 -32.66 -87.14 18.34
CA VAL E 110 -33.30 -86.49 19.49
C VAL E 110 -33.37 -84.98 19.40
N ILE E 111 -34.59 -84.44 19.48
CA ILE E 111 -34.81 -83.00 19.44
C ILE E 111 -34.98 -82.59 20.90
N PRO E 112 -34.07 -81.72 21.41
CA PRO E 112 -34.17 -81.28 22.80
C PRO E 112 -35.54 -80.72 23.22
N GLY E 113 -36.19 -81.42 24.14
CA GLY E 113 -37.49 -80.99 24.64
C GLY E 113 -38.73 -81.60 24.00
N LYS E 114 -38.55 -82.30 22.88
CA LYS E 114 -39.69 -82.90 22.20
C LYS E 114 -39.50 -84.39 21.96
N PRO E 115 -40.61 -85.14 21.89
CA PRO E 115 -40.61 -86.58 21.67
C PRO E 115 -40.52 -86.94 20.19
N TYR E 116 -40.46 -85.91 19.34
CA TYR E 116 -40.41 -86.11 17.90
C TYR E 116 -39.00 -86.31 17.35
N VAL E 117 -38.91 -86.86 16.15
CA VAL E 117 -37.64 -87.09 15.48
C VAL E 117 -37.39 -85.92 14.53
N GLY E 118 -36.17 -85.43 14.50
CA GLY E 118 -35.85 -84.29 13.63
C GLY E 118 -35.33 -84.63 12.25
N LEU E 119 -35.82 -83.89 11.26
CA LEU E 119 -35.41 -84.05 9.87
C LEU E 119 -35.10 -82.68 9.34
N GLU E 120 -33.82 -82.40 9.14
CA GLU E 120 -33.44 -81.09 8.62
C GLU E 120 -33.25 -81.12 7.11
N LEU E 121 -33.90 -80.16 6.46
CA LEU E 121 -33.84 -80.01 5.02
C LEU E 121 -33.34 -78.61 4.70
N PRO E 122 -32.50 -78.47 3.66
CA PRO E 122 -31.95 -77.17 3.27
C PRO E 122 -32.99 -76.29 2.60
N ASN E 123 -32.84 -74.99 2.79
CA ASN E 123 -33.77 -74.04 2.19
C ASN E 123 -33.35 -73.76 0.76
N LYS E 124 -34.34 -73.53 -0.09
CA LYS E 124 -34.10 -73.24 -1.49
C LYS E 124 -33.23 -72.00 -1.60
N LYS E 125 -33.53 -71.03 -0.74
CA LYS E 125 -32.76 -69.80 -0.71
C LYS E 125 -31.95 -69.85 0.58
N ARG E 126 -30.62 -69.85 0.45
CA ARG E 126 -29.74 -69.93 1.62
C ARG E 126 -29.19 -68.57 2.03
N GLN E 127 -29.29 -68.27 3.31
CA GLN E 127 -28.79 -67.00 3.84
C GLN E 127 -27.36 -67.15 4.35
N THR E 128 -26.57 -66.11 4.12
CA THR E 128 -25.18 -66.07 4.57
C THR E 128 -25.15 -65.54 6.00
N VAL E 129 -24.27 -66.11 6.82
CA VAL E 129 -24.13 -65.64 8.19
C VAL E 129 -22.86 -64.79 8.19
N TYR E 130 -23.00 -63.51 8.52
CA TYR E 130 -21.85 -62.59 8.53
C TYR E 130 -21.21 -62.45 9.89
N LEU E 131 -19.88 -62.37 9.91
CA LEU E 131 -19.12 -62.24 11.15
C LEU E 131 -19.59 -61.00 11.89
N ARG E 132 -19.58 -59.87 11.19
CA ARG E 132 -20.00 -58.60 11.76
C ARG E 132 -21.33 -58.63 12.51
N GLU E 133 -22.30 -59.39 11.99
CA GLU E 133 -23.61 -59.46 12.64
C GLU E 133 -23.51 -60.07 14.03
N VAL E 134 -22.75 -61.15 14.16
CA VAL E 134 -22.64 -61.77 15.46
C VAL E 134 -21.66 -61.00 16.35
N LEU E 135 -20.71 -60.29 15.75
CA LEU E 135 -19.77 -59.50 16.53
C LEU E 135 -20.50 -58.27 17.08
N ASP E 136 -21.62 -57.93 16.45
CA ASP E 136 -22.40 -56.77 16.86
C ASP E 136 -23.45 -57.13 17.90
N ASN E 137 -23.71 -58.42 18.04
CA ASN E 137 -24.70 -58.89 19.00
C ASN E 137 -24.21 -58.69 20.44
N ALA E 138 -25.14 -58.69 21.39
CA ALA E 138 -24.80 -58.50 22.80
C ALA E 138 -24.13 -59.73 23.39
N LYS E 139 -24.46 -60.91 22.86
CA LYS E 139 -23.86 -62.15 23.33
C LYS E 139 -22.35 -62.10 23.24
N PHE E 140 -21.83 -61.36 22.27
CA PHE E 140 -20.40 -61.23 22.08
C PHE E 140 -19.84 -59.99 22.78
N ARG E 141 -20.62 -58.92 22.77
CA ARG E 141 -20.21 -57.67 23.39
C ARG E 141 -20.13 -57.76 24.90
N ASP E 142 -21.10 -58.45 25.48
CA ASP E 142 -21.19 -58.60 26.93
C ASP E 142 -20.23 -59.58 27.57
N ASN E 143 -19.87 -60.65 26.87
CA ASN E 143 -18.95 -61.62 27.47
C ASN E 143 -17.64 -60.94 27.82
N PRO E 144 -17.24 -60.98 29.10
CA PRO E 144 -15.99 -60.36 29.57
C PRO E 144 -14.74 -61.15 29.18
N SER E 145 -14.93 -62.42 28.82
CA SER E 145 -13.82 -63.30 28.45
C SER E 145 -13.12 -62.90 27.15
N PRO E 146 -11.81 -62.68 27.21
CA PRO E 146 -11.08 -62.32 26.00
C PRO E 146 -11.01 -63.48 25.01
N LEU E 147 -11.35 -64.68 25.47
CA LEU E 147 -11.32 -65.83 24.58
C LEU E 147 -12.71 -66.17 24.03
N THR E 148 -13.51 -65.12 23.84
CA THR E 148 -14.86 -65.26 23.29
C THR E 148 -14.72 -65.40 21.77
N VAL E 149 -15.39 -66.38 21.17
CA VAL E 149 -15.30 -66.58 19.74
C VAL E 149 -16.66 -66.79 19.09
N VAL E 150 -16.85 -66.17 17.95
CA VAL E 150 -18.09 -66.32 17.23
C VAL E 150 -18.07 -67.64 16.49
N LEU E 151 -19.19 -68.34 16.48
CA LEU E 151 -19.33 -69.61 15.79
C LEU E 151 -20.24 -69.39 14.55
N GLY E 152 -21.33 -68.64 14.74
CA GLY E 152 -22.25 -68.35 13.65
C GLY E 152 -23.67 -68.15 14.14
N LYS E 153 -24.60 -68.94 13.62
CA LYS E 153 -26.00 -68.89 14.04
C LYS E 153 -26.47 -70.32 14.14
N ASP E 154 -27.39 -70.58 15.07
CA ASP E 154 -27.94 -71.93 15.22
C ASP E 154 -29.06 -72.08 14.21
N ILE E 155 -29.60 -73.29 14.08
CA ILE E 155 -30.65 -73.56 13.11
C ILE E 155 -31.83 -72.59 13.14
N ALA E 156 -32.12 -72.02 14.31
CA ALA E 156 -33.24 -71.08 14.39
C ALA E 156 -32.84 -69.63 14.08
N GLY E 157 -31.58 -69.42 13.72
CA GLY E 157 -31.13 -68.08 13.39
C GLY E 157 -30.53 -67.27 14.52
N GLU E 158 -30.44 -67.86 15.71
CA GLU E 158 -29.87 -67.16 16.85
C GLU E 158 -28.35 -67.17 16.87
N PRO E 159 -27.74 -66.02 17.13
CA PRO E 159 -26.28 -65.92 17.17
C PRO E 159 -25.69 -66.89 18.20
N VAL E 160 -24.60 -67.55 17.82
CA VAL E 160 -23.95 -68.51 18.71
C VAL E 160 -22.52 -68.11 19.03
N VAL E 161 -22.29 -67.72 20.27
CA VAL E 161 -20.97 -67.33 20.72
C VAL E 161 -20.48 -68.42 21.67
N ALA E 162 -19.17 -68.54 21.80
CA ALA E 162 -18.56 -69.54 22.69
C ALA E 162 -17.31 -68.97 23.36
N ASP E 163 -16.85 -69.63 24.42
CA ASP E 163 -15.67 -69.20 25.17
C ASP E 163 -14.58 -70.27 25.06
N LEU E 164 -13.51 -69.96 24.34
CA LEU E 164 -12.41 -70.90 24.17
C LEU E 164 -11.89 -71.37 25.54
N ALA E 165 -12.02 -70.50 26.54
CA ALA E 165 -11.57 -70.80 27.89
C ALA E 165 -12.40 -71.85 28.60
N LYS E 166 -13.64 -72.03 28.17
CA LYS E 166 -14.52 -73.03 28.81
C LYS E 166 -14.49 -74.36 28.06
N MET E 167 -13.95 -74.35 26.86
CA MET E 167 -13.92 -75.55 26.04
C MET E 167 -13.27 -76.81 26.62
N PRO E 168 -12.02 -76.72 27.10
CA PRO E 168 -11.12 -75.57 27.17
C PRO E 168 -10.12 -75.64 25.99
N HIS E 169 -10.21 -76.70 25.22
CA HIS E 169 -9.37 -76.88 24.04
C HIS E 169 -10.32 -77.41 22.97
N LEU E 170 -10.04 -77.17 21.70
CA LEU E 170 -10.93 -77.71 20.70
C LEU E 170 -10.23 -78.36 19.52
N LEU E 171 -11.01 -79.16 18.82
CA LEU E 171 -10.54 -79.87 17.66
C LEU E 171 -11.50 -79.50 16.54
N VAL E 172 -10.96 -78.92 15.48
CA VAL E 172 -11.76 -78.53 14.33
C VAL E 172 -11.40 -79.47 13.18
N ALA E 173 -12.40 -79.88 12.41
CA ALA E 173 -12.14 -80.78 11.29
C ALA E 173 -13.23 -80.72 10.24
N GLY E 174 -12.87 -81.19 9.04
CA GLY E 174 -13.78 -81.21 7.91
C GLY E 174 -12.96 -81.37 6.65
N THR E 175 -13.62 -81.57 5.50
CA THR E 175 -12.89 -81.72 4.24
C THR E 175 -12.33 -80.37 3.77
N THR E 176 -11.67 -80.35 2.63
CA THR E 176 -11.03 -79.14 2.11
C THR E 176 -11.82 -77.83 2.01
N GLY E 177 -13.04 -77.86 1.46
CA GLY E 177 -13.77 -76.62 1.34
C GLY E 177 -15.06 -76.55 2.14
N SER E 178 -15.08 -77.20 3.29
CA SER E 178 -16.28 -77.21 4.12
C SER E 178 -16.38 -75.97 5.02
N GLY E 179 -15.24 -75.30 5.21
CA GLY E 179 -15.23 -74.08 6.03
C GLY E 179 -14.41 -74.11 7.30
N ALA E 180 -13.50 -75.07 7.44
CA ALA E 180 -12.68 -75.16 8.64
C ALA E 180 -11.71 -73.99 8.78
N SER E 181 -11.10 -73.59 7.66
CA SER E 181 -10.15 -72.49 7.70
C SER E 181 -10.86 -71.16 7.96
N VAL E 182 -12.02 -70.97 7.35
CA VAL E 182 -12.78 -69.73 7.53
C VAL E 182 -13.27 -69.66 8.97
N GLY E 183 -13.66 -70.82 9.51
CA GLY E 183 -14.13 -70.89 10.88
C GLY E 183 -13.06 -70.49 11.88
N VAL E 184 -11.85 -71.00 11.70
CA VAL E 184 -10.74 -70.68 12.57
C VAL E 184 -10.45 -69.19 12.46
N ASN E 185 -10.59 -68.65 11.25
CA ASN E 185 -10.36 -67.22 11.03
C ASN E 185 -11.43 -66.43 11.78
N ALA E 186 -12.64 -66.96 11.77
CA ALA E 186 -13.72 -66.29 12.47
C ALA E 186 -13.35 -66.22 13.96
N MET E 187 -12.76 -67.29 14.48
CA MET E 187 -12.37 -67.32 15.89
C MET E 187 -11.20 -66.37 16.16
N ILE E 188 -10.19 -66.37 15.29
CA ILE E 188 -9.06 -65.47 15.53
C ILE E 188 -9.51 -64.01 15.48
N LEU E 189 -10.31 -63.66 14.47
CA LEU E 189 -10.78 -62.28 14.35
C LEU E 189 -11.63 -61.90 15.56
N SER E 190 -12.44 -62.85 16.04
CA SER E 190 -13.27 -62.59 17.20
C SER E 190 -12.40 -62.06 18.33
N MET E 191 -11.29 -62.75 18.59
CA MET E 191 -10.41 -62.31 19.65
C MET E 191 -9.75 -60.99 19.35
N LEU E 192 -9.42 -60.74 18.08
CA LEU E 192 -8.77 -59.47 17.71
C LEU E 192 -9.75 -58.30 17.85
N TYR E 193 -11.02 -58.62 18.03
CA TYR E 193 -12.05 -57.60 18.22
C TYR E 193 -12.38 -57.44 19.69
N LYS E 194 -11.54 -57.97 20.58
CA LYS E 194 -11.83 -57.85 22.00
C LYS E 194 -10.61 -57.86 22.92
N ALA E 195 -9.52 -58.49 22.50
CA ALA E 195 -8.32 -58.59 23.34
C ALA E 195 -7.09 -57.82 22.91
N GLN E 196 -6.40 -57.29 23.91
CA GLN E 196 -5.15 -56.57 23.69
C GLN E 196 -4.06 -57.62 23.82
N PRO E 197 -2.88 -57.34 23.28
CA PRO E 197 -1.84 -58.36 23.42
C PRO E 197 -1.72 -58.84 24.87
N GLU E 198 -1.84 -57.90 25.82
CA GLU E 198 -1.76 -58.23 27.24
C GLU E 198 -2.83 -59.24 27.68
N ASP E 199 -3.95 -59.30 26.95
CA ASP E 199 -5.02 -60.24 27.28
C ASP E 199 -4.78 -61.61 26.67
N VAL E 200 -4.47 -61.62 25.38
CA VAL E 200 -4.24 -62.86 24.65
C VAL E 200 -3.00 -62.82 23.76
N ARG E 201 -2.24 -63.91 23.76
CA ARG E 201 -1.07 -64.05 22.92
C ARG E 201 -1.21 -65.36 22.16
N PHE E 202 -0.78 -65.39 20.91
CA PHE E 202 -0.89 -66.61 20.11
C PHE E 202 0.44 -67.22 19.73
N ILE E 203 0.39 -68.52 19.49
CA ILE E 203 1.51 -69.29 18.98
C ILE E 203 0.85 -70.03 17.81
N MET E 204 1.10 -69.56 16.60
CA MET E 204 0.50 -70.17 15.42
C MET E 204 1.43 -71.13 14.71
N ILE E 205 0.97 -72.38 14.60
CA ILE E 205 1.69 -73.46 13.94
C ILE E 205 1.08 -73.61 12.54
N ASP E 206 1.87 -73.40 11.49
CA ASP E 206 1.34 -73.54 10.13
C ASP E 206 2.28 -74.29 9.19
N PRO E 207 2.14 -75.62 9.13
CA PRO E 207 2.95 -76.50 8.29
C PRO E 207 2.75 -76.40 6.78
N LYS E 208 1.56 -75.97 6.34
CA LYS E 208 1.30 -75.81 4.91
C LYS E 208 1.49 -74.34 4.58
N MET E 209 2.00 -73.61 5.57
CA MET E 209 2.25 -72.18 5.46
C MET E 209 1.45 -71.54 4.35
N LEU E 210 0.32 -70.94 4.69
CA LEU E 210 -0.51 -70.29 3.70
C LEU E 210 -1.86 -69.88 4.26
N GLU E 211 -2.10 -70.10 5.54
CA GLU E 211 -3.38 -69.73 6.10
C GLU E 211 -3.24 -68.90 7.37
N LEU E 212 -2.35 -69.30 8.26
CA LEU E 212 -2.13 -68.55 9.50
C LEU E 212 -1.01 -67.53 9.29
N SER E 213 -0.26 -67.70 8.21
CA SER E 213 0.85 -66.79 7.89
C SER E 213 0.34 -65.38 7.59
N VAL E 214 -0.95 -65.29 7.35
CA VAL E 214 -1.60 -64.03 7.06
C VAL E 214 -1.65 -63.14 8.30
N TYR E 215 -1.35 -63.71 9.47
CA TYR E 215 -1.37 -62.96 10.72
C TYR E 215 0.02 -62.52 11.15
N GLU E 216 1.02 -62.86 10.35
CA GLU E 216 2.40 -62.50 10.66
C GLU E 216 2.47 -61.00 10.98
N GLY E 217 3.19 -60.65 12.04
CA GLY E 217 3.28 -59.24 12.39
C GLY E 217 2.28 -58.80 13.44
N ILE E 218 1.19 -59.54 13.61
CA ILE E 218 0.19 -59.20 14.64
C ILE E 218 0.88 -59.08 16.00
N PRO E 219 0.70 -57.95 16.70
CA PRO E 219 1.33 -57.74 18.00
C PRO E 219 1.04 -58.84 19.04
N HIS E 220 -0.03 -59.60 18.80
CA HIS E 220 -0.44 -60.67 19.70
C HIS E 220 0.46 -61.92 19.59
N LEU E 221 1.18 -62.04 18.48
CA LEU E 221 2.06 -63.18 18.25
C LEU E 221 3.21 -63.28 19.24
N LEU E 222 3.31 -64.41 19.94
CA LEU E 222 4.39 -64.62 20.92
C LEU E 222 5.72 -64.88 20.23
N THR E 223 5.64 -65.45 19.04
CA THR E 223 6.80 -65.77 18.23
C THR E 223 6.33 -65.74 16.78
N GLU E 224 7.26 -65.79 15.84
CA GLU E 224 6.91 -65.77 14.42
C GLU E 224 6.12 -67.04 14.12
N VAL E 225 5.26 -67.00 13.10
CA VAL E 225 4.46 -68.17 12.72
C VAL E 225 5.38 -69.38 12.50
N VAL E 226 5.18 -70.42 13.30
CA VAL E 226 6.00 -71.62 13.21
C VAL E 226 5.69 -72.48 11.99
N THR E 227 6.74 -72.69 11.21
CA THR E 227 6.64 -73.44 9.98
C THR E 227 7.28 -74.81 10.05
N ASP E 228 8.40 -74.91 10.76
CA ASP E 228 9.06 -76.19 10.88
C ASP E 228 8.29 -77.03 11.87
N MET E 229 8.15 -78.32 11.59
CA MET E 229 7.41 -79.20 12.46
C MET E 229 8.15 -79.60 13.73
N LYS E 230 9.48 -79.51 13.71
CA LYS E 230 10.28 -79.83 14.89
C LYS E 230 10.19 -78.64 15.83
N ASP E 231 10.07 -77.45 15.24
CA ASP E 231 9.95 -76.19 15.97
C ASP E 231 8.57 -76.19 16.66
N ALA E 232 7.58 -76.75 15.97
CA ALA E 232 6.24 -76.81 16.53
C ALA E 232 6.27 -77.63 17.82
N ALA E 233 6.88 -78.81 17.74
CA ALA E 233 6.97 -79.67 18.89
C ALA E 233 7.62 -78.92 20.03
N ASN E 234 8.66 -78.13 19.74
CA ASN E 234 9.35 -77.37 20.79
C ASN E 234 8.46 -76.29 21.38
N ALA E 235 7.62 -75.70 20.54
CA ALA E 235 6.71 -74.65 20.98
C ALA E 235 5.80 -75.25 22.06
N LEU E 236 5.36 -76.48 21.80
CA LEU E 236 4.51 -77.18 22.74
C LEU E 236 5.25 -77.45 24.04
N ARG E 237 6.52 -77.86 23.94
CA ARG E 237 7.35 -78.14 25.11
C ARG E 237 7.46 -76.85 25.92
N TRP E 238 7.56 -75.72 25.23
CA TRP E 238 7.65 -74.43 25.89
C TRP E 238 6.35 -74.22 26.67
N CYS E 239 5.23 -74.53 26.03
CA CYS E 239 3.94 -74.33 26.67
C CYS E 239 3.86 -75.09 27.98
N VAL E 240 4.34 -76.33 27.97
CA VAL E 240 4.31 -77.15 29.16
C VAL E 240 5.12 -76.52 30.29
N ASN E 241 6.27 -75.94 29.98
CA ASN E 241 7.07 -75.34 31.05
C ASN E 241 6.41 -74.04 31.52
N GLU E 242 5.79 -73.33 30.58
CA GLU E 242 5.12 -72.08 30.91
C GLU E 242 3.97 -72.40 31.86
N MET E 243 3.30 -73.52 31.63
CA MET E 243 2.19 -73.96 32.45
C MET E 243 2.66 -74.28 33.87
N GLU E 244 3.82 -74.94 33.97
CA GLU E 244 4.40 -75.31 35.26
C GLU E 244 4.89 -74.09 35.99
N ARG E 245 5.40 -73.12 35.24
CA ARG E 245 5.88 -71.90 35.84
C ARG E 245 4.67 -71.17 36.40
N ARG E 246 3.63 -71.01 35.58
CA ARG E 246 2.42 -70.31 36.00
C ARG E 246 1.82 -70.95 37.22
N TYR E 247 1.83 -72.28 37.26
CA TYR E 247 1.30 -73.02 38.41
C TYR E 247 2.12 -72.82 39.69
N LYS E 248 3.42 -72.57 39.56
CA LYS E 248 4.24 -72.33 40.75
C LYS E 248 3.74 -71.04 41.38
N LEU E 249 3.57 -70.02 40.53
CA LEU E 249 3.10 -68.71 40.97
C LEU E 249 1.70 -68.75 41.59
N MET E 250 0.78 -69.49 40.97
CA MET E 250 -0.56 -69.57 41.50
C MET E 250 -0.63 -70.18 42.92
N SER E 251 0.35 -71.03 43.26
CA SER E 251 0.41 -71.62 44.60
C SER E 251 0.88 -70.53 45.53
N ALA E 252 1.95 -69.84 45.12
CA ALA E 252 2.50 -68.78 45.93
C ALA E 252 1.43 -67.75 46.30
N LEU E 253 0.43 -67.53 45.46
CA LEU E 253 -0.59 -66.55 45.81
C LEU E 253 -1.86 -67.25 46.25
N GLY E 254 -1.81 -68.57 46.28
CA GLY E 254 -2.97 -69.33 46.67
C GLY E 254 -4.22 -68.97 45.87
N VAL E 255 -4.16 -69.16 44.56
CA VAL E 255 -5.31 -68.88 43.69
C VAL E 255 -5.49 -70.12 42.80
N ARG E 256 -6.63 -70.26 42.14
CA ARG E 256 -6.85 -71.43 41.32
C ARG E 256 -6.93 -71.28 39.79
N ASN E 257 -7.00 -70.06 39.27
CA ASN E 257 -7.04 -69.82 37.83
C ASN E 257 -6.01 -68.76 37.51
N LEU E 258 -5.92 -68.42 36.22
CA LEU E 258 -5.02 -67.38 35.74
C LEU E 258 -5.74 -66.05 36.04
N ALA E 259 -7.07 -66.06 36.01
CA ALA E 259 -7.87 -64.87 36.30
C ALA E 259 -7.75 -64.44 37.77
N GLY E 260 -7.63 -65.41 38.67
CA GLY E 260 -7.47 -65.06 40.06
C GLY E 260 -6.07 -64.51 40.25
N TYR E 261 -5.12 -65.07 39.51
CA TYR E 261 -3.74 -64.62 39.57
C TYR E 261 -3.67 -63.15 39.13
N ASN E 262 -4.29 -62.85 38.00
CA ASN E 262 -4.28 -61.49 37.47
C ASN E 262 -4.89 -60.47 38.42
N GLU E 263 -6.00 -60.83 39.08
CA GLU E 263 -6.65 -59.91 40.00
C GLU E 263 -5.70 -59.60 41.16
N LYS E 264 -5.03 -60.63 41.68
CA LYS E 264 -4.08 -60.41 42.75
C LYS E 264 -3.14 -59.29 42.28
N ILE E 265 -2.71 -59.34 41.01
CA ILE E 265 -1.81 -58.34 40.44
C ILE E 265 -2.45 -56.97 40.22
N ALA E 266 -3.68 -56.95 39.74
CA ALA E 266 -4.40 -55.70 39.53
C ALA E 266 -4.52 -55.00 40.88
N GLU E 267 -4.88 -55.78 41.89
CA GLU E 267 -5.03 -55.32 43.27
C GLU E 267 -3.74 -54.66 43.75
N ALA E 268 -2.62 -55.37 43.63
CA ALA E 268 -1.32 -54.84 44.05
C ALA E 268 -1.00 -53.52 43.32
N ASP E 269 -1.34 -53.47 42.03
CA ASP E 269 -1.12 -52.27 41.21
C ASP E 269 -1.88 -51.08 41.79
N ARG E 270 -3.16 -51.29 42.09
CA ARG E 270 -4.01 -50.24 42.66
C ARG E 270 -3.48 -49.67 43.97
N MET E 271 -2.87 -50.52 44.80
CA MET E 271 -2.33 -50.10 46.09
C MET E 271 -0.88 -49.73 45.92
N MET E 272 -0.39 -49.77 44.69
CA MET E 272 1.02 -49.49 44.42
C MET E 272 1.91 -50.31 45.35
N ARG E 273 1.58 -51.59 45.47
CA ARG E 273 2.34 -52.53 46.27
C ARG E 273 2.76 -53.66 45.34
N PRO E 274 3.86 -53.47 44.58
CA PRO E 274 4.29 -54.55 43.68
C PRO E 274 4.59 -55.83 44.44
N ILE E 275 4.31 -56.97 43.81
CA ILE E 275 4.57 -58.28 44.41
C ILE E 275 5.86 -58.86 43.87
N PRO E 276 6.87 -59.01 44.73
CA PRO E 276 8.10 -59.58 44.19
C PRO E 276 7.95 -61.05 43.94
N ASP E 277 8.66 -61.52 42.92
CA ASP E 277 8.69 -62.92 42.54
C ASP E 277 9.15 -63.74 43.75
N PRO E 278 8.25 -64.52 44.34
CA PRO E 278 8.58 -65.34 45.52
C PRO E 278 9.62 -66.45 45.30
N TYR E 279 9.85 -66.80 44.05
CA TYR E 279 10.80 -67.87 43.75
C TYR E 279 12.17 -67.38 43.32
N TRP E 280 12.35 -66.07 43.25
CA TRP E 280 13.63 -65.51 42.84
C TRP E 280 14.63 -65.62 43.97
N HIS E 290 14.96 -56.00 40.66
CA HIS E 290 14.79 -57.39 41.02
C HIS E 290 13.30 -57.79 40.99
N PRO E 291 12.91 -58.60 39.99
CA PRO E 291 11.60 -59.15 39.62
C PRO E 291 10.37 -58.99 40.49
N VAL E 292 9.38 -58.37 39.86
CA VAL E 292 8.07 -58.14 40.43
C VAL E 292 7.13 -58.90 39.48
N LEU E 293 6.03 -59.39 40.00
CA LEU E 293 5.09 -60.12 39.16
C LEU E 293 4.25 -59.19 38.32
N LYS E 294 3.98 -59.60 37.09
CA LYS E 294 3.18 -58.82 36.17
C LYS E 294 2.00 -59.64 35.69
N LYS E 295 1.01 -58.98 35.09
CA LYS E 295 -0.17 -59.67 34.58
C LYS E 295 0.23 -60.67 33.51
N GLU E 296 -0.37 -61.85 33.56
CA GLU E 296 -0.07 -62.90 32.59
C GLU E 296 -1.23 -63.03 31.59
N PRO E 297 -0.90 -63.10 30.30
CA PRO E 297 -1.96 -63.21 29.29
C PRO E 297 -2.32 -64.67 29.01
N TYR E 298 -3.51 -64.87 28.43
CA TYR E 298 -3.94 -66.20 28.04
C TYR E 298 -3.06 -66.51 26.83
N ILE E 299 -2.64 -67.76 26.70
CA ILE E 299 -1.83 -68.15 25.55
C ILE E 299 -2.67 -69.12 24.72
N VAL E 300 -3.02 -68.72 23.50
CA VAL E 300 -3.82 -69.56 22.61
C VAL E 300 -2.92 -70.22 21.55
N VAL E 301 -2.77 -71.54 21.63
CA VAL E 301 -1.93 -72.27 20.67
C VAL E 301 -2.71 -72.78 19.48
N LEU E 302 -2.53 -72.13 18.34
CA LEU E 302 -3.23 -72.51 17.12
C LEU E 302 -2.37 -73.39 16.21
N VAL E 303 -2.95 -74.52 15.81
CA VAL E 303 -2.28 -75.48 14.94
C VAL E 303 -3.17 -75.75 13.73
N ASP E 304 -2.79 -75.22 12.57
CA ASP E 304 -3.54 -75.42 11.34
C ASP E 304 -3.03 -76.70 10.71
N GLU E 305 -3.90 -77.70 10.61
CA GLU E 305 -3.51 -78.99 10.04
C GLU E 305 -2.47 -79.72 10.90
N PHE E 306 -2.90 -80.26 12.03
CA PHE E 306 -1.94 -80.94 12.90
C PHE E 306 -1.65 -82.35 12.43
N ALA E 307 -2.40 -82.79 11.41
CA ALA E 307 -2.14 -84.11 10.85
C ALA E 307 -0.68 -84.09 10.40
N ASP E 308 -0.25 -83.00 9.78
CA ASP E 308 1.13 -82.87 9.33
C ASP E 308 2.06 -82.99 10.51
N LEU E 309 1.67 -82.37 11.61
CA LEU E 309 2.46 -82.39 12.84
C LEU E 309 2.65 -83.80 13.38
N MET E 310 1.66 -84.65 13.18
CA MET E 310 1.72 -86.03 13.67
C MET E 310 2.69 -86.96 12.91
N MET E 311 2.50 -87.08 11.60
CA MET E 311 3.35 -87.96 10.79
C MET E 311 4.76 -87.44 10.66
N THR E 312 4.87 -86.14 10.46
CA THR E 312 6.17 -85.52 10.29
C THR E 312 7.19 -85.94 11.34
N VAL E 313 6.75 -85.98 12.61
CA VAL E 313 7.64 -86.35 13.71
C VAL E 313 7.26 -87.71 14.33
N GLY E 314 6.13 -87.74 15.06
CA GLY E 314 5.69 -88.98 15.66
C GLY E 314 5.04 -88.92 17.03
N LYS E 315 5.04 -90.07 17.70
CA LYS E 315 4.49 -90.27 19.04
C LYS E 315 4.85 -89.17 20.04
N LYS E 316 5.84 -88.36 19.69
CA LYS E 316 6.31 -87.28 20.54
C LYS E 316 5.28 -86.15 20.69
N VAL E 317 4.55 -85.86 19.61
CA VAL E 317 3.56 -84.79 19.62
C VAL E 317 2.34 -85.15 20.46
N GLU E 318 1.76 -86.32 20.22
CA GLU E 318 0.59 -86.73 21.00
C GLU E 318 0.95 -86.69 22.49
N GLU E 319 2.14 -87.16 22.82
CA GLU E 319 2.60 -87.17 24.19
C GLU E 319 2.47 -85.75 24.78
N LEU E 320 3.01 -84.75 24.10
CA LEU E 320 2.93 -83.38 24.56
C LEU E 320 1.52 -82.83 24.62
N ILE E 321 0.77 -83.00 23.54
CA ILE E 321 -0.59 -82.47 23.50
C ILE E 321 -1.42 -82.97 24.67
N ALA E 322 -1.32 -84.27 24.93
CA ALA E 322 -2.06 -84.86 26.05
C ALA E 322 -1.69 -84.18 27.35
N ARG E 323 -0.40 -84.06 27.64
CA ARG E 323 0.01 -83.42 28.87
C ARG E 323 -0.54 -82.01 28.97
N LEU E 324 -0.39 -81.22 27.92
CA LEU E 324 -0.90 -79.85 27.93
C LEU E 324 -2.39 -79.86 28.20
N ALA E 325 -3.14 -80.42 27.26
CA ALA E 325 -4.59 -80.46 27.35
C ALA E 325 -5.10 -80.80 28.76
N GLN E 326 -4.43 -81.74 29.42
CA GLN E 326 -4.85 -82.14 30.76
C GLN E 326 -4.86 -81.05 31.82
N LYS E 327 -3.75 -80.33 32.00
CA LYS E 327 -3.66 -79.31 33.03
C LYS E 327 -3.49 -77.86 32.60
N ALA E 328 -3.51 -77.59 31.31
CA ALA E 328 -3.31 -76.22 30.83
C ALA E 328 -4.43 -75.22 31.09
N ARG E 329 -5.68 -75.70 31.20
CA ARG E 329 -6.81 -74.79 31.43
C ARG E 329 -6.60 -73.73 32.52
N ALA E 330 -6.51 -74.16 33.77
CA ALA E 330 -6.31 -73.23 34.87
C ALA E 330 -5.10 -72.29 34.67
N ALA E 331 -4.14 -72.73 33.86
CA ALA E 331 -2.94 -71.94 33.63
C ALA E 331 -3.20 -70.86 32.58
N GLY E 332 -4.34 -70.95 31.92
CA GLY E 332 -4.69 -69.97 30.91
C GLY E 332 -4.05 -70.24 29.55
N ILE E 333 -3.79 -71.51 29.27
CA ILE E 333 -3.20 -71.92 28.00
C ILE E 333 -4.22 -72.80 27.29
N HIS E 334 -4.53 -72.47 26.04
CA HIS E 334 -5.54 -73.23 25.31
C HIS E 334 -5.13 -73.67 23.92
N LEU E 335 -5.49 -74.90 23.58
CA LEU E 335 -5.17 -75.49 22.31
C LEU E 335 -6.32 -75.51 21.31
N VAL E 336 -6.01 -75.23 20.05
CA VAL E 336 -6.99 -75.27 18.98
C VAL E 336 -6.28 -76.09 17.88
N LEU E 337 -6.77 -77.31 17.64
CA LEU E 337 -6.18 -78.19 16.65
C LEU E 337 -7.12 -78.37 15.45
N ALA E 338 -6.66 -77.95 14.28
CA ALA E 338 -7.46 -78.06 13.08
C ALA E 338 -6.86 -79.11 12.13
N THR E 339 -7.71 -79.76 11.35
CA THR E 339 -7.23 -80.76 10.40
C THR E 339 -8.25 -81.01 9.32
N GLN E 340 -7.76 -81.31 8.12
CA GLN E 340 -8.64 -81.56 6.99
C GLN E 340 -8.48 -82.98 6.47
N ARG E 341 -7.90 -83.81 7.32
CA ARG E 341 -7.68 -85.22 7.05
C ARG E 341 -8.16 -85.94 8.31
N PRO E 342 -9.49 -85.96 8.54
CA PRO E 342 -10.10 -86.59 9.70
C PRO E 342 -9.94 -88.10 9.68
N SER E 343 -8.78 -88.60 10.08
CA SER E 343 -8.55 -90.03 10.09
C SER E 343 -8.18 -90.51 11.49
N VAL E 344 -8.47 -91.78 11.75
CA VAL E 344 -8.19 -92.39 13.04
C VAL E 344 -6.70 -92.29 13.38
N ASP E 345 -5.88 -91.98 12.37
CA ASP E 345 -4.43 -91.84 12.55
C ASP E 345 -4.09 -90.47 13.11
N VAL E 346 -4.90 -89.49 12.73
CA VAL E 346 -4.72 -88.10 13.16
C VAL E 346 -5.47 -87.87 14.46
N ILE E 347 -6.79 -88.02 14.40
CA ILE E 347 -7.63 -87.84 15.58
C ILE E 347 -7.53 -89.12 16.41
N THR E 348 -6.34 -89.39 16.92
CA THR E 348 -6.10 -90.59 17.72
C THR E 348 -6.80 -90.56 19.07
N GLY E 349 -6.81 -91.71 19.73
CA GLY E 349 -7.44 -91.83 21.04
C GLY E 349 -6.90 -90.87 22.06
N LEU E 350 -5.58 -90.69 22.10
CA LEU E 350 -4.98 -89.75 23.05
C LEU E 350 -5.44 -88.34 22.75
N ILE E 351 -5.44 -87.97 21.48
CA ILE E 351 -5.87 -86.65 21.08
C ILE E 351 -7.30 -86.42 21.54
N LYS E 352 -8.19 -87.35 21.20
CA LYS E 352 -9.59 -87.23 21.57
C LYS E 352 -9.78 -87.18 23.08
N ALA E 353 -9.08 -88.07 23.78
CA ALA E 353 -9.21 -88.14 25.24
C ALA E 353 -8.92 -86.83 25.94
N ASN E 354 -8.09 -85.99 25.36
CA ASN E 354 -7.74 -84.73 25.99
C ASN E 354 -8.50 -83.49 25.49
N ILE E 355 -8.89 -83.48 24.22
CA ILE E 355 -9.63 -82.34 23.69
C ILE E 355 -11.13 -82.67 23.68
N PRO E 356 -11.85 -82.25 24.72
CA PRO E 356 -13.29 -82.47 24.91
C PRO E 356 -14.23 -81.76 23.92
N THR E 357 -13.96 -80.49 23.64
CA THR E 357 -14.81 -79.77 22.70
C THR E 357 -14.35 -80.04 21.27
N ARG E 358 -15.30 -80.36 20.40
CA ARG E 358 -14.98 -80.67 19.03
C ARG E 358 -15.94 -80.03 18.04
N ILE E 359 -15.44 -79.68 16.86
CA ILE E 359 -16.26 -79.08 15.82
C ILE E 359 -15.99 -79.82 14.51
N ALA E 360 -17.06 -80.30 13.87
CA ALA E 360 -16.90 -81.01 12.62
C ALA E 360 -17.65 -80.31 11.51
N PHE E 361 -16.92 -79.71 10.57
CA PHE E 361 -17.57 -79.08 9.44
C PHE E 361 -17.95 -80.27 8.55
N THR E 362 -18.54 -80.02 7.39
CA THR E 362 -18.96 -81.12 6.51
C THR E 362 -17.85 -82.10 6.16
N VAL E 363 -18.10 -83.38 6.43
CA VAL E 363 -17.15 -84.45 6.13
C VAL E 363 -17.75 -85.33 5.04
N SER E 364 -16.95 -86.24 4.50
CA SER E 364 -17.38 -87.10 3.39
C SER E 364 -18.13 -88.39 3.74
N SER E 365 -17.76 -89.04 4.83
CA SER E 365 -18.43 -90.28 5.20
C SER E 365 -18.87 -90.28 6.66
N LYS E 366 -19.59 -91.32 7.05
CA LYS E 366 -20.06 -91.43 8.42
C LYS E 366 -18.89 -91.79 9.31
N ILE E 367 -17.90 -92.47 8.75
CA ILE E 367 -16.75 -92.87 9.54
C ILE E 367 -15.84 -91.68 9.87
N ASP E 368 -15.81 -90.69 8.99
CA ASP E 368 -15.00 -89.51 9.24
C ASP E 368 -15.65 -88.73 10.39
N SER E 369 -16.96 -88.52 10.30
CA SER E 369 -17.68 -87.80 11.35
C SER E 369 -17.53 -88.48 12.72
N ARG E 370 -17.59 -89.81 12.75
CA ARG E 370 -17.45 -90.57 14.00
C ARG E 370 -16.04 -90.39 14.56
N THR E 371 -15.08 -90.21 13.66
CA THR E 371 -13.71 -89.99 14.09
C THR E 371 -13.66 -88.63 14.78
N ILE E 372 -14.45 -87.68 14.27
CA ILE E 372 -14.46 -86.34 14.85
C ILE E 372 -15.41 -86.19 16.04
N LEU E 373 -16.62 -86.69 15.91
CA LEU E 373 -17.60 -86.53 16.98
C LEU E 373 -18.02 -87.82 17.67
N ASP E 374 -17.46 -88.96 17.25
CA ASP E 374 -17.83 -90.23 17.84
C ASP E 374 -19.35 -90.36 17.73
N GLN E 375 -19.85 -90.00 16.55
CA GLN E 375 -21.26 -90.02 16.19
C GLN E 375 -21.40 -89.43 14.78
N ALA E 376 -22.24 -90.04 13.96
CA ALA E 376 -22.45 -89.57 12.60
C ALA E 376 -23.22 -88.27 12.60
N GLY E 377 -23.41 -87.70 11.40
CA GLY E 377 -24.15 -86.45 11.29
C GLY E 377 -23.43 -85.33 10.56
N ALA E 378 -22.11 -85.37 10.55
CA ALA E 378 -21.30 -84.36 9.90
C ALA E 378 -21.30 -84.54 8.38
N GLU E 379 -21.49 -85.77 7.93
CA GLU E 379 -21.50 -86.04 6.50
C GLU E 379 -22.82 -85.62 5.88
N SER E 380 -23.76 -85.16 6.70
CA SER E 380 -25.06 -84.72 6.22
C SER E 380 -25.16 -83.21 6.24
N LEU E 381 -24.01 -82.54 6.26
CA LEU E 381 -23.98 -81.09 6.31
C LEU E 381 -23.91 -80.44 4.92
N LEU E 382 -24.38 -79.21 4.83
CA LEU E 382 -24.45 -78.49 3.57
C LEU E 382 -23.22 -77.63 3.23
N GLY E 383 -22.07 -77.98 3.81
CA GLY E 383 -20.85 -77.24 3.55
C GLY E 383 -20.94 -75.74 3.81
N MET E 384 -19.88 -75.03 3.44
CA MET E 384 -19.77 -73.59 3.60
C MET E 384 -20.04 -73.14 5.02
N GLY E 385 -19.25 -73.66 5.96
CA GLY E 385 -19.41 -73.28 7.35
C GLY E 385 -20.48 -74.00 8.15
N ASP E 386 -21.28 -74.81 7.49
CA ASP E 386 -22.31 -75.57 8.19
C ASP E 386 -21.52 -76.49 9.13
N MET E 387 -21.91 -76.58 10.39
CA MET E 387 -21.14 -77.40 11.32
C MET E 387 -21.90 -78.05 12.46
N LEU E 388 -21.21 -78.97 13.13
CA LEU E 388 -21.74 -79.67 14.29
C LEU E 388 -20.81 -79.44 15.49
N TYR E 389 -21.28 -78.64 16.44
CA TYR E 389 -20.52 -78.33 17.65
C TYR E 389 -20.72 -79.41 18.71
N SER E 390 -19.65 -79.80 19.39
CA SER E 390 -19.77 -80.82 20.41
C SER E 390 -18.98 -80.45 21.66
N GLY E 391 -19.68 -79.88 22.64
CA GLY E 391 -19.06 -79.48 23.89
C GLY E 391 -18.74 -80.66 24.80
N PRO E 392 -18.07 -80.42 25.93
CA PRO E 392 -17.69 -81.46 26.90
C PRO E 392 -18.75 -81.77 27.96
N ASN E 393 -19.69 -80.84 28.13
CA ASN E 393 -20.75 -80.99 29.12
C ASN E 393 -22.07 -81.50 28.53
N SER E 394 -21.99 -82.21 27.41
CA SER E 394 -23.18 -82.78 26.76
C SER E 394 -22.83 -83.75 25.62
N THR E 395 -23.66 -84.77 25.48
CA THR E 395 -23.47 -85.79 24.45
C THR E 395 -24.22 -85.48 23.16
N LEU E 396 -25.09 -84.48 23.21
CA LEU E 396 -25.85 -84.11 22.02
C LEU E 396 -25.12 -82.96 21.29
N PRO E 397 -24.83 -83.12 19.98
CA PRO E 397 -24.15 -82.05 19.25
C PRO E 397 -25.14 -80.96 18.79
N VAL E 398 -24.64 -79.75 18.64
CA VAL E 398 -25.44 -78.61 18.21
C VAL E 398 -25.00 -78.10 16.85
N ARG E 399 -25.91 -78.15 15.88
CA ARG E 399 -25.59 -77.68 14.54
C ARG E 399 -25.41 -76.19 14.65
N VAL E 400 -24.58 -75.64 13.78
CA VAL E 400 -24.33 -74.21 13.82
C VAL E 400 -23.85 -73.81 12.44
N HIS E 401 -24.40 -72.73 11.91
CA HIS E 401 -24.02 -72.24 10.59
C HIS E 401 -22.92 -71.23 10.83
N GLY E 402 -21.69 -71.65 10.52
CA GLY E 402 -20.53 -70.80 10.73
C GLY E 402 -20.55 -69.45 10.07
N ALA E 403 -20.02 -68.46 10.79
CA ALA E 403 -19.97 -67.10 10.26
C ALA E 403 -18.98 -67.12 9.10
N PHE E 404 -19.19 -66.22 8.15
CA PHE E 404 -18.32 -66.12 6.99
C PHE E 404 -17.47 -64.87 7.08
N VAL E 405 -16.23 -64.98 6.62
CA VAL E 405 -15.30 -63.86 6.63
C VAL E 405 -14.39 -63.94 5.40
N ARG E 406 -14.37 -62.86 4.62
CA ARG E 406 -13.55 -62.80 3.42
C ARG E 406 -12.08 -62.78 3.78
N ASP E 407 -11.26 -63.40 2.95
CA ASP E 407 -9.82 -63.42 3.18
C ASP E 407 -9.33 -61.97 3.28
N GLN E 408 -10.04 -61.08 2.60
CA GLN E 408 -9.69 -59.67 2.59
C GLN E 408 -10.01 -58.97 3.91
N GLU E 409 -11.06 -59.41 4.59
CA GLU E 409 -11.39 -58.81 5.87
C GLU E 409 -10.26 -59.17 6.84
N VAL E 410 -9.80 -60.41 6.77
CA VAL E 410 -8.72 -60.85 7.62
C VAL E 410 -7.52 -59.93 7.39
N HIS E 411 -7.27 -59.56 6.13
CA HIS E 411 -6.16 -58.66 5.82
C HIS E 411 -6.37 -57.31 6.48
N ALA E 412 -7.59 -56.78 6.39
CA ALA E 412 -7.88 -55.49 6.98
C ALA E 412 -7.63 -55.48 8.48
N VAL E 413 -8.25 -56.41 9.20
CA VAL E 413 -8.06 -56.43 10.65
C VAL E 413 -6.58 -56.61 10.98
N VAL E 414 -5.90 -57.52 10.30
CA VAL E 414 -4.49 -57.72 10.57
C VAL E 414 -3.71 -56.43 10.32
N GLN E 415 -4.02 -55.74 9.22
CA GLN E 415 -3.33 -54.51 8.89
C GLN E 415 -3.62 -53.43 9.92
N ASP E 416 -4.87 -53.38 10.38
CA ASP E 416 -5.27 -52.40 11.38
C ASP E 416 -4.48 -52.62 12.68
N TRP E 417 -4.33 -53.89 13.07
CA TRP E 417 -3.59 -54.21 14.28
C TRP E 417 -2.09 -53.99 14.14
N LYS E 418 -1.53 -54.32 12.97
CA LYS E 418 -0.10 -54.13 12.78
C LYS E 418 0.30 -52.66 12.90
N ALA E 419 -0.66 -51.78 12.66
CA ALA E 419 -0.45 -50.34 12.73
C ALA E 419 -0.23 -49.88 14.17
N ARG E 420 -0.75 -50.65 15.12
CA ARG E 420 -0.61 -50.29 16.52
C ARG E 420 0.71 -50.73 17.16
N GLY E 421 1.58 -51.40 16.41
CA GLY E 421 2.86 -51.82 16.97
C GLY E 421 3.24 -53.24 16.63
N ARG E 422 4.53 -53.59 16.75
CA ARG E 422 4.95 -54.96 16.45
C ARG E 422 5.05 -55.88 17.65
N PRO E 423 4.89 -57.18 17.43
CA PRO E 423 4.96 -58.16 18.50
C PRO E 423 6.27 -58.14 19.25
N GLN E 424 6.19 -58.32 20.56
CA GLN E 424 7.34 -58.35 21.44
C GLN E 424 7.61 -59.84 21.64
N TYR E 425 8.29 -60.44 20.67
CA TYR E 425 8.59 -61.87 20.67
C TYR E 425 9.27 -62.39 21.92
N VAL E 426 8.97 -63.64 22.26
CA VAL E 426 9.60 -64.26 23.42
C VAL E 426 10.67 -65.20 22.89
N ASP E 427 11.89 -65.07 23.42
CA ASP E 427 12.99 -65.93 22.99
C ASP E 427 12.87 -67.37 23.46
N GLY E 428 13.42 -68.26 22.65
CA GLY E 428 13.44 -69.66 22.98
C GLY E 428 12.19 -70.52 22.84
N ILE E 429 11.07 -69.95 22.42
CA ILE E 429 9.87 -70.77 22.30
C ILE E 429 10.12 -71.93 21.34
N THR E 430 10.82 -71.64 20.25
CA THR E 430 11.11 -72.62 19.22
C THR E 430 12.42 -73.42 19.39
N SER E 431 13.27 -72.98 20.30
CA SER E 431 14.52 -73.68 20.49
C SER E 431 14.53 -74.43 21.81
N ASP E 432 14.60 -73.74 22.86
N LEU F 23 -25.87 -26.08 7.78
CA LEU F 23 -25.42 -26.89 8.96
C LEU F 23 -26.13 -28.23 9.16
N PRO F 24 -27.36 -28.41 8.65
CA PRO F 24 -27.96 -29.72 8.88
C PRO F 24 -27.25 -30.83 8.09
N SER F 25 -27.24 -32.05 8.63
CA SER F 25 -26.57 -33.20 8.00
C SER F 25 -27.27 -33.80 6.78
N LEU F 26 -26.48 -34.37 5.88
CA LEU F 26 -27.01 -35.00 4.66
C LEU F 26 -27.67 -36.35 4.91
N ASP F 27 -27.43 -36.94 6.07
CA ASP F 27 -28.02 -38.24 6.35
C ASP F 27 -29.51 -38.18 6.65
N LEU F 28 -30.06 -36.97 6.70
CA LEU F 28 -31.48 -36.79 6.96
C LEU F 28 -32.23 -37.12 5.69
N LEU F 29 -31.47 -37.32 4.62
CA LEU F 29 -32.03 -37.62 3.31
C LEU F 29 -31.65 -39.03 2.84
N THR F 30 -32.57 -39.68 2.11
CA THR F 30 -32.30 -41.03 1.61
C THR F 30 -31.17 -41.02 0.57
N PRO F 31 -30.22 -41.96 0.69
CA PRO F 31 -29.07 -42.11 -0.22
C PRO F 31 -29.49 -42.74 -1.56
N PRO F 32 -28.75 -42.44 -2.64
CA PRO F 32 -29.09 -43.02 -3.95
C PRO F 32 -28.88 -44.54 -4.03
N THR F 41 -27.76 -52.04 -24.81
CA THR F 41 -27.54 -51.39 -26.10
C THR F 41 -28.42 -52.04 -27.16
N PHE F 42 -28.82 -53.28 -26.92
CA PHE F 42 -29.67 -54.00 -27.85
C PHE F 42 -31.06 -53.38 -27.90
N ALA F 43 -31.68 -53.24 -26.72
CA ALA F 43 -33.02 -52.67 -26.64
C ALA F 43 -33.11 -51.31 -27.33
N LEU F 44 -31.98 -50.61 -27.41
CA LEU F 44 -31.93 -49.30 -28.04
C LEU F 44 -32.01 -49.36 -29.56
N GLU F 45 -31.01 -49.96 -30.18
CA GLU F 45 -30.96 -50.06 -31.64
C GLU F 45 -32.23 -50.68 -32.21
N GLN F 46 -32.93 -51.46 -31.41
CA GLN F 46 -34.18 -52.07 -31.83
C GLN F 46 -35.25 -50.99 -31.86
N MET F 47 -35.21 -50.12 -30.88
CA MET F 47 -36.17 -49.02 -30.76
C MET F 47 -35.85 -47.96 -31.82
N ALA F 48 -34.58 -47.81 -32.15
CA ALA F 48 -34.14 -46.85 -33.15
C ALA F 48 -34.57 -47.31 -34.54
N ARG F 49 -34.59 -48.62 -34.73
CA ARG F 49 -34.97 -49.23 -35.99
C ARG F 49 -36.48 -49.11 -36.21
N LEU F 50 -37.23 -49.17 -35.11
CA LEU F 50 -38.68 -49.05 -35.16
C LEU F 50 -39.06 -47.59 -35.38
N VAL F 51 -38.35 -46.68 -34.71
CA VAL F 51 -38.59 -45.26 -34.85
C VAL F 51 -38.38 -44.88 -36.30
N GLU F 52 -37.31 -45.41 -36.88
CA GLU F 52 -36.96 -45.15 -38.27
C GLU F 52 -38.02 -45.79 -39.18
N ALA F 53 -38.61 -46.88 -38.70
CA ALA F 53 -39.65 -47.59 -39.44
C ALA F 53 -40.96 -46.82 -39.37
N ARG F 54 -41.26 -46.27 -38.21
CA ARG F 54 -42.48 -45.50 -38.02
C ARG F 54 -42.38 -44.17 -38.75
N LEU F 55 -41.20 -43.56 -38.72
CA LEU F 55 -40.97 -42.28 -39.39
C LEU F 55 -41.11 -42.45 -40.89
N ALA F 56 -40.48 -43.51 -41.41
CA ALA F 56 -40.52 -43.80 -42.83
C ALA F 56 -41.94 -44.22 -43.22
N ASP F 57 -42.71 -44.65 -42.22
CA ASP F 57 -44.09 -45.09 -42.44
C ASP F 57 -44.90 -43.95 -43.06
N PHE F 58 -44.41 -42.73 -42.91
CA PHE F 58 -45.07 -41.55 -43.46
C PHE F 58 -44.15 -41.02 -44.55
N ARG F 59 -44.41 -39.80 -45.03
CA ARG F 59 -43.56 -39.20 -46.06
C ARG F 59 -42.38 -38.56 -45.34
N ILE F 60 -41.84 -39.30 -44.37
CA ILE F 60 -40.71 -38.83 -43.58
C ILE F 60 -39.60 -39.87 -43.56
N LYS F 61 -38.55 -39.64 -44.34
CA LYS F 61 -37.41 -40.55 -44.39
C LYS F 61 -36.32 -39.95 -43.53
N ALA F 62 -35.88 -40.68 -42.51
CA ALA F 62 -34.84 -40.19 -41.62
C ALA F 62 -33.95 -41.31 -41.11
N ASP F 63 -32.71 -40.98 -40.80
CA ASP F 63 -31.74 -41.95 -40.30
C ASP F 63 -31.36 -41.67 -38.85
N VAL F 64 -31.45 -42.70 -38.01
CA VAL F 64 -31.08 -42.58 -36.60
C VAL F 64 -29.57 -42.77 -36.57
N VAL F 65 -28.84 -41.68 -36.70
CA VAL F 65 -27.38 -41.70 -36.71
C VAL F 65 -26.71 -41.88 -35.35
N ASN F 66 -27.47 -41.72 -34.27
CA ASN F 66 -26.91 -41.88 -32.94
C ASN F 66 -27.96 -41.80 -31.84
N TYR F 67 -27.56 -42.19 -30.63
CA TYR F 67 -28.43 -42.15 -29.46
C TYR F 67 -27.63 -42.26 -28.17
N SER F 68 -28.07 -41.53 -27.15
CA SER F 68 -27.41 -41.53 -25.85
C SER F 68 -28.44 -41.77 -24.74
N PRO F 69 -28.22 -42.79 -23.90
CA PRO F 69 -29.09 -43.16 -22.78
C PRO F 69 -28.80 -42.42 -21.49
N GLY F 70 -29.87 -42.05 -20.78
CA GLY F 70 -29.75 -41.34 -19.54
C GLY F 70 -30.56 -41.98 -18.43
N PRO F 71 -30.76 -41.28 -17.30
CA PRO F 71 -31.52 -41.80 -16.15
C PRO F 71 -33.02 -41.97 -16.41
N VAL F 72 -33.60 -41.13 -17.26
CA VAL F 72 -35.03 -41.21 -17.53
C VAL F 72 -35.38 -41.56 -18.96
N ILE F 73 -34.75 -40.88 -19.91
CA ILE F 73 -35.03 -41.13 -21.32
C ILE F 73 -33.74 -41.41 -22.08
N THR F 74 -33.88 -41.61 -23.39
CA THR F 74 -32.75 -41.84 -24.26
C THR F 74 -33.00 -40.97 -25.48
N ARG F 75 -32.03 -40.16 -25.84
CA ARG F 75 -32.18 -39.27 -26.98
C ARG F 75 -31.69 -39.89 -28.27
N PHE F 76 -32.57 -39.95 -29.26
CA PHE F 76 -32.21 -40.50 -30.56
C PHE F 76 -32.01 -39.33 -31.52
N GLU F 77 -30.85 -39.32 -32.17
CA GLU F 77 -30.51 -38.26 -33.11
C GLU F 77 -30.87 -38.69 -34.53
N LEU F 78 -31.84 -38.00 -35.12
CA LEU F 78 -32.30 -38.30 -36.47
C LEU F 78 -31.73 -37.35 -37.50
N ASN F 79 -31.48 -37.86 -38.70
CA ASN F 79 -30.95 -37.08 -39.79
C ASN F 79 -32.00 -36.98 -40.88
N LEU F 80 -32.83 -35.94 -40.82
CA LEU F 80 -33.86 -35.75 -41.82
C LEU F 80 -33.24 -35.67 -43.21
N ALA F 81 -34.05 -35.94 -44.23
CA ALA F 81 -33.57 -35.89 -45.61
C ALA F 81 -33.63 -34.46 -46.10
N PRO F 82 -32.94 -34.16 -47.21
CA PRO F 82 -32.90 -32.81 -47.79
C PRO F 82 -34.30 -32.20 -47.95
N ARG F 94 -47.66 -37.18 -30.66
CA ARG F 94 -48.83 -38.01 -30.40
C ARG F 94 -48.89 -39.24 -31.30
N ASP F 95 -49.05 -39.01 -32.60
CA ASP F 95 -49.12 -40.11 -33.55
C ASP F 95 -47.88 -40.99 -33.46
N LEU F 96 -46.71 -40.36 -33.48
CA LEU F 96 -45.46 -41.11 -33.42
C LEU F 96 -45.29 -41.81 -32.08
N ALA F 97 -45.55 -41.10 -30.99
CA ALA F 97 -45.43 -41.68 -29.66
C ALA F 97 -46.30 -42.92 -29.56
N ARG F 98 -47.44 -42.88 -30.26
CA ARG F 98 -48.40 -43.99 -30.27
C ARG F 98 -47.96 -45.10 -31.21
N SER F 99 -47.25 -44.75 -32.27
CA SER F 99 -46.77 -45.72 -33.24
C SER F 99 -45.93 -46.78 -32.54
N LEU F 100 -45.54 -46.49 -31.30
CA LEU F 100 -44.75 -47.39 -30.49
C LEU F 100 -45.44 -47.44 -29.13
N SER F 101 -44.82 -48.07 -28.14
CA SER F 101 -45.44 -48.16 -26.82
C SER F 101 -44.74 -47.29 -25.76
N THR F 102 -45.03 -45.99 -25.80
CA THR F 102 -44.46 -45.05 -24.85
C THR F 102 -45.49 -43.97 -24.53
N VAL F 103 -45.54 -43.56 -23.26
CA VAL F 103 -46.50 -42.54 -22.83
C VAL F 103 -46.42 -41.30 -23.71
N ALA F 104 -45.19 -40.95 -24.13
CA ALA F 104 -44.99 -39.78 -24.97
C ALA F 104 -43.58 -39.71 -25.57
N VAL F 105 -43.45 -38.89 -26.60
CA VAL F 105 -42.16 -38.70 -27.27
C VAL F 105 -41.93 -37.22 -27.43
N ARG F 106 -40.74 -36.76 -27.10
CA ARG F 106 -40.42 -35.34 -27.22
C ARG F 106 -39.51 -35.10 -28.42
N VAL F 107 -39.99 -34.27 -29.35
CA VAL F 107 -39.25 -33.94 -30.56
C VAL F 107 -38.45 -32.65 -30.41
N VAL F 108 -37.17 -32.79 -30.10
CA VAL F 108 -36.32 -31.62 -29.96
C VAL F 108 -35.96 -31.18 -31.38
N GLU F 109 -36.36 -29.96 -31.74
CA GLU F 109 -36.06 -29.44 -33.06
C GLU F 109 -34.59 -29.11 -33.24
N VAL F 110 -33.92 -28.66 -32.17
CA VAL F 110 -32.51 -28.32 -32.25
C VAL F 110 -31.69 -28.94 -31.13
N ILE F 111 -30.68 -29.71 -31.52
CA ILE F 111 -29.78 -30.34 -30.57
C ILE F 111 -28.50 -29.52 -30.60
N PRO F 112 -28.21 -28.80 -29.51
CA PRO F 112 -27.01 -27.97 -29.45
C PRO F 112 -25.73 -28.70 -29.89
N GLY F 113 -25.07 -28.17 -30.92
CA GLY F 113 -23.84 -28.75 -31.41
C GLY F 113 -23.94 -29.76 -32.54
N LYS F 114 -25.15 -30.12 -32.93
CA LYS F 114 -25.36 -31.08 -34.00
C LYS F 114 -26.48 -30.65 -34.95
N PRO F 115 -26.37 -31.03 -36.23
CA PRO F 115 -27.35 -30.70 -37.26
C PRO F 115 -28.53 -31.67 -37.26
N TYR F 116 -28.51 -32.61 -36.32
CA TYR F 116 -29.54 -33.63 -36.21
C TYR F 116 -30.75 -33.20 -35.39
N VAL F 117 -31.85 -33.92 -35.56
CA VAL F 117 -33.08 -33.65 -34.82
C VAL F 117 -33.15 -34.66 -33.68
N GLY F 118 -33.55 -34.19 -32.49
CA GLY F 118 -33.62 -35.09 -31.34
C GLY F 118 -34.96 -35.68 -31.00
N LEU F 119 -34.95 -36.99 -30.76
CA LEU F 119 -36.15 -37.73 -30.39
C LEU F 119 -35.93 -38.38 -29.05
N GLU F 120 -36.62 -37.89 -28.03
CA GLU F 120 -36.45 -38.46 -26.71
C GLU F 120 -37.55 -39.46 -26.41
N LEU F 121 -37.14 -40.66 -26.02
CA LEU F 121 -38.05 -41.75 -25.69
C LEU F 121 -37.78 -42.23 -24.27
N PRO F 122 -38.84 -42.46 -23.48
CA PRO F 122 -38.69 -42.93 -22.10
C PRO F 122 -38.07 -44.31 -22.00
N ASN F 123 -37.24 -44.51 -20.98
CA ASN F 123 -36.60 -45.80 -20.77
C ASN F 123 -37.60 -46.73 -20.11
N LYS F 124 -37.47 -48.02 -20.39
CA LYS F 124 -38.37 -49.02 -19.82
C LYS F 124 -38.19 -49.03 -18.29
N LYS F 125 -36.96 -48.83 -17.86
CA LYS F 125 -36.63 -48.79 -16.45
C LYS F 125 -36.26 -47.35 -16.13
N ARG F 126 -37.01 -46.71 -15.24
CA ARG F 126 -36.76 -45.31 -14.87
C ARG F 126 -36.00 -45.14 -13.56
N GLN F 127 -34.97 -44.31 -13.58
CA GLN F 127 -34.16 -44.06 -12.40
C GLN F 127 -34.62 -42.80 -11.66
N THR F 128 -34.67 -42.92 -10.34
CA THR F 128 -35.07 -41.80 -9.50
C THR F 128 -33.86 -40.90 -9.27
N VAL F 129 -34.07 -39.60 -9.31
CA VAL F 129 -32.99 -38.65 -9.07
C VAL F 129 -33.14 -38.26 -7.60
N TYR F 130 -32.13 -38.54 -6.78
CA TYR F 130 -32.19 -38.22 -5.36
C TYR F 130 -31.61 -36.87 -4.98
N LEU F 131 -32.33 -36.10 -4.17
CA LEU F 131 -31.88 -34.79 -3.74
C LEU F 131 -30.45 -34.88 -3.21
N ARG F 132 -30.23 -35.80 -2.29
CA ARG F 132 -28.93 -36.02 -1.67
C ARG F 132 -27.76 -36.23 -2.64
N GLU F 133 -28.02 -36.90 -3.75
CA GLU F 133 -26.97 -37.15 -4.73
C GLU F 133 -26.47 -35.86 -5.37
N VAL F 134 -27.38 -34.90 -5.57
CA VAL F 134 -26.99 -33.63 -6.17
C VAL F 134 -26.44 -32.68 -5.13
N LEU F 135 -26.94 -32.78 -3.91
CA LEU F 135 -26.49 -31.92 -2.82
C LEU F 135 -25.08 -32.30 -2.41
N ASP F 136 -24.73 -33.55 -2.66
CA ASP F 136 -23.41 -34.08 -2.32
C ASP F 136 -22.40 -33.77 -3.43
N ASN F 137 -22.89 -33.34 -4.58
CA ASN F 137 -22.02 -33.04 -5.71
C ASN F 137 -21.20 -31.76 -5.46
N ALA F 138 -20.16 -31.57 -6.26
CA ALA F 138 -19.30 -30.40 -6.13
C ALA F 138 -19.96 -29.16 -6.69
N LYS F 139 -20.79 -29.35 -7.72
CA LYS F 139 -21.49 -28.23 -8.36
C LYS F 139 -22.31 -27.45 -7.33
N PHE F 140 -22.79 -28.16 -6.32
CA PHE F 140 -23.59 -27.53 -5.28
C PHE F 140 -22.74 -27.17 -4.06
N ARG F 141 -21.73 -27.98 -3.78
CA ARG F 141 -20.85 -27.75 -2.64
C ARG F 141 -19.94 -26.55 -2.84
N ASP F 142 -19.45 -26.40 -4.06
CA ASP F 142 -18.54 -25.31 -4.39
C ASP F 142 -19.20 -23.96 -4.52
N ASN F 143 -20.32 -23.89 -5.23
CA ASN F 143 -20.99 -22.62 -5.43
C ASN F 143 -21.08 -21.81 -4.13
N PRO F 144 -20.52 -20.61 -4.12
CA PRO F 144 -20.52 -19.73 -2.95
C PRO F 144 -21.88 -19.09 -2.68
N SER F 145 -22.74 -19.06 -3.70
CA SER F 145 -24.04 -18.43 -3.56
C SER F 145 -25.02 -19.12 -2.63
N PRO F 146 -25.60 -18.36 -1.68
CA PRO F 146 -26.55 -18.95 -0.74
C PRO F 146 -27.88 -19.24 -1.45
N LEU F 147 -28.03 -18.72 -2.67
CA LEU F 147 -29.23 -18.98 -3.45
C LEU F 147 -29.02 -20.05 -4.52
N THR F 148 -28.16 -21.01 -4.20
CA THR F 148 -27.87 -22.13 -5.08
C THR F 148 -29.01 -23.12 -4.86
N VAL F 149 -29.56 -23.66 -5.94
CA VAL F 149 -30.65 -24.63 -5.82
C VAL F 149 -30.44 -25.84 -6.73
N VAL F 150 -30.74 -27.01 -6.21
CA VAL F 150 -30.64 -28.23 -6.99
C VAL F 150 -31.89 -28.31 -7.86
N LEU F 151 -31.71 -28.68 -9.11
CA LEU F 151 -32.83 -28.83 -10.04
C LEU F 151 -33.07 -30.32 -10.30
N GLY F 152 -31.98 -31.08 -10.32
CA GLY F 152 -32.07 -32.52 -10.56
C GLY F 152 -30.93 -33.01 -11.44
N LYS F 153 -31.27 -33.81 -12.45
CA LYS F 153 -30.25 -34.30 -13.35
C LYS F 153 -30.56 -34.04 -14.80
N ASP F 154 -29.48 -33.95 -15.55
CA ASP F 154 -29.43 -33.70 -16.98
C ASP F 154 -29.94 -34.95 -17.74
N ILE F 155 -30.35 -34.78 -18.99
CA ILE F 155 -30.82 -35.94 -19.76
C ILE F 155 -29.72 -36.98 -19.87
N ALA F 156 -28.47 -36.53 -19.75
CA ALA F 156 -27.34 -37.44 -19.83
C ALA F 156 -26.89 -37.88 -18.44
N GLY F 157 -27.69 -37.55 -17.42
CA GLY F 157 -27.38 -37.96 -16.07
C GLY F 157 -26.43 -37.08 -15.28
N GLU F 158 -26.17 -35.88 -15.75
CA GLU F 158 -25.29 -34.97 -15.04
C GLU F 158 -26.09 -34.08 -14.08
N PRO F 159 -25.56 -33.85 -12.87
CA PRO F 159 -26.27 -33.01 -11.90
C PRO F 159 -26.46 -31.59 -12.40
N VAL F 160 -27.65 -31.04 -12.19
CA VAL F 160 -27.93 -29.67 -12.64
C VAL F 160 -28.25 -28.73 -11.49
N VAL F 161 -27.31 -27.84 -11.22
CA VAL F 161 -27.45 -26.86 -10.16
C VAL F 161 -27.77 -25.52 -10.79
N ALA F 162 -28.40 -24.63 -10.03
CA ALA F 162 -28.75 -23.30 -10.53
C ALA F 162 -28.67 -22.25 -9.42
N ASP F 163 -28.49 -20.99 -9.79
CA ASP F 163 -28.42 -19.91 -8.81
C ASP F 163 -29.66 -19.03 -8.93
N LEU F 164 -30.49 -19.05 -7.89
CA LEU F 164 -31.70 -18.24 -7.89
C LEU F 164 -31.33 -16.77 -8.11
N ALA F 165 -30.16 -16.39 -7.59
CA ALA F 165 -29.68 -15.02 -7.72
C ALA F 165 -29.41 -14.61 -9.16
N LYS F 166 -29.18 -15.57 -10.04
CA LYS F 166 -28.89 -15.23 -11.43
C LYS F 166 -30.12 -15.37 -12.35
N MET F 167 -31.21 -15.86 -11.79
CA MET F 167 -32.41 -16.07 -12.59
C MET F 167 -33.03 -14.80 -13.20
N PRO F 168 -33.28 -13.77 -12.38
CA PRO F 168 -33.07 -13.58 -10.94
C PRO F 168 -34.39 -13.89 -10.20
N HIS F 169 -35.44 -14.17 -10.96
CA HIS F 169 -36.75 -14.51 -10.44
C HIS F 169 -37.21 -15.65 -11.33
N LEU F 170 -37.96 -16.60 -10.78
CA LEU F 170 -38.44 -17.68 -11.64
C LEU F 170 -39.93 -17.90 -11.52
N LEU F 171 -40.46 -18.62 -12.50
CA LEU F 171 -41.86 -18.94 -12.57
C LEU F 171 -41.89 -20.45 -12.78
N VAL F 172 -42.58 -21.15 -11.90
CA VAL F 172 -42.70 -22.60 -11.95
C VAL F 172 -44.15 -22.95 -12.31
N ALA F 173 -44.34 -24.01 -13.06
CA ALA F 173 -45.70 -24.39 -13.44
C ALA F 173 -45.81 -25.84 -13.87
N GLY F 174 -47.05 -26.32 -13.91
CA GLY F 174 -47.33 -27.69 -14.30
C GLY F 174 -48.69 -28.10 -13.79
N THR F 175 -49.13 -29.31 -14.09
CA THR F 175 -50.41 -29.77 -13.61
C THR F 175 -50.26 -30.31 -12.19
N THR F 176 -51.37 -30.74 -11.59
CA THR F 176 -51.37 -31.24 -10.22
C THR F 176 -50.26 -32.18 -9.74
N GLY F 177 -50.08 -33.32 -10.38
CA GLY F 177 -49.05 -34.25 -9.93
C GLY F 177 -47.80 -34.34 -10.80
N SER F 178 -47.41 -33.24 -11.40
CA SER F 178 -46.24 -33.22 -12.26
C SER F 178 -44.93 -33.05 -11.48
N GLY F 179 -45.03 -32.54 -10.25
CA GLY F 179 -43.84 -32.38 -9.43
C GLY F 179 -43.43 -30.94 -9.16
N ALA F 180 -44.34 -29.99 -9.36
CA ALA F 180 -44.04 -28.59 -9.13
C ALA F 180 -43.80 -28.29 -7.64
N SER F 181 -44.53 -28.98 -6.77
CA SER F 181 -44.38 -28.76 -5.35
C SER F 181 -43.11 -29.42 -4.80
N VAL F 182 -42.75 -30.59 -5.33
CA VAL F 182 -41.54 -31.28 -4.89
C VAL F 182 -40.36 -30.48 -5.38
N GLY F 183 -40.55 -29.85 -6.55
CA GLY F 183 -39.50 -29.02 -7.14
C GLY F 183 -39.20 -27.85 -6.24
N VAL F 184 -40.25 -27.15 -5.84
CA VAL F 184 -40.09 -26.01 -4.94
C VAL F 184 -39.41 -26.49 -3.64
N ASN F 185 -39.86 -27.64 -3.12
CA ASN F 185 -39.27 -28.19 -1.90
C ASN F 185 -37.77 -28.47 -2.09
N ALA F 186 -37.42 -28.99 -3.24
CA ALA F 186 -36.04 -29.27 -3.53
C ALA F 186 -35.23 -27.98 -3.47
N MET F 187 -35.84 -26.88 -3.90
CA MET F 187 -35.15 -25.60 -3.87
C MET F 187 -34.99 -25.07 -2.46
N ILE F 188 -36.09 -25.01 -1.71
CA ILE F 188 -36.02 -24.52 -0.34
C ILE F 188 -35.00 -25.33 0.45
N LEU F 189 -35.09 -26.66 0.37
CA LEU F 189 -34.15 -27.51 1.08
C LEU F 189 -32.72 -27.22 0.66
N SER F 190 -32.52 -27.02 -0.64
CA SER F 190 -31.18 -26.71 -1.15
C SER F 190 -30.63 -25.51 -0.40
N MET F 191 -31.46 -24.48 -0.20
CA MET F 191 -30.99 -23.31 0.51
C MET F 191 -30.75 -23.60 1.98
N LEU F 192 -31.65 -24.37 2.60
CA LEU F 192 -31.52 -24.70 4.01
C LEU F 192 -30.24 -25.52 4.27
N TYR F 193 -29.66 -26.08 3.21
CA TYR F 193 -28.42 -26.86 3.33
C TYR F 193 -27.18 -26.03 3.06
N LYS F 194 -27.33 -24.72 2.93
CA LYS F 194 -26.19 -23.88 2.62
C LYS F 194 -26.26 -22.49 3.22
N ALA F 195 -27.46 -22.02 3.55
CA ALA F 195 -27.63 -20.68 4.07
C ALA F 195 -28.06 -20.56 5.52
N GLN F 196 -27.48 -19.57 6.21
CA GLN F 196 -27.84 -19.27 7.58
C GLN F 196 -28.92 -18.20 7.51
N PRO F 197 -29.76 -18.09 8.55
CA PRO F 197 -30.77 -17.03 8.42
C PRO F 197 -30.17 -15.72 7.94
N GLU F 198 -28.97 -15.39 8.44
CA GLU F 198 -28.30 -14.14 8.05
C GLU F 198 -27.94 -14.08 6.57
N ASP F 199 -27.94 -15.23 5.89
CA ASP F 199 -27.63 -15.25 4.46
C ASP F 199 -28.93 -15.11 3.67
N VAL F 200 -29.94 -15.88 4.06
CA VAL F 200 -31.22 -15.87 3.38
C VAL F 200 -32.43 -15.86 4.29
N ARG F 201 -33.39 -15.00 3.98
CA ARG F 201 -34.64 -14.93 4.73
C ARG F 201 -35.77 -15.15 3.71
N PHE F 202 -36.86 -15.77 4.16
CA PHE F 202 -37.98 -16.03 3.26
C PHE F 202 -39.28 -15.40 3.71
N ILE F 203 -40.14 -15.15 2.73
CA ILE F 203 -41.48 -14.66 2.98
C ILE F 203 -42.27 -15.70 2.17
N MET F 204 -42.94 -16.61 2.85
CA MET F 204 -43.70 -17.62 2.14
C MET F 204 -45.19 -17.30 2.08
N ILE F 205 -45.72 -17.32 0.86
CA ILE F 205 -47.13 -17.05 0.61
C ILE F 205 -47.79 -18.38 0.30
N ASP F 206 -48.75 -18.80 1.12
CA ASP F 206 -49.41 -20.07 0.85
C ASP F 206 -50.93 -19.96 1.00
N PRO F 207 -51.62 -19.53 -0.08
CA PRO F 207 -53.07 -19.38 -0.10
C PRO F 207 -53.85 -20.67 0.09
N LYS F 208 -53.16 -21.81 0.00
CA LYS F 208 -53.82 -23.11 0.13
C LYS F 208 -53.44 -23.83 1.42
N MET F 209 -52.54 -23.21 2.17
CA MET F 209 -52.10 -23.74 3.45
C MET F 209 -51.78 -25.22 3.42
N LEU F 210 -51.02 -25.66 2.43
CA LEU F 210 -50.70 -27.05 2.38
C LEU F 210 -49.19 -27.26 2.29
N GLU F 211 -48.58 -26.96 1.14
CA GLU F 211 -47.16 -27.17 0.92
C GLU F 211 -46.16 -26.32 1.72
N LEU F 212 -46.37 -25.01 1.82
CA LEU F 212 -45.41 -24.15 2.52
C LEU F 212 -45.55 -24.04 4.04
N SER F 213 -46.72 -24.37 4.57
CA SER F 213 -46.96 -24.29 6.00
C SER F 213 -46.03 -25.24 6.77
N VAL F 214 -45.55 -26.27 6.09
CA VAL F 214 -44.67 -27.24 6.73
C VAL F 214 -43.33 -26.62 7.14
N TYR F 215 -43.09 -25.37 6.74
CA TYR F 215 -41.84 -24.70 7.08
C TYR F 215 -42.01 -23.71 8.23
N GLU F 216 -43.24 -23.59 8.72
CA GLU F 216 -43.54 -22.69 9.83
C GLU F 216 -42.55 -22.88 11.00
N GLY F 217 -42.10 -21.76 11.56
CA GLY F 217 -41.16 -21.86 12.66
C GLY F 217 -39.72 -21.96 12.24
N ILE F 218 -39.46 -22.05 10.95
CA ILE F 218 -38.09 -22.12 10.44
C ILE F 218 -37.43 -20.77 10.72
N PRO F 219 -36.25 -20.78 11.36
CA PRO F 219 -35.57 -19.51 11.67
C PRO F 219 -35.31 -18.55 10.51
N HIS F 220 -35.38 -19.04 9.28
CA HIS F 220 -35.13 -18.18 8.11
C HIS F 220 -36.32 -17.30 7.76
N LEU F 221 -37.52 -17.74 8.18
CA LEU F 221 -38.74 -17.00 7.92
C LEU F 221 -38.76 -15.57 8.46
N LEU F 222 -39.03 -14.60 7.60
CA LEU F 222 -39.09 -13.20 8.02
C LEU F 222 -40.38 -12.92 8.79
N THR F 223 -41.42 -13.66 8.43
CA THR F 223 -42.73 -13.53 9.06
C THR F 223 -43.44 -14.87 8.94
N GLU F 224 -44.51 -15.05 9.70
CA GLU F 224 -45.27 -16.30 9.69
C GLU F 224 -45.79 -16.52 8.27
N VAL F 225 -45.89 -17.78 7.86
CA VAL F 225 -46.38 -18.10 6.52
C VAL F 225 -47.67 -17.34 6.22
N VAL F 226 -47.65 -16.52 5.17
CA VAL F 226 -48.82 -15.73 4.82
C VAL F 226 -49.96 -16.53 4.17
N THR F 227 -51.13 -16.40 4.76
CA THR F 227 -52.29 -17.12 4.29
C THR F 227 -53.32 -16.23 3.61
N ASP F 228 -53.63 -15.10 4.23
CA ASP F 228 -54.59 -14.16 3.67
C ASP F 228 -53.99 -13.51 2.42
N MET F 229 -54.77 -13.48 1.35
CA MET F 229 -54.28 -12.90 0.09
C MET F 229 -54.05 -11.39 0.12
N LYS F 230 -54.72 -10.70 1.04
CA LYS F 230 -54.57 -9.26 1.17
C LYS F 230 -53.26 -9.01 1.88
N ASP F 231 -52.92 -9.92 2.79
CA ASP F 231 -51.67 -9.81 3.54
C ASP F 231 -50.50 -10.05 2.59
N ALA F 232 -50.70 -10.95 1.63
CA ALA F 232 -49.67 -11.23 0.65
C ALA F 232 -49.35 -9.97 -0.16
N ALA F 233 -50.39 -9.26 -0.57
CA ALA F 233 -50.20 -8.05 -1.36
C ALA F 233 -49.37 -7.06 -0.56
N ASN F 234 -49.59 -7.00 0.74
CA ASN F 234 -48.82 -6.10 1.61
C ASN F 234 -47.37 -6.57 1.77
N ALA F 235 -47.18 -7.88 1.78
CA ALA F 235 -45.85 -8.46 1.93
C ALA F 235 -45.01 -7.93 0.77
N LEU F 236 -45.60 -7.98 -0.42
CA LEU F 236 -44.95 -7.51 -1.63
C LEU F 236 -44.66 -6.02 -1.54
N ARG F 237 -45.62 -5.25 -1.05
CA ARG F 237 -45.44 -3.81 -0.91
C ARG F 237 -44.30 -3.54 0.06
N TRP F 238 -44.12 -4.44 1.03
CA TRP F 238 -43.06 -4.32 2.01
C TRP F 238 -41.72 -4.52 1.30
N CYS F 239 -41.69 -5.50 0.39
CA CYS F 239 -40.48 -5.81 -0.35
C CYS F 239 -40.07 -4.67 -1.25
N VAL F 240 -41.04 -3.96 -1.80
CA VAL F 240 -40.72 -2.85 -2.67
C VAL F 240 -40.06 -1.72 -1.88
N ASN F 241 -40.51 -1.50 -0.65
CA ASN F 241 -39.91 -0.45 0.15
C ASN F 241 -38.54 -0.87 0.66
N GLU F 242 -38.42 -2.15 0.98
CA GLU F 242 -37.15 -2.70 1.47
C GLU F 242 -36.11 -2.58 0.36
N MET F 243 -36.58 -2.70 -0.87
CA MET F 243 -35.70 -2.60 -2.03
C MET F 243 -35.23 -1.16 -2.17
N GLU F 244 -36.16 -0.23 -1.99
CA GLU F 244 -35.83 1.19 -2.10
C GLU F 244 -34.87 1.56 -0.99
N ARG F 245 -35.15 1.08 0.21
CA ARG F 245 -34.32 1.36 1.35
C ARG F 245 -32.91 0.83 1.10
N ARG F 246 -32.83 -0.42 0.64
CA ARG F 246 -31.53 -1.01 0.37
C ARG F 246 -30.80 -0.21 -0.67
N TYR F 247 -31.52 0.22 -1.70
CA TYR F 247 -30.92 1.03 -2.77
C TYR F 247 -30.39 2.37 -2.29
N LYS F 248 -31.00 2.93 -1.24
CA LYS F 248 -30.53 4.18 -0.69
C LYS F 248 -29.13 3.95 -0.13
N LEU F 249 -29.00 2.92 0.69
CA LEU F 249 -27.74 2.57 1.34
C LEU F 249 -26.64 2.24 0.33
N MET F 250 -26.99 1.46 -0.67
CA MET F 250 -26.03 1.09 -1.70
C MET F 250 -25.45 2.30 -2.40
N SER F 251 -26.20 3.41 -2.45
CA SER F 251 -25.71 4.63 -3.09
C SER F 251 -24.73 5.25 -2.12
N ALA F 252 -25.13 5.29 -0.87
CA ALA F 252 -24.30 5.88 0.16
C ALA F 252 -22.89 5.27 0.20
N LEU F 253 -22.77 3.98 -0.11
CA LEU F 253 -21.47 3.35 -0.08
C LEU F 253 -20.89 3.21 -1.48
N GLY F 254 -21.63 3.71 -2.46
CA GLY F 254 -21.18 3.63 -3.85
C GLY F 254 -20.86 2.20 -4.19
N VAL F 255 -21.89 1.36 -4.15
CA VAL F 255 -21.75 -0.07 -4.42
C VAL F 255 -22.88 -0.49 -5.39
N ARG F 256 -22.70 -1.59 -6.10
CA ARG F 256 -23.69 -2.05 -7.09
C ARG F 256 -24.64 -3.18 -6.72
N ASN F 257 -24.21 -4.12 -5.89
CA ASN F 257 -25.07 -5.23 -5.51
C ASN F 257 -25.23 -5.24 -4.01
N LEU F 258 -25.99 -6.21 -3.53
CA LEU F 258 -26.21 -6.41 -2.12
C LEU F 258 -24.90 -7.03 -1.64
N ALA F 259 -24.28 -7.84 -2.50
CA ALA F 259 -23.01 -8.51 -2.18
C ALA F 259 -21.91 -7.47 -1.97
N GLY F 260 -21.93 -6.43 -2.79
CA GLY F 260 -20.93 -5.38 -2.65
C GLY F 260 -21.17 -4.66 -1.36
N TYR F 261 -22.44 -4.49 -1.02
CA TYR F 261 -22.83 -3.82 0.21
C TYR F 261 -22.31 -4.61 1.42
N ASN F 262 -22.59 -5.91 1.43
CA ASN F 262 -22.18 -6.76 2.55
C ASN F 262 -20.69 -6.77 2.84
N GLU F 263 -19.89 -6.73 1.76
CA GLU F 263 -18.43 -6.73 1.90
C GLU F 263 -17.98 -5.41 2.53
N LYS F 264 -18.68 -4.33 2.20
CA LYS F 264 -18.32 -3.05 2.77
C LYS F 264 -18.51 -3.19 4.29
N ILE F 265 -19.55 -3.94 4.68
CA ILE F 265 -19.87 -4.20 6.08
C ILE F 265 -18.89 -5.18 6.76
N ALA F 266 -18.42 -6.16 6.00
CA ALA F 266 -17.49 -7.15 6.53
C ALA F 266 -16.16 -6.45 6.80
N GLU F 267 -15.80 -5.59 5.87
CA GLU F 267 -14.58 -4.80 5.93
C GLU F 267 -14.60 -3.93 7.19
N ALA F 268 -15.72 -3.26 7.42
CA ALA F 268 -15.87 -2.39 8.59
C ALA F 268 -15.74 -3.21 9.88
N ASP F 269 -16.30 -4.42 9.86
CA ASP F 269 -16.26 -5.30 11.02
C ASP F 269 -14.81 -5.68 11.35
N ARG F 270 -14.07 -6.17 10.34
CA ARG F 270 -12.68 -6.55 10.52
C ARG F 270 -11.81 -5.43 11.11
N MET F 271 -12.16 -4.19 10.79
CA MET F 271 -11.39 -3.04 11.26
C MET F 271 -12.01 -2.45 12.50
N MET F 272 -13.10 -3.05 12.97
CA MET F 272 -13.80 -2.53 14.14
C MET F 272 -14.11 -1.06 13.96
N ARG F 273 -14.62 -0.76 12.76
CA ARG F 273 -15.00 0.58 12.35
C ARG F 273 -16.45 0.52 11.86
N PRO F 274 -17.43 0.42 12.77
CA PRO F 274 -18.81 0.36 12.31
C PRO F 274 -19.19 1.55 11.45
N ILE F 275 -20.04 1.29 10.44
CA ILE F 275 -20.52 2.32 9.53
C ILE F 275 -21.86 2.86 10.04
N PRO F 276 -21.90 4.13 10.46
CA PRO F 276 -23.19 4.64 10.94
C PRO F 276 -24.13 4.98 9.79
N ASP F 277 -25.42 4.65 9.97
CA ASP F 277 -26.48 4.93 8.99
C ASP F 277 -26.37 6.38 8.50
N PRO F 278 -25.92 6.57 7.25
CA PRO F 278 -25.76 7.93 6.72
C PRO F 278 -27.07 8.73 6.55
N TYR F 279 -28.21 8.06 6.59
CA TYR F 279 -29.46 8.78 6.42
C TYR F 279 -30.14 9.09 7.74
N TRP F 280 -29.59 8.57 8.83
CA TRP F 280 -30.19 8.80 10.13
C TRP F 280 -29.99 10.25 10.57
N HIS F 290 -24.69 5.21 16.88
CA HIS F 290 -26.12 5.18 16.72
C HIS F 290 -26.66 5.74 15.39
N PRO F 291 -27.21 4.88 14.52
CA PRO F 291 -27.38 3.44 14.58
C PRO F 291 -26.34 2.97 13.56
N VAL F 292 -25.91 1.72 13.66
CA VAL F 292 -24.88 1.21 12.76
C VAL F 292 -25.41 0.29 11.66
N LEU F 293 -24.77 0.33 10.50
CA LEU F 293 -25.19 -0.54 9.41
C LEU F 293 -24.75 -1.97 9.66
N LYS F 294 -25.60 -2.91 9.31
CA LYS F 294 -25.33 -4.33 9.52
C LYS F 294 -25.54 -5.11 8.22
N LYS F 295 -25.06 -6.34 8.18
CA LYS F 295 -25.22 -7.17 6.99
C LYS F 295 -26.69 -7.44 6.64
N GLU F 296 -27.03 -7.31 5.37
CA GLU F 296 -28.38 -7.52 4.90
C GLU F 296 -28.47 -8.86 4.18
N PRO F 297 -29.49 -9.66 4.51
CA PRO F 297 -29.65 -10.97 3.89
C PRO F 297 -30.45 -10.92 2.58
N TYR F 298 -30.30 -11.97 1.77
CA TYR F 298 -31.07 -12.07 0.55
C TYR F 298 -32.47 -12.38 1.01
N ILE F 299 -33.47 -11.81 0.36
CA ILE F 299 -34.87 -12.07 0.71
C ILE F 299 -35.51 -12.85 -0.43
N VAL F 300 -35.89 -14.10 -0.15
CA VAL F 300 -36.53 -14.96 -1.14
C VAL F 300 -38.04 -14.98 -0.91
N VAL F 301 -38.79 -14.37 -1.83
CA VAL F 301 -40.25 -14.34 -1.71
C VAL F 301 -40.83 -15.52 -2.43
N LEU F 302 -41.33 -16.48 -1.67
CA LEU F 302 -41.91 -17.69 -2.24
C LEU F 302 -43.42 -17.61 -2.24
N VAL F 303 -44.01 -17.83 -3.41
CA VAL F 303 -45.46 -17.80 -3.57
C VAL F 303 -45.92 -19.11 -4.18
N ASP F 304 -46.67 -19.89 -3.40
CA ASP F 304 -47.19 -21.16 -3.86
C ASP F 304 -48.59 -20.90 -4.41
N GLU F 305 -48.78 -21.20 -5.69
CA GLU F 305 -50.06 -20.98 -6.36
C GLU F 305 -50.48 -19.50 -6.33
N PHE F 306 -49.77 -18.67 -7.09
CA PHE F 306 -50.08 -17.25 -7.13
C PHE F 306 -51.30 -16.99 -7.99
N ALA F 307 -51.84 -18.06 -8.58
CA ALA F 307 -53.04 -17.91 -9.38
C ALA F 307 -54.08 -17.40 -8.38
N ASP F 308 -54.15 -18.02 -7.21
CA ASP F 308 -55.10 -17.59 -6.18
C ASP F 308 -54.86 -16.12 -5.85
N LEU F 309 -53.59 -15.75 -5.78
CA LEU F 309 -53.21 -14.37 -5.47
C LEU F 309 -53.83 -13.41 -6.48
N MET F 310 -53.79 -13.80 -7.75
CA MET F 310 -54.31 -12.99 -8.85
C MET F 310 -55.84 -12.96 -8.87
N MET F 311 -56.45 -14.13 -8.71
CA MET F 311 -57.91 -14.28 -8.72
C MET F 311 -58.62 -13.58 -7.56
N THR F 312 -57.88 -12.83 -6.74
CA THR F 312 -58.49 -12.15 -5.60
C THR F 312 -57.95 -10.74 -5.31
N VAL F 313 -57.01 -10.28 -6.13
CA VAL F 313 -56.44 -8.95 -5.98
C VAL F 313 -56.02 -8.47 -7.37
N GLY F 314 -55.99 -9.40 -8.32
CA GLY F 314 -55.63 -9.09 -9.69
C GLY F 314 -54.68 -7.94 -9.94
N LYS F 315 -55.11 -7.03 -10.82
CA LYS F 315 -54.35 -5.86 -11.23
C LYS F 315 -53.40 -5.27 -10.20
N LYS F 316 -53.79 -5.30 -8.93
CA LYS F 316 -52.94 -4.76 -7.87
C LYS F 316 -51.67 -5.62 -7.72
N VAL F 317 -51.83 -6.93 -7.71
CA VAL F 317 -50.71 -7.85 -7.57
C VAL F 317 -49.74 -7.76 -8.76
N GLU F 318 -50.26 -7.92 -9.98
CA GLU F 318 -49.41 -7.83 -11.16
C GLU F 318 -48.60 -6.53 -11.09
N GLU F 319 -49.29 -5.44 -10.77
CA GLU F 319 -48.67 -4.14 -10.65
C GLU F 319 -47.45 -4.20 -9.73
N LEU F 320 -47.61 -4.82 -8.56
CA LEU F 320 -46.54 -4.95 -7.59
C LEU F 320 -45.43 -5.91 -8.03
N ILE F 321 -45.82 -7.07 -8.52
CA ILE F 321 -44.86 -8.05 -8.94
C ILE F 321 -43.95 -7.44 -10.00
N ALA F 322 -44.56 -6.81 -10.99
CA ALA F 322 -43.83 -6.16 -12.09
C ALA F 322 -42.76 -5.20 -11.56
N ARG F 323 -43.14 -4.29 -10.68
CA ARG F 323 -42.16 -3.36 -10.14
C ARG F 323 -41.02 -4.09 -9.45
N LEU F 324 -41.34 -5.09 -8.64
CA LEU F 324 -40.33 -5.85 -7.92
C LEU F 324 -39.39 -6.60 -8.84
N ALA F 325 -39.96 -7.39 -9.74
CA ALA F 325 -39.13 -8.15 -10.66
C ALA F 325 -38.19 -7.25 -11.47
N GLN F 326 -38.58 -6.01 -11.70
CA GLN F 326 -37.75 -5.09 -12.47
C GLN F 326 -36.44 -4.68 -11.80
N LYS F 327 -36.52 -4.16 -10.56
CA LYS F 327 -35.30 -3.70 -9.88
C LYS F 327 -34.90 -4.37 -8.57
N ALA F 328 -35.42 -5.56 -8.28
CA ALA F 328 -35.11 -6.21 -7.01
C ALA F 328 -33.80 -7.00 -6.97
N ARG F 329 -33.29 -7.38 -8.14
CA ARG F 329 -32.04 -8.16 -8.19
C ARG F 329 -30.89 -7.55 -7.42
N ALA F 330 -30.37 -6.45 -7.93
CA ALA F 330 -29.25 -5.79 -7.29
C ALA F 330 -29.46 -5.60 -5.78
N ALA F 331 -30.72 -5.46 -5.36
CA ALA F 331 -31.05 -5.26 -3.95
C ALA F 331 -31.06 -6.57 -3.15
N GLY F 332 -30.96 -7.70 -3.85
CA GLY F 332 -30.96 -8.98 -3.17
C GLY F 332 -32.32 -9.55 -2.83
N ILE F 333 -33.33 -9.17 -3.59
CA ILE F 333 -34.69 -9.67 -3.36
C ILE F 333 -35.10 -10.53 -4.55
N HIS F 334 -35.50 -11.77 -4.29
CA HIS F 334 -35.86 -12.66 -5.39
C HIS F 334 -37.23 -13.33 -5.30
N LEU F 335 -37.92 -13.31 -6.44
CA LEU F 335 -39.26 -13.88 -6.55
C LEU F 335 -39.30 -15.29 -7.13
N VAL F 336 -40.17 -16.12 -6.57
CA VAL F 336 -40.36 -17.48 -7.06
C VAL F 336 -41.88 -17.64 -7.06
N LEU F 337 -42.47 -17.69 -8.24
CA LEU F 337 -43.92 -17.81 -8.38
C LEU F 337 -44.31 -19.16 -8.92
N ALA F 338 -45.00 -19.95 -8.10
CA ALA F 338 -45.45 -21.28 -8.52
C ALA F 338 -46.94 -21.27 -8.84
N THR F 339 -47.36 -22.19 -9.70
CA THR F 339 -48.79 -22.27 -10.05
C THR F 339 -49.11 -23.57 -10.78
N GLN F 340 -50.27 -24.13 -10.47
CA GLN F 340 -50.68 -25.35 -11.15
C GLN F 340 -51.87 -25.14 -12.03
N ARG F 341 -52.06 -23.88 -12.42
CA ARG F 341 -53.13 -23.48 -13.33
C ARG F 341 -52.48 -22.56 -14.37
N PRO F 342 -51.65 -23.13 -15.25
CA PRO F 342 -50.97 -22.37 -16.29
C PRO F 342 -51.95 -21.81 -17.31
N SER F 343 -52.57 -20.67 -17.00
CA SER F 343 -53.52 -20.07 -17.92
C SER F 343 -53.06 -18.67 -18.29
N VAL F 344 -53.49 -18.18 -19.45
CA VAL F 344 -53.10 -16.83 -19.89
C VAL F 344 -53.63 -15.80 -18.89
N ASP F 345 -54.54 -16.25 -18.03
CA ASP F 345 -55.14 -15.41 -16.99
C ASP F 345 -54.19 -15.25 -15.81
N VAL F 346 -53.45 -16.32 -15.51
CA VAL F 346 -52.50 -16.32 -14.41
C VAL F 346 -51.15 -15.82 -14.93
N ILE F 347 -50.59 -16.57 -15.88
CA ILE F 347 -49.31 -16.21 -16.47
C ILE F 347 -49.54 -15.12 -17.50
N THR F 348 -49.95 -13.94 -17.04
CA THR F 348 -50.23 -12.82 -17.91
C THR F 348 -49.00 -12.17 -18.51
N GLY F 349 -49.22 -11.24 -19.43
CA GLY F 349 -48.13 -10.54 -20.10
C GLY F 349 -47.19 -9.80 -19.16
N LEU F 350 -47.74 -9.11 -18.17
CA LEU F 350 -46.89 -8.38 -17.23
C LEU F 350 -46.06 -9.36 -16.42
N ILE F 351 -46.67 -10.48 -16.03
CA ILE F 351 -45.95 -11.47 -15.27
C ILE F 351 -44.75 -11.93 -16.10
N LYS F 352 -45.04 -12.50 -17.27
CA LYS F 352 -44.00 -13.02 -18.16
C LYS F 352 -42.92 -11.98 -18.47
N ALA F 353 -43.35 -10.77 -18.77
CA ALA F 353 -42.42 -9.71 -19.10
C ALA F 353 -41.38 -9.45 -18.02
N ASN F 354 -41.72 -9.76 -16.78
CA ASN F 354 -40.80 -9.50 -15.69
C ASN F 354 -39.98 -10.70 -15.18
N ILE F 355 -40.56 -11.89 -15.21
CA ILE F 355 -39.84 -13.08 -14.74
C ILE F 355 -39.21 -13.81 -15.93
N PRO F 356 -37.91 -13.58 -16.17
CA PRO F 356 -37.15 -14.19 -17.27
C PRO F 356 -36.95 -15.71 -17.18
N THR F 357 -36.63 -16.22 -15.99
CA THR F 357 -36.45 -17.65 -15.87
C THR F 357 -37.77 -18.37 -15.62
N ARG F 358 -37.96 -19.48 -16.33
CA ARG F 358 -39.20 -20.25 -16.20
C ARG F 358 -38.96 -21.75 -16.21
N ILE F 359 -39.68 -22.46 -15.35
CA ILE F 359 -39.58 -23.92 -15.27
C ILE F 359 -40.97 -24.50 -15.47
N ALA F 360 -41.11 -25.39 -16.45
CA ALA F 360 -42.41 -25.97 -16.70
C ALA F 360 -42.39 -27.47 -16.50
N PHE F 361 -43.10 -27.94 -15.49
CA PHE F 361 -43.16 -29.37 -15.27
C PHE F 361 -44.22 -29.86 -16.27
N THR F 362 -44.42 -31.18 -16.34
CA THR F 362 -45.38 -31.72 -17.29
C THR F 362 -46.72 -30.99 -17.27
N VAL F 363 -47.18 -30.58 -18.45
CA VAL F 363 -48.45 -29.90 -18.59
C VAL F 363 -49.36 -30.77 -19.45
N SER F 364 -50.64 -30.43 -19.49
CA SER F 364 -51.62 -31.21 -20.25
C SER F 364 -51.73 -30.94 -21.75
N SER F 365 -51.60 -29.68 -22.15
CA SER F 365 -51.69 -29.33 -23.57
C SER F 365 -50.52 -28.49 -24.03
N LYS F 366 -50.50 -28.15 -25.32
CA LYS F 366 -49.42 -27.34 -25.86
C LYS F 366 -49.62 -25.86 -25.56
N ILE F 367 -50.87 -25.41 -25.51
CA ILE F 367 -51.12 -24.01 -25.24
C ILE F 367 -50.69 -23.69 -23.81
N ASP F 368 -50.73 -24.69 -22.94
CA ASP F 368 -50.30 -24.48 -21.55
C ASP F 368 -48.78 -24.35 -21.54
N SER F 369 -48.09 -25.20 -22.30
CA SER F 369 -46.64 -25.14 -22.35
C SER F 369 -46.18 -23.81 -22.93
N ARG F 370 -46.82 -23.39 -24.03
CA ARG F 370 -46.49 -22.12 -24.66
C ARG F 370 -46.75 -20.96 -23.70
N THR F 371 -47.78 -21.10 -22.87
CA THR F 371 -48.09 -20.06 -21.91
C THR F 371 -46.93 -19.95 -20.92
N ILE F 372 -46.34 -21.08 -20.56
CA ILE F 372 -45.23 -21.09 -19.60
C ILE F 372 -43.89 -20.75 -20.23
N LEU F 373 -43.53 -21.44 -21.32
CA LEU F 373 -42.23 -21.23 -21.97
C LEU F 373 -42.29 -20.48 -23.31
N ASP F 374 -43.49 -20.11 -23.76
CA ASP F 374 -43.61 -19.43 -25.05
C ASP F 374 -43.02 -20.38 -26.08
N GLN F 375 -43.34 -21.66 -25.90
CA GLN F 375 -42.86 -22.74 -26.75
C GLN F 375 -43.43 -24.07 -26.24
N ALA F 376 -43.66 -25.01 -27.14
CA ALA F 376 -44.20 -26.31 -26.75
C ALA F 376 -43.10 -27.21 -26.22
N GLY F 377 -43.48 -28.37 -25.70
CA GLY F 377 -42.50 -29.31 -25.17
C GLY F 377 -42.85 -29.87 -23.81
N ALA F 378 -43.38 -29.03 -22.93
CA ALA F 378 -43.74 -29.44 -21.57
C ALA F 378 -44.82 -30.51 -21.55
N GLU F 379 -45.72 -30.48 -22.53
CA GLU F 379 -46.78 -31.47 -22.59
C GLU F 379 -46.27 -32.81 -23.12
N SER F 380 -44.96 -32.94 -23.22
CA SER F 380 -44.36 -34.17 -23.70
C SER F 380 -43.46 -34.75 -22.63
N LEU F 381 -43.64 -34.29 -21.41
CA LEU F 381 -42.83 -34.75 -20.29
C LEU F 381 -43.43 -35.97 -19.58
N LEU F 382 -42.57 -36.75 -18.92
CA LEU F 382 -42.99 -37.97 -18.25
C LEU F 382 -43.36 -37.81 -16.78
N GLY F 383 -43.80 -36.62 -16.40
CA GLY F 383 -44.18 -36.36 -15.02
C GLY F 383 -43.12 -36.69 -13.99
N MET F 384 -43.52 -36.69 -12.71
CA MET F 384 -42.63 -36.98 -11.60
C MET F 384 -41.35 -36.16 -11.58
N GLY F 385 -41.47 -34.86 -11.81
CA GLY F 385 -40.30 -34.01 -11.79
C GLY F 385 -39.63 -33.73 -13.12
N ASP F 386 -40.07 -34.43 -14.16
CA ASP F 386 -39.53 -34.21 -15.50
C ASP F 386 -39.86 -32.75 -15.79
N MET F 387 -38.87 -31.97 -16.21
CA MET F 387 -39.12 -30.55 -16.45
C MET F 387 -38.32 -29.93 -17.58
N LEU F 388 -38.76 -28.75 -17.97
CA LEU F 388 -38.11 -27.97 -19.01
C LEU F 388 -37.72 -26.62 -18.43
N TYR F 389 -36.42 -26.43 -18.25
CA TYR F 389 -35.88 -25.19 -17.68
C TYR F 389 -35.59 -24.18 -18.78
N SER F 390 -36.07 -22.95 -18.62
CA SER F 390 -35.82 -21.92 -19.63
C SER F 390 -35.18 -20.68 -19.00
N GLY F 391 -33.87 -20.54 -19.17
CA GLY F 391 -33.15 -19.40 -18.62
C GLY F 391 -33.40 -18.12 -19.41
N PRO F 392 -32.90 -16.97 -18.93
CA PRO F 392 -33.07 -15.67 -19.60
C PRO F 392 -32.04 -15.38 -20.70
N ASN F 393 -30.88 -16.01 -20.58
CA ASN F 393 -29.79 -15.82 -21.52
C ASN F 393 -29.76 -16.86 -22.63
N SER F 394 -30.91 -17.39 -22.99
CA SER F 394 -31.01 -18.39 -24.06
C SER F 394 -32.47 -18.68 -24.42
N THR F 395 -32.72 -18.91 -25.70
CA THR F 395 -34.07 -19.20 -26.18
C THR F 395 -34.34 -20.69 -26.22
N LEU F 396 -33.29 -21.48 -26.03
CA LEU F 396 -33.43 -22.93 -26.05
C LEU F 396 -33.65 -23.46 -24.62
N PRO F 397 -34.76 -24.18 -24.40
CA PRO F 397 -35.03 -24.74 -23.07
C PRO F 397 -34.20 -26.00 -22.83
N VAL F 398 -33.83 -26.24 -21.58
CA VAL F 398 -33.04 -27.40 -21.20
C VAL F 398 -33.87 -28.36 -20.35
N ARG F 399 -33.99 -29.59 -20.82
CA ARG F 399 -34.75 -30.58 -20.07
C ARG F 399 -33.97 -30.92 -18.83
N VAL F 400 -34.68 -31.27 -17.77
CA VAL F 400 -34.03 -31.62 -16.52
C VAL F 400 -34.97 -32.51 -15.74
N HIS F 401 -34.44 -33.57 -15.17
CA HIS F 401 -35.25 -34.49 -14.37
C HIS F 401 -35.10 -34.01 -12.94
N GLY F 402 -36.18 -33.45 -12.41
CA GLY F 402 -36.17 -32.91 -11.07
C GLY F 402 -35.83 -33.88 -9.96
N ALA F 403 -35.03 -33.41 -9.00
CA ALA F 403 -34.65 -34.25 -7.88
C ALA F 403 -35.90 -34.58 -7.08
N PHE F 404 -35.89 -35.72 -6.38
CA PHE F 404 -37.03 -36.13 -5.58
C PHE F 404 -36.74 -35.99 -4.10
N VAL F 405 -37.75 -35.55 -3.35
CA VAL F 405 -37.62 -35.39 -1.91
C VAL F 405 -38.93 -35.76 -1.23
N ARG F 406 -38.86 -36.72 -0.32
CA ARG F 406 -40.03 -37.20 0.42
C ARG F 406 -40.57 -36.09 1.28
N ASP F 407 -41.88 -36.07 1.49
CA ASP F 407 -42.49 -35.07 2.34
C ASP F 407 -41.89 -35.17 3.74
N GLN F 408 -41.51 -36.39 4.12
CA GLN F 408 -40.92 -36.65 5.42
C GLN F 408 -39.49 -36.10 5.58
N GLU F 409 -38.77 -35.99 4.48
CA GLU F 409 -37.41 -35.47 4.55
C GLU F 409 -37.50 -33.97 4.82
N VAL F 410 -38.53 -33.34 4.29
CA VAL F 410 -38.73 -31.91 4.48
C VAL F 410 -39.01 -31.67 5.96
N HIS F 411 -39.75 -32.57 6.58
CA HIS F 411 -40.05 -32.45 8.00
C HIS F 411 -38.78 -32.62 8.82
N ALA F 412 -37.92 -33.53 8.38
CA ALA F 412 -36.67 -33.77 9.09
C ALA F 412 -35.78 -32.53 9.08
N VAL F 413 -35.58 -31.95 7.89
CA VAL F 413 -34.75 -30.76 7.79
C VAL F 413 -35.41 -29.59 8.53
N VAL F 414 -36.70 -29.38 8.35
CA VAL F 414 -37.36 -28.29 9.05
C VAL F 414 -37.19 -28.47 10.56
N GLN F 415 -37.42 -29.68 11.05
CA GLN F 415 -37.28 -29.95 12.47
C GLN F 415 -35.87 -29.70 12.95
N ASP F 416 -34.91 -30.20 12.18
CA ASP F 416 -33.49 -30.02 12.51
C ASP F 416 -33.14 -28.54 12.65
N TRP F 417 -33.67 -27.71 11.75
CA TRP F 417 -33.42 -26.27 11.78
C TRP F 417 -34.15 -25.58 12.94
N LYS F 418 -35.37 -26.00 13.23
CA LYS F 418 -36.15 -25.40 14.32
C LYS F 418 -35.45 -25.58 15.67
N ALA F 419 -34.65 -26.63 15.77
CA ALA F 419 -33.91 -26.94 16.99
C ALA F 419 -32.84 -25.86 17.25
N ARG F 420 -32.34 -25.24 16.20
CA ARG F 420 -31.30 -24.22 16.33
C ARG F 420 -31.80 -22.85 16.74
N GLY F 421 -33.11 -22.64 16.71
CA GLY F 421 -33.62 -21.34 17.11
C GLY F 421 -34.88 -20.97 16.38
N ARG F 422 -35.61 -20.00 16.92
CA ARG F 422 -36.85 -19.56 16.30
C ARG F 422 -36.70 -18.24 15.54
N PRO F 423 -37.51 -18.08 14.48
CA PRO F 423 -37.48 -16.87 13.66
C PRO F 423 -37.62 -15.56 14.41
N GLN F 424 -36.82 -14.58 14.02
CA GLN F 424 -36.84 -13.26 14.62
C GLN F 424 -37.65 -12.43 13.63
N TYR F 425 -38.97 -12.62 13.67
CA TYR F 425 -39.91 -11.97 12.79
C TYR F 425 -39.77 -10.47 12.66
N VAL F 426 -39.98 -9.97 11.45
CA VAL F 426 -39.92 -8.53 11.23
C VAL F 426 -41.34 -8.00 11.25
N ASP F 427 -41.52 -6.92 12.00
CA ASP F 427 -42.80 -6.27 12.18
C ASP F 427 -43.28 -5.44 10.99
N GLY F 428 -44.59 -5.46 10.78
CA GLY F 428 -45.20 -4.67 9.73
C GLY F 428 -45.19 -5.20 8.33
N ILE F 429 -44.58 -6.35 8.07
CA ILE F 429 -44.56 -6.85 6.71
C ILE F 429 -45.96 -7.05 6.16
N THR F 430 -46.85 -7.57 6.99
CA THR F 430 -48.21 -7.83 6.57
C THR F 430 -49.22 -6.70 6.79
N SER F 431 -48.89 -5.75 7.66
CA SER F 431 -49.81 -4.66 7.91
C SER F 431 -49.41 -3.42 7.11
N ASP F 432 -48.32 -2.88 7.39
#